data_4I0P
#
_entry.id   4I0P
#
_cell.length_a   83.260
_cell.length_b   147.100
_cell.length_c   95.959
_cell.angle_alpha   90.00
_cell.angle_beta   106.49
_cell.angle_gamma   90.00
#
_symmetry.space_group_name_H-M   'P 1 21 1'
#
loop_
_entity.id
_entity.type
_entity.pdbx_description
1 polymer 'HLA-DMA protein'
2 polymer 'HLA class II histocompatibility antigen, DM beta chain'
3 polymer 'HLA class II histocompatibility antigen, DO alpha chain'
4 polymer 'HLA class II histocompatibility antigen, DO beta chain'
5 non-polymer 2-acetamido-2-deoxy-beta-D-glucopyranose
6 non-polymer GLYCEROL
7 non-polymer 'TRIETHYLENE GLYCOL'
8 non-polymer 'ACETATE ION'
9 water water
#
loop_
_entity_poly.entity_id
_entity_poly.type
_entity_poly.pdbx_seq_one_letter_code
_entity_poly.pdbx_strand_id
1 'polypeptide(L)'
;LQNHTFLHTVYCQDGSPSVGLSEAYDEDQLFFFDFSQNTRVPRLPEFADWAQEQGDAPAILFDKEFCEWMIQQIGPKLDG
KIPVSRGFPIAEVFTLKPLEFGKPNTLVCFVSNLFPPMLTVNWQHHSVPVEGFGPTFVSAVDGLSFQAFSYLNFTPEPSD
IFSCIVTHEIDRYTAIAYWVPRNALPSD
;
A,E
2 'polypeptide(L)'
;FVAHVESTCLLDDAGTPKDFTYCISFNKDLLTCWDPEENKMAPCEFGVLNSLANVLSQHLNQKDTLMQRLRNGLQNCATH
TQPFWGSLTNRTRPPSVQVAKTTPFNTREPVMLACYVWGFYPAEVTITWRKNGKLVMPHSSAHKTAQPNGDWTYQTLSHL
ALTPSYGDTYTCVVEHIGAPEPILRDWTPGL
;
B,F
3 'polypeptide(L)'
;KADHMGSYGPAFYQSYGASGQFTHEFDEEQLFSVDLKKSEAVWRLPEFGDFARFDPQGGLAGIAAIKAHLDILVERSNRS
RAINVPPRVTVLPKSRVELGQPNILICIVDNIFPPVINITWLRNGQTVTEGVAQTSFYSQPDHLFRKFHYLPFVPSAEDV
YDCQVEHWGLDAPLLRHWELQ
;
C,G
4 'polypeptide(L)'
;PEDFVIQAKADCYFTNGTEKVQFVVRFIFNLEEYVRFDSDVGMFVALTKLGQPDAEQWNSRLDLLERSRQAVDGVCRHNY
RLGAPFTVGRKVQPEVTVYPERTPLLHQHNLLHCSVTGFYPGDIKIKWFLNGQEERAGVMSTGPIRNGDWTFQTVVMLEM
TPELGHVYTCLVDHSSLLSPVSVEWRAQS
;
D,H
#
loop_
_chem_comp.id
_chem_comp.type
_chem_comp.name
_chem_comp.formula
ACT non-polymer 'ACETATE ION' 'C2 H3 O2 -1'
GOL non-polymer GLYCEROL 'C3 H8 O3'
NAG D-saccharide, beta linking 2-acetamido-2-deoxy-beta-D-glucopyranose 'C8 H15 N O6'
PGE non-polymer 'TRIETHYLENE GLYCOL' 'C6 H14 O4'
#
# COMPACT_ATOMS: atom_id res chain seq x y z
N LEU A 1 33.89 32.63 39.59
CA LEU A 1 33.37 33.87 39.02
C LEU A 1 32.90 33.61 37.59
N GLN A 2 31.68 33.10 37.46
CA GLN A 2 31.15 32.65 36.18
C GLN A 2 31.10 33.77 35.12
N ASN A 3 31.01 33.36 33.85
CA ASN A 3 30.98 34.30 32.74
C ASN A 3 29.55 34.53 32.27
N HIS A 4 29.29 35.73 31.76
CA HIS A 4 28.01 36.06 31.15
C HIS A 4 28.24 36.64 29.76
N THR A 5 27.25 36.45 28.88
CA THR A 5 27.37 36.88 27.50
C THR A 5 26.52 38.11 27.20
N PHE A 6 27.15 39.16 26.71
CA PHE A 6 26.44 40.32 26.20
C PHE A 6 26.53 40.28 24.68
N LEU A 7 25.38 40.14 24.02
CA LEU A 7 25.36 39.97 22.57
C LEU A 7 24.80 41.22 21.90
N HIS A 8 25.61 41.81 21.03
CA HIS A 8 25.21 42.98 20.27
C HIS A 8 25.13 42.59 18.79
N THR A 9 23.91 42.43 18.30
CA THR A 9 23.68 41.88 16.96
C THR A 9 22.95 42.86 16.06
N VAL A 10 23.67 43.44 15.11
CA VAL A 10 23.05 44.26 14.08
C VAL A 10 22.82 43.39 12.85
N TYR A 11 21.59 43.45 12.33
CA TYR A 11 21.23 42.67 11.17
C TYR A 11 20.38 43.52 10.23
N CYS A 12 20.51 43.26 8.93
CA CYS A 12 19.71 43.96 7.93
C CYS A 12 19.39 42.99 6.80
N GLN A 13 18.37 43.31 6.01
CA GLN A 13 17.84 42.35 5.05
C GLN A 13 17.02 43.01 3.94
N ASP A 14 16.82 42.27 2.85
CA ASP A 14 15.93 42.71 1.78
C ASP A 14 14.51 42.68 2.31
N GLY A 15 13.79 43.78 2.09
CA GLY A 15 12.43 43.91 2.58
C GLY A 15 12.41 44.59 3.93
N SER A 16 11.25 44.59 4.58
CA SER A 16 11.08 45.26 5.86
C SER A 16 11.03 44.26 7.01
N PRO A 17 11.66 44.60 8.15
CA PRO A 17 12.47 45.80 8.38
C PRO A 17 13.83 45.70 7.71
N SER A 18 14.24 46.77 7.02
CA SER A 18 15.50 46.76 6.26
C SER A 18 16.72 46.69 7.18
N VAL A 19 16.52 46.96 8.46
CA VAL A 19 17.61 46.90 9.42
C VAL A 19 17.09 46.76 10.84
N GLY A 20 17.92 46.21 11.73
CA GLY A 20 17.53 45.99 13.11
C GLY A 20 18.72 45.71 14.00
N LEU A 21 18.58 46.05 15.27
CA LEU A 21 19.64 45.86 16.25
C LEU A 21 19.09 45.25 17.53
N SER A 22 19.72 44.17 18.00
CA SER A 22 19.28 43.49 19.21
C SER A 22 20.43 43.23 20.16
N GLU A 23 20.29 43.72 21.39
CA GLU A 23 21.26 43.43 22.45
C GLU A 23 20.65 42.45 23.43
N ALA A 24 21.47 41.59 24.02
CA ALA A 24 20.95 40.56 24.93
C ALA A 24 21.97 40.11 25.96
N TYR A 25 21.52 40.00 27.20
CA TYR A 25 22.36 39.52 28.30
C TYR A 25 22.00 38.06 28.55
N ASP A 26 22.99 37.19 28.45
CA ASP A 26 22.73 35.76 28.31
C ASP A 26 21.74 35.58 27.17
N GLU A 27 20.71 34.76 27.38
CA GLU A 27 19.73 34.49 26.33
C GLU A 27 18.74 35.64 26.11
N ASP A 28 18.35 36.31 27.19
CA ASP A 28 17.20 37.21 27.18
C ASP A 28 17.52 38.62 26.66
N GLN A 29 16.51 39.25 26.06
CA GLN A 29 16.69 40.53 25.37
C GLN A 29 16.60 41.76 26.27
N LEU A 30 17.57 42.67 26.12
CA LEU A 30 17.54 43.94 26.84
C LEU A 30 16.92 45.07 26.02
N PHE A 31 17.44 45.30 24.82
CA PHE A 31 16.95 46.38 23.97
C PHE A 31 16.80 45.94 22.52
N PHE A 32 15.86 46.56 21.82
CA PHE A 32 15.87 46.55 20.35
C PHE A 32 15.88 47.99 19.92
N PHE A 33 16.47 48.27 18.76
CA PHE A 33 16.68 49.65 18.33
C PHE A 33 15.58 50.13 17.38
N ASP A 34 15.05 51.32 17.66
CA ASP A 34 14.15 52.01 16.74
C ASP A 34 14.96 53.04 15.98
N PHE A 35 15.12 52.83 14.68
CA PHE A 35 16.02 53.66 13.88
C PHE A 35 15.37 54.98 13.45
N SER A 36 14.06 54.94 13.21
CA SER A 36 13.34 56.17 12.87
C SER A 36 13.41 57.17 14.01
N GLN A 37 13.47 56.66 15.24
CA GLN A 37 13.60 57.51 16.42
C GLN A 37 15.06 57.60 16.90
N ASN A 38 15.90 56.70 16.40
CA ASN A 38 17.32 56.72 16.71
C ASN A 38 17.60 56.56 18.20
N THR A 39 17.11 55.48 18.78
CA THR A 39 17.31 55.22 20.21
C THR A 39 16.94 53.78 20.60
N ARG A 40 17.51 53.32 21.71
CA ARG A 40 17.23 51.99 22.23
C ARG A 40 15.85 51.93 22.87
N VAL A 41 15.12 50.85 22.58
CA VAL A 41 13.85 50.57 23.23
C VAL A 41 14.04 49.43 24.21
N PRO A 42 13.67 49.66 25.48
CA PRO A 42 13.87 48.61 26.49
C PRO A 42 12.82 47.50 26.38
N ARG A 43 13.24 46.26 26.59
CA ARG A 43 12.33 45.13 26.58
C ARG A 43 11.39 45.21 27.78
N LEU A 44 11.98 45.51 28.94
CA LEU A 44 11.23 45.68 30.18
C LEU A 44 11.40 47.10 30.67
N PRO A 45 10.38 47.63 31.36
CA PRO A 45 10.44 48.97 31.97
C PRO A 45 11.73 49.22 32.74
N GLU A 46 12.19 48.22 33.48
CA GLU A 46 13.32 48.38 34.39
C GLU A 46 14.65 48.67 33.68
N PHE A 47 14.68 48.53 32.36
CA PHE A 47 15.88 48.86 31.59
C PHE A 47 15.83 50.27 31.01
N ALA A 48 14.75 51.00 31.27
CA ALA A 48 14.53 52.31 30.67
C ALA A 48 15.70 53.27 30.86
N ASP A 49 16.30 53.26 32.06
CA ASP A 49 17.33 54.23 32.39
C ASP A 49 18.56 54.19 31.48
N TRP A 50 18.93 53.01 30.99
CA TRP A 50 20.16 52.90 30.21
C TRP A 50 19.90 52.82 28.71
N ALA A 51 18.67 53.14 28.31
CA ALA A 51 18.33 53.20 26.89
C ALA A 51 18.86 54.49 26.29
N GLN A 52 19.20 55.44 27.16
CA GLN A 52 19.61 56.77 26.74
C GLN A 52 21.11 56.79 26.41
N GLU A 53 21.86 55.97 27.15
CA GLU A 53 23.31 55.86 26.98
C GLU A 53 23.70 55.90 25.50
N GLN A 54 24.61 56.82 25.16
CA GLN A 54 24.97 57.06 23.76
C GLN A 54 26.47 56.99 23.54
N GLY A 55 27.14 56.14 24.30
CA GLY A 55 28.59 55.95 24.15
C GLY A 55 29.01 55.48 22.77
N ASP A 56 28.14 54.71 22.11
CA ASP A 56 28.54 54.00 20.89
C ASP A 56 27.76 54.46 19.66
N ALA A 57 27.04 55.57 19.79
CA ALA A 57 26.28 56.14 18.69
C ALA A 57 26.97 55.94 17.35
N PRO A 58 28.25 56.37 17.24
CA PRO A 58 28.98 56.21 15.98
C PRO A 58 29.18 54.76 15.57
N ALA A 59 29.69 53.93 16.48
CA ALA A 59 29.94 52.53 16.19
C ALA A 59 28.73 51.89 15.52
N ILE A 60 27.56 52.09 16.14
CA ILE A 60 26.31 51.54 15.64
C ILE A 60 26.03 52.03 14.22
N LEU A 61 26.08 53.34 14.02
CA LEU A 61 25.85 53.93 12.71
C LEU A 61 26.75 53.27 11.66
N PHE A 62 28.04 53.15 11.98
CA PHE A 62 28.99 52.47 11.09
C PHE A 62 28.48 51.11 10.66
N ASP A 63 28.19 50.26 11.64
CA ASP A 63 27.73 48.92 11.36
C ASP A 63 26.48 48.91 10.49
N LYS A 64 25.44 49.60 10.96
CA LYS A 64 24.20 49.75 10.20
C LYS A 64 24.51 50.04 8.73
N GLU A 65 25.28 51.10 8.50
CA GLU A 65 25.60 51.53 7.13
C GLU A 65 26.34 50.44 6.36
N PHE A 66 27.26 49.76 7.02
CA PHE A 66 28.03 48.69 6.39
C PHE A 66 27.14 47.48 6.10
N CYS A 67 26.43 47.01 7.12
CA CYS A 67 25.52 45.89 6.98
C CYS A 67 24.58 46.15 5.81
N GLU A 68 24.00 47.35 5.77
CA GLU A 68 23.13 47.74 4.66
C GLU A 68 23.88 47.65 3.34
N TRP A 69 25.09 48.20 3.29
CA TRP A 69 25.92 48.14 2.09
C TRP A 69 26.05 46.71 1.56
N MET A 70 26.32 45.78 2.46
CA MET A 70 26.43 44.37 2.09
C MET A 70 25.20 43.90 1.33
N ILE A 71 24.02 44.20 1.85
CA ILE A 71 22.76 43.79 1.22
C ILE A 71 22.54 44.42 -0.15
N GLN A 72 22.84 45.71 -0.27
CA GLN A 72 22.53 46.46 -1.48
C GLN A 72 23.50 46.17 -2.62
N GLN A 73 24.79 46.21 -2.34
CA GLN A 73 25.81 46.05 -3.37
C GLN A 73 26.09 44.58 -3.65
N ILE A 74 26.29 43.81 -2.60
CA ILE A 74 26.38 42.37 -2.72
C ILE A 74 24.99 41.82 -2.51
N GLY A 75 24.61 40.84 -3.31
CA GLY A 75 23.28 40.27 -3.21
C GLY A 75 22.57 40.36 -4.54
N PRO A 76 22.49 41.58 -5.11
CA PRO A 76 22.07 41.67 -6.50
C PRO A 76 23.04 40.93 -7.41
N LYS A 77 24.28 40.80 -6.95
CA LYS A 77 25.30 40.07 -7.69
C LYS A 77 25.19 38.56 -7.48
N LEU A 78 24.85 38.15 -6.26
CA LEU A 78 24.72 36.74 -5.94
C LEU A 78 23.30 36.24 -6.27
N ASP A 79 22.35 37.17 -6.34
CA ASP A 79 21.01 36.87 -6.81
C ASP A 79 21.07 35.80 -7.90
N GLY A 80 20.51 34.63 -7.62
CA GLY A 80 20.41 33.58 -8.61
C GLY A 80 21.65 32.72 -8.74
N LYS A 81 22.81 33.26 -8.38
CA LYS A 81 24.06 32.49 -8.39
C LYS A 81 24.13 31.70 -7.09
N ILE A 82 23.54 32.27 -6.04
CA ILE A 82 23.53 31.65 -4.72
C ILE A 82 22.12 31.66 -4.13
N PRO A 83 21.73 30.57 -3.45
CA PRO A 83 20.35 30.46 -2.98
C PRO A 83 20.16 31.23 -1.68
N VAL A 84 19.05 31.96 -1.59
CA VAL A 84 18.74 32.75 -0.41
C VAL A 84 18.34 31.84 0.74
N SER A 85 19.18 31.81 1.78
CA SER A 85 18.94 30.97 2.94
C SER A 85 17.68 31.39 3.67
N ARG A 86 16.80 30.42 3.94
CA ARG A 86 15.62 30.67 4.75
C ARG A 86 15.24 29.42 5.52
N GLY A 87 14.57 29.61 6.64
CA GLY A 87 14.00 28.49 7.37
C GLY A 87 12.50 28.64 7.41
N PHE A 88 11.80 27.55 7.73
CA PHE A 88 10.38 27.62 7.99
C PHE A 88 10.19 27.69 9.50
N PRO A 89 9.57 28.78 9.99
CA PRO A 89 9.50 29.06 11.42
C PRO A 89 8.69 28.02 12.18
N ILE A 90 9.06 27.81 13.44
CA ILE A 90 8.36 26.84 14.28
C ILE A 90 7.71 27.55 15.45
N ALA A 91 6.41 27.35 15.61
CA ALA A 91 5.66 27.96 16.70
C ALA A 91 5.18 26.91 17.71
N GLU A 92 5.27 27.24 18.99
CA GLU A 92 4.70 26.41 20.05
C GLU A 92 4.11 27.33 21.11
N VAL A 93 2.98 26.92 21.67
CA VAL A 93 2.24 27.78 22.59
C VAL A 93 2.02 27.10 23.94
N PHE A 94 2.32 27.83 25.01
CA PHE A 94 2.24 27.28 26.36
C PHE A 94 1.85 28.37 27.35
N THR A 95 1.30 27.97 28.49
CA THR A 95 0.87 28.93 29.49
C THR A 95 2.07 29.39 30.31
N LEU A 96 2.01 30.63 30.78
CA LEU A 96 3.10 31.22 31.54
C LEU A 96 3.13 30.64 32.94
N LYS A 97 1.95 30.50 33.53
CA LYS A 97 1.80 29.87 34.84
C LYS A 97 0.98 28.60 34.69
N PRO A 98 1.15 27.64 35.64
CA PRO A 98 0.40 26.38 35.60
C PRO A 98 -1.10 26.55 35.41
N LEU A 99 -1.67 25.73 34.53
CA LEU A 99 -3.09 25.79 34.22
C LEU A 99 -3.99 25.54 35.42
N GLU A 100 -4.79 26.55 35.75
CA GLU A 100 -5.90 26.40 36.68
C GLU A 100 -7.09 27.12 36.07
N PHE A 101 -8.23 26.43 35.97
CA PHE A 101 -9.39 27.01 35.31
C PHE A 101 -9.95 28.19 36.10
N GLY A 102 -10.55 29.13 35.40
CA GLY A 102 -11.12 30.31 36.03
C GLY A 102 -10.10 31.26 36.63
N LYS A 103 -8.82 30.97 36.45
CA LYS A 103 -7.76 31.81 37.00
C LYS A 103 -6.95 32.47 35.88
N PRO A 104 -6.87 33.81 35.91
CA PRO A 104 -6.18 34.52 34.82
C PRO A 104 -4.81 33.94 34.55
N ASN A 105 -4.44 33.89 33.28
CA ASN A 105 -3.17 33.32 32.87
C ASN A 105 -2.71 34.02 31.59
N THR A 106 -1.66 33.50 30.96
CA THR A 106 -1.13 34.11 29.76
C THR A 106 -0.56 33.06 28.81
N LEU A 107 -1.03 33.08 27.56
CA LEU A 107 -0.47 32.22 26.53
C LEU A 107 0.75 32.88 25.94
N VAL A 108 1.84 32.11 25.82
CA VAL A 108 3.05 32.57 25.17
C VAL A 108 3.17 31.89 23.83
N CYS A 109 3.38 32.67 22.78
CA CYS A 109 3.66 32.10 21.46
C CYS A 109 5.15 32.28 21.15
N PHE A 110 5.89 31.18 21.24
CA PHE A 110 7.33 31.22 21.03
C PHE A 110 7.71 30.75 19.63
N VAL A 111 8.13 31.69 18.80
CA VAL A 111 8.52 31.39 17.43
C VAL A 111 10.02 31.13 17.38
N SER A 112 10.41 30.04 16.72
CA SER A 112 11.80 29.65 16.65
C SER A 112 12.17 29.25 15.22
N ASN A 113 13.46 29.10 14.96
CA ASN A 113 13.94 28.84 13.61
C ASN A 113 13.42 29.89 12.64
N LEU A 114 13.39 31.13 13.10
CA LEU A 114 12.90 32.23 12.29
C LEU A 114 14.03 32.84 11.48
N PHE A 115 13.93 32.73 10.16
CA PHE A 115 14.94 33.27 9.26
C PHE A 115 14.39 33.26 7.83
N PRO A 116 14.33 34.44 7.19
CA PRO A 116 14.75 35.75 7.69
C PRO A 116 13.84 36.28 8.80
N PRO A 117 14.29 37.33 9.51
CA PRO A 117 13.53 37.91 10.63
C PRO A 117 12.43 38.84 10.13
N MET A 118 11.35 38.25 9.63
CA MET A 118 10.29 39.01 8.98
C MET A 118 8.97 38.30 9.22
N LEU A 119 8.19 38.79 10.17
CA LEU A 119 6.98 38.08 10.56
C LEU A 119 5.93 38.97 11.20
N THR A 120 4.73 38.41 11.32
CA THR A 120 3.64 39.00 12.08
C THR A 120 2.98 37.87 12.84
N VAL A 121 2.41 38.16 14.00
CA VAL A 121 1.81 37.12 14.83
C VAL A 121 0.37 37.47 15.15
N ASN A 122 -0.51 36.48 15.08
CA ASN A 122 -1.92 36.70 15.31
C ASN A 122 -2.53 35.56 16.11
N TRP A 123 -3.42 35.91 17.03
CA TRP A 123 -4.04 34.93 17.92
C TRP A 123 -5.45 34.62 17.45
N GLN A 124 -5.93 33.43 17.79
CA GLN A 124 -7.29 33.03 17.45
C GLN A 124 -7.89 32.18 18.56
N HIS A 125 -9.18 32.40 18.83
CA HIS A 125 -9.92 31.66 19.84
C HIS A 125 -11.03 30.87 19.14
N HIS A 126 -10.93 29.55 19.18
CA HIS A 126 -11.86 28.69 18.45
C HIS A 126 -11.94 29.15 17.00
N SER A 127 -10.78 29.42 16.41
CA SER A 127 -10.69 29.89 15.03
C SER A 127 -11.37 31.24 14.82
N VAL A 128 -11.30 32.10 15.83
CA VAL A 128 -11.85 33.45 15.73
C VAL A 128 -10.78 34.45 16.17
N PRO A 129 -10.49 35.44 15.32
CA PRO A 129 -9.48 36.45 15.65
C PRO A 129 -9.61 37.01 17.06
N VAL A 130 -8.48 37.42 17.63
CA VAL A 130 -8.42 37.94 19.00
C VAL A 130 -7.22 38.87 19.11
N GLU A 131 -7.47 40.09 19.57
CA GLU A 131 -6.40 41.07 19.71
C GLU A 131 -5.40 40.66 20.80
N GLY A 132 -4.13 40.54 20.42
CA GLY A 132 -3.09 40.13 21.33
C GLY A 132 -2.57 41.27 22.19
N PHE A 133 -2.49 41.04 23.49
CA PHE A 133 -1.99 42.05 24.42
C PHE A 133 -0.51 42.35 24.21
N GLY A 134 -0.21 43.57 23.78
CA GLY A 134 1.17 44.00 23.62
C GLY A 134 1.72 43.69 22.25
N PRO A 135 3.01 44.00 22.04
CA PRO A 135 3.68 43.85 20.75
C PRO A 135 4.22 42.44 20.52
N THR A 136 5.06 42.30 19.51
CA THR A 136 5.72 41.03 19.21
C THR A 136 7.23 41.26 19.20
N PHE A 137 7.92 40.67 20.17
CA PHE A 137 9.33 40.94 20.39
C PHE A 137 10.23 39.99 19.61
N VAL A 138 10.82 40.48 18.53
CA VAL A 138 11.77 39.69 17.75
C VAL A 138 13.17 39.84 18.36
N SER A 139 13.96 38.78 18.29
CA SER A 139 15.27 38.75 18.93
C SER A 139 16.22 37.76 18.25
N ALA A 140 17.45 38.20 18.02
CA ALA A 140 18.46 37.35 17.39
C ALA A 140 19.07 36.38 18.39
N VAL A 141 19.48 35.22 17.88
CA VAL A 141 20.10 34.20 18.73
C VAL A 141 21.45 33.76 18.18
N ASP A 142 22.15 32.95 18.96
CA ASP A 142 23.41 32.36 18.52
C ASP A 142 23.13 31.39 17.37
N GLY A 143 23.91 31.51 16.30
CA GLY A 143 23.70 30.70 15.11
C GLY A 143 23.23 31.54 13.94
N LEU A 144 23.13 32.85 14.17
CA LEU A 144 22.67 33.77 13.13
C LEU A 144 21.21 33.53 12.76
N SER A 145 20.45 32.99 13.71
CA SER A 145 19.01 32.82 13.51
C SER A 145 18.28 33.80 14.40
N PHE A 146 16.97 33.64 14.49
CA PHE A 146 16.15 34.54 15.30
C PHE A 146 15.05 33.78 16.00
N GLN A 147 14.40 34.46 16.93
CA GLN A 147 13.24 33.93 17.63
C GLN A 147 12.34 35.11 17.96
N ALA A 148 11.11 34.82 18.36
CA ALA A 148 10.17 35.87 18.70
C ALA A 148 9.22 35.40 19.79
N PHE A 149 8.69 36.35 20.55
CA PHE A 149 7.74 36.05 21.61
C PHE A 149 6.52 36.94 21.46
N SER A 150 5.34 36.37 21.63
CA SER A 150 4.12 37.14 21.69
C SER A 150 3.25 36.59 22.81
N TYR A 151 2.51 37.47 23.47
CA TYR A 151 1.74 37.07 24.64
C TYR A 151 0.27 37.41 24.48
N LEU A 152 -0.58 36.63 25.14
CA LEU A 152 -2.01 36.88 25.15
C LEU A 152 -2.55 36.60 26.55
N ASN A 153 -3.17 37.61 27.16
CA ASN A 153 -3.78 37.43 28.47
C ASN A 153 -5.16 36.80 28.32
N PHE A 154 -5.47 35.81 29.16
CA PHE A 154 -6.74 35.11 29.08
C PHE A 154 -7.01 34.35 30.37
N THR A 155 -8.28 33.96 30.57
CA THR A 155 -8.66 33.16 31.71
C THR A 155 -9.17 31.81 31.21
N PRO A 156 -8.36 30.75 31.37
CA PRO A 156 -8.59 29.44 30.77
C PRO A 156 -9.87 28.77 31.26
N GLU A 157 -10.56 28.11 30.33
CA GLU A 157 -11.79 27.38 30.64
C GLU A 157 -11.83 26.06 29.87
N PRO A 158 -12.38 25.01 30.49
CA PRO A 158 -12.39 23.63 29.99
C PRO A 158 -12.52 23.49 28.47
N SER A 159 -13.52 24.14 27.89
CA SER A 159 -13.84 23.96 26.48
C SER A 159 -12.88 24.69 25.53
N ASP A 160 -12.04 25.56 26.09
CA ASP A 160 -11.16 26.43 25.29
C ASP A 160 -10.26 25.67 24.34
N ILE A 161 -10.11 26.23 23.14
CA ILE A 161 -8.99 25.91 22.26
C ILE A 161 -8.49 27.20 21.63
N PHE A 162 -7.18 27.39 21.65
CA PHE A 162 -6.56 28.59 21.08
C PHE A 162 -5.61 28.19 19.97
N SER A 163 -5.25 29.16 19.13
CA SER A 163 -4.25 28.92 18.10
C SER A 163 -3.43 30.18 17.88
N CYS A 164 -2.14 29.98 17.60
CA CYS A 164 -1.25 31.07 17.28
C CYS A 164 -0.85 30.93 15.82
N ILE A 165 -0.91 32.04 15.09
CA ILE A 165 -0.73 31.99 13.64
C ILE A 165 0.38 32.94 13.18
N VAL A 166 1.49 32.36 12.73
CA VAL A 166 2.65 33.12 12.32
C VAL A 166 2.73 33.22 10.81
N THR A 167 2.88 34.44 10.31
CA THR A 167 2.99 34.66 8.87
C THR A 167 4.39 35.14 8.54
N HIS A 168 5.18 34.26 7.93
CA HIS A 168 6.51 34.64 7.49
C HIS A 168 6.33 35.53 6.25
N GLU A 169 6.70 36.80 6.38
CA GLU A 169 6.25 37.81 5.43
C GLU A 169 6.92 37.72 4.05
N ILE A 170 7.92 36.85 3.91
CA ILE A 170 8.43 36.52 2.59
C ILE A 170 7.62 35.37 2.00
N ASP A 171 6.73 35.69 1.07
CA ASP A 171 5.84 34.71 0.44
C ASP A 171 4.62 34.38 1.31
N ARG A 172 4.52 35.04 2.47
CA ARG A 172 3.37 34.89 3.35
C ARG A 172 3.07 33.45 3.76
N TYR A 173 4.11 32.68 4.03
CA TYR A 173 3.97 31.32 4.52
C TYR A 173 3.38 31.34 5.93
N THR A 174 2.40 30.49 6.18
CA THR A 174 1.74 30.45 7.49
C THR A 174 2.17 29.24 8.32
N ALA A 175 2.37 29.47 9.61
CA ALA A 175 2.81 28.42 10.53
C ALA A 175 2.00 28.54 11.82
N ILE A 176 1.28 27.48 12.18
CA ILE A 176 0.35 27.54 13.31
C ILE A 176 0.77 26.70 14.51
N ALA A 177 0.08 26.93 15.64
CA ALA A 177 0.29 26.15 16.86
C ALA A 177 -0.97 26.20 17.72
N TYR A 178 -1.56 25.04 18.01
CA TYR A 178 -2.76 24.98 18.82
C TYR A 178 -2.46 24.84 20.31
N TRP A 179 -3.39 25.27 21.14
CA TRP A 179 -3.30 25.09 22.59
C TRP A 179 -4.64 24.65 23.16
N VAL A 180 -4.61 23.71 24.09
CA VAL A 180 -5.81 23.30 24.80
C VAL A 180 -5.47 22.96 26.26
N PRO A 181 -6.48 22.97 27.14
CA PRO A 181 -6.28 22.57 28.53
C PRO A 181 -5.76 21.14 28.62
N ARG A 182 -4.59 20.96 29.22
CA ARG A 182 -4.02 19.63 29.41
C ARG A 182 -3.52 19.48 30.84
N ASN A 183 -4.06 18.49 31.54
CA ASN A 183 -3.67 18.21 32.92
C ASN A 183 -3.69 19.45 33.79
N ALA A 184 -4.87 20.02 33.97
CA ALA A 184 -5.02 21.23 34.78
C ALA A 184 -4.77 20.88 36.25
N LEU A 185 -4.31 21.88 37.01
CA LEU A 185 -4.03 21.69 38.42
C LEU A 185 -5.26 21.99 39.27
N PRO A 186 -5.46 21.23 40.35
CA PRO A 186 -6.51 21.53 41.32
C PRO A 186 -6.22 22.83 42.05
N SER A 187 -7.24 23.50 42.55
CA SER A 187 -7.06 24.80 43.19
C SER A 187 -7.05 24.69 44.71
N ASP A 188 -5.96 25.14 45.32
CA ASP A 188 -5.79 25.11 46.76
C ASP A 188 -4.72 26.10 47.21
N PHE B 1 17.99 38.06 1.33
CA PHE B 1 19.35 38.06 1.85
C PHE B 1 19.44 38.79 3.19
N VAL B 2 20.08 38.16 4.16
CA VAL B 2 20.26 38.76 5.47
C VAL B 2 21.76 38.81 5.80
N ALA B 3 22.18 39.91 6.43
CA ALA B 3 23.59 40.06 6.82
C ALA B 3 23.68 40.43 8.29
N HIS B 4 24.80 40.06 8.93
CA HIS B 4 25.00 40.36 10.33
C HIS B 4 26.32 41.07 10.53
N VAL B 5 26.40 41.88 11.59
CA VAL B 5 27.69 42.21 12.20
C VAL B 5 27.47 42.05 13.69
N GLU B 6 28.02 40.97 14.25
CA GLU B 6 27.72 40.59 15.61
C GLU B 6 28.90 40.90 16.53
N SER B 7 28.70 41.87 17.41
CA SER B 7 29.66 42.13 18.46
C SER B 7 29.20 41.34 19.68
N THR B 8 30.10 40.59 20.28
CA THR B 8 29.76 39.80 21.45
C THR B 8 30.84 39.93 22.49
N CYS B 9 30.46 40.48 23.65
CA CYS B 9 31.38 40.66 24.76
C CYS B 9 31.13 39.59 25.82
N LEU B 10 32.21 39.05 26.37
CA LEU B 10 32.10 38.07 27.45
C LEU B 10 32.73 38.64 28.71
N LEU B 11 31.92 38.83 29.75
CA LEU B 11 32.39 39.42 31.00
C LEU B 11 31.86 38.61 32.19
N ASP B 12 32.62 38.60 33.29
CA ASP B 12 32.18 37.90 34.49
C ASP B 12 31.31 38.78 35.37
N ASP B 13 30.86 38.23 36.50
CA ASP B 13 30.01 38.96 37.43
C ASP B 13 30.64 40.28 37.87
N ALA B 14 31.97 40.27 38.01
CA ALA B 14 32.69 41.44 38.49
C ALA B 14 32.63 42.60 37.51
N GLY B 15 32.48 42.27 36.23
CA GLY B 15 32.46 43.27 35.17
C GLY B 15 33.79 43.35 34.44
N THR B 16 34.66 42.38 34.66
CA THR B 16 35.97 42.35 34.04
C THR B 16 35.94 41.54 32.74
N PRO B 17 36.13 42.23 31.60
CA PRO B 17 35.99 41.61 30.27
C PRO B 17 37.01 40.49 30.03
N LYS B 18 36.51 39.35 29.55
CA LYS B 18 37.35 38.16 29.36
C LYS B 18 37.54 37.84 27.88
N ASP B 19 36.53 38.15 27.07
CA ASP B 19 36.66 37.96 25.63
C ASP B 19 35.82 38.96 24.85
N PHE B 20 36.23 39.23 23.62
CA PHE B 20 35.49 40.10 22.72
C PHE B 20 35.70 39.63 21.29
N THR B 21 34.60 39.47 20.56
CA THR B 21 34.68 39.06 19.16
C THR B 21 33.76 39.92 18.30
N TYR B 22 34.17 40.12 17.05
CA TYR B 22 33.43 40.95 16.11
C TYR B 22 33.38 40.21 14.77
N CYS B 23 32.19 39.78 14.38
CA CYS B 23 32.05 38.89 13.22
C CYS B 23 31.09 39.43 12.17
N ILE B 24 31.36 39.08 10.91
CA ILE B 24 30.58 39.56 9.77
C ILE B 24 30.03 38.38 8.97
N SER B 25 28.71 38.36 8.79
CA SER B 25 28.05 37.25 8.11
C SER B 25 27.17 37.70 6.95
N PHE B 26 27.01 36.80 5.98
CA PHE B 26 26.11 37.03 4.85
C PHE B 26 25.37 35.73 4.54
N ASN B 27 24.06 35.82 4.37
CA ASN B 27 23.25 34.65 4.03
C ASN B 27 23.44 33.54 5.05
N LYS B 28 23.52 33.92 6.33
CA LYS B 28 23.72 32.99 7.43
C LYS B 28 25.04 32.24 7.34
N ASP B 29 26.00 32.82 6.62
CA ASP B 29 27.33 32.26 6.52
C ASP B 29 28.34 33.18 7.21
N LEU B 30 28.98 32.68 8.25
CA LEU B 30 30.00 33.45 8.96
C LEU B 30 31.21 33.59 8.05
N LEU B 31 31.50 34.82 7.63
CA LEU B 31 32.52 35.06 6.62
C LEU B 31 33.88 35.46 7.20
N THR B 32 33.89 36.42 8.12
CA THR B 32 35.15 36.89 8.70
C THR B 32 34.97 37.42 10.12
N CYS B 33 35.96 37.15 10.96
CA CYS B 33 35.94 37.65 12.34
C CYS B 33 37.23 38.40 12.66
N TRP B 34 37.13 39.36 13.58
CA TRP B 34 38.29 40.10 14.05
C TRP B 34 39.33 39.17 14.65
N ASP B 35 40.59 39.38 14.28
CA ASP B 35 41.68 38.60 14.83
C ASP B 35 42.64 39.57 15.52
N PRO B 36 42.59 39.63 16.86
CA PRO B 36 43.40 40.59 17.62
C PRO B 36 44.90 40.35 17.47
N GLU B 37 45.31 39.10 17.58
CA GLU B 37 46.71 38.73 17.39
C GLU B 37 47.25 39.28 16.08
N GLU B 38 46.38 39.39 15.08
CA GLU B 38 46.78 39.88 13.76
C GLU B 38 46.39 41.35 13.55
N ASN B 39 45.62 41.91 14.48
CA ASN B 39 45.11 43.27 14.36
C ASN B 39 44.50 43.56 12.99
N LYS B 40 43.76 42.59 12.46
CA LYS B 40 42.99 42.79 11.23
C LYS B 40 41.88 41.76 11.09
N MET B 41 40.97 42.00 10.16
CA MET B 41 39.88 41.06 9.87
C MET B 41 40.40 39.87 9.08
N ALA B 42 40.06 38.66 9.54
CA ALA B 42 40.52 37.45 8.89
C ALA B 42 39.35 36.52 8.55
N PRO B 43 39.20 36.18 7.27
CA PRO B 43 38.16 35.26 6.78
C PRO B 43 38.09 33.96 7.58
N CYS B 44 36.88 33.63 8.04
CA CYS B 44 36.63 32.38 8.76
C CYS B 44 36.10 31.31 7.81
N GLU B 45 35.79 31.72 6.58
CA GLU B 45 35.13 30.83 5.62
C GLU B 45 36.03 30.48 4.45
N PHE B 46 36.33 29.19 4.33
CA PHE B 46 37.14 28.69 3.22
C PHE B 46 36.36 27.70 2.37
N GLY B 47 35.37 28.22 1.66
CA GLY B 47 34.49 27.41 0.85
C GLY B 47 34.04 28.19 -0.36
N VAL B 48 32.74 28.13 -0.65
CA VAL B 48 32.19 28.75 -1.85
C VAL B 48 32.32 30.27 -1.77
N LEU B 49 32.06 30.83 -0.59
CA LEU B 49 32.07 32.27 -0.41
C LEU B 49 33.42 32.83 0.02
N ASN B 50 34.41 31.97 0.22
CA ASN B 50 35.73 32.41 0.65
C ASN B 50 36.17 33.66 -0.09
N SER B 51 36.08 33.61 -1.41
CA SER B 51 36.38 34.78 -2.24
C SER B 51 35.81 36.04 -1.62
N LEU B 52 34.51 36.02 -1.33
CA LEU B 52 33.84 37.17 -0.76
C LEU B 52 34.42 37.53 0.61
N ALA B 53 34.61 36.52 1.45
CA ALA B 53 35.11 36.73 2.81
C ALA B 53 36.40 37.54 2.79
N ASN B 54 37.28 37.21 1.85
CA ASN B 54 38.50 37.99 1.67
C ASN B 54 38.15 39.42 1.31
N VAL B 55 37.39 39.58 0.23
CA VAL B 55 36.96 40.91 -0.22
C VAL B 55 36.48 41.79 0.93
N LEU B 56 35.55 41.27 1.74
CA LEU B 56 34.98 42.03 2.83
C LEU B 56 36.03 42.42 3.87
N SER B 57 36.95 41.51 4.13
CA SER B 57 38.02 41.75 5.10
C SER B 57 38.84 42.98 4.68
N GLN B 58 39.20 43.03 3.41
CA GLN B 58 40.01 44.13 2.88
C GLN B 58 39.27 45.46 2.94
N HIS B 59 38.01 45.48 2.48
CA HIS B 59 37.20 46.69 2.52
C HIS B 59 37.14 47.24 3.94
N LEU B 60 37.09 46.33 4.90
CA LEU B 60 37.04 46.70 6.31
C LEU B 60 38.41 47.06 6.83
N ASN B 61 39.45 46.37 6.34
CA ASN B 61 40.80 46.60 6.81
C ASN B 61 41.39 47.95 6.40
N GLN B 62 40.94 48.47 5.27
CA GLN B 62 41.36 49.80 4.84
C GLN B 62 40.62 50.89 5.64
N LYS B 63 39.59 50.49 6.36
CA LYS B 63 38.93 51.40 7.30
C LYS B 63 39.84 51.54 8.51
N ASP B 64 40.02 52.78 8.95
CA ASP B 64 41.04 53.09 9.96
C ASP B 64 40.44 53.26 11.34
N THR B 65 39.36 54.03 11.43
CA THR B 65 38.69 54.26 12.70
C THR B 65 38.24 52.93 13.32
N LEU B 66 37.73 52.05 12.47
CA LEU B 66 37.29 50.72 12.90
C LEU B 66 38.43 49.96 13.57
N MET B 67 39.62 50.03 13.00
CA MET B 67 40.77 49.29 13.50
C MET B 67 41.15 49.66 14.93
N GLN B 68 41.07 50.95 15.25
CA GLN B 68 41.37 51.40 16.60
C GLN B 68 40.23 50.97 17.52
N ARG B 69 39.01 51.24 17.07
CA ARG B 69 37.80 50.76 17.75
C ARG B 69 37.93 49.31 18.21
N LEU B 70 38.28 48.41 17.30
CA LEU B 70 38.37 46.98 17.61
C LEU B 70 39.59 46.62 18.47
N ARG B 71 40.68 47.36 18.30
CA ARG B 71 41.86 47.13 19.11
C ARG B 71 41.61 47.47 20.57
N ASN B 72 40.71 48.43 20.80
CA ASN B 72 40.32 48.81 22.14
C ASN B 72 38.97 48.19 22.51
N GLY B 73 38.46 47.33 21.65
CA GLY B 73 37.15 46.73 21.81
C GLY B 73 36.91 46.13 23.18
N LEU B 74 37.87 45.37 23.68
CA LEU B 74 37.74 44.71 24.97
C LEU B 74 37.38 45.73 26.05
N GLN B 75 37.94 46.93 25.93
CA GLN B 75 37.65 48.01 26.86
C GLN B 75 36.22 48.51 26.70
N ASN B 76 35.85 48.82 25.45
CA ASN B 76 34.50 49.30 25.15
C ASN B 76 33.44 48.51 25.90
N CYS B 77 33.57 47.18 25.87
CA CYS B 77 32.63 46.29 26.55
C CYS B 77 32.44 46.69 28.02
N ALA B 78 33.55 46.78 28.74
CA ALA B 78 33.51 47.15 30.16
C ALA B 78 32.95 48.55 30.36
N THR B 79 33.34 49.47 29.48
CA THR B 79 32.91 50.87 29.56
C THR B 79 31.43 51.02 29.22
N HIS B 80 30.99 50.27 28.21
CA HIS B 80 29.62 50.35 27.72
C HIS B 80 28.64 49.72 28.70
N THR B 81 29.04 48.59 29.28
CA THR B 81 28.18 47.81 30.17
C THR B 81 28.15 48.35 31.60
N GLN B 82 29.17 49.13 31.95
CA GLN B 82 29.40 49.55 33.33
C GLN B 82 28.15 49.80 34.20
N PRO B 83 27.23 50.65 33.73
CA PRO B 83 26.12 51.07 34.61
C PRO B 83 25.14 49.97 35.03
N PHE B 84 24.77 49.09 34.10
CA PHE B 84 23.73 48.09 34.35
C PHE B 84 24.25 46.69 34.69
N TRP B 85 25.46 46.37 34.24
CA TRP B 85 26.02 45.03 34.42
C TRP B 85 25.93 44.50 35.86
N GLY B 86 26.02 45.39 36.84
CA GLY B 86 25.91 45.00 38.23
C GLY B 86 24.48 44.64 38.59
N SER B 87 23.54 45.40 38.05
CA SER B 87 22.11 45.14 38.23
C SER B 87 21.65 43.82 37.64
N LEU B 88 22.23 43.44 36.50
CA LEU B 88 21.84 42.20 35.82
C LEU B 88 22.39 40.98 36.56
N THR B 89 23.64 41.07 36.99
CA THR B 89 24.26 39.99 37.75
C THR B 89 23.64 39.88 39.14
N ASN B 90 22.96 40.94 39.59
CA ASN B 90 22.25 40.90 40.87
C ASN B 90 20.79 40.50 40.69
N ARG B 91 20.34 40.42 39.45
CA ARG B 91 18.92 40.17 39.16
C ARG B 91 18.54 38.71 39.42
N THR B 92 17.57 38.52 40.31
CA THR B 92 17.02 37.19 40.57
C THR B 92 15.56 37.27 41.01
N ARG B 93 14.72 36.43 40.40
CA ARG B 93 13.31 36.35 40.77
C ARG B 93 12.99 35.01 41.42
N PRO B 94 12.15 35.01 42.46
CA PRO B 94 11.86 33.79 43.21
C PRO B 94 10.98 32.85 42.41
N PRO B 95 11.28 31.54 42.45
CA PRO B 95 10.46 30.56 41.73
C PRO B 95 9.20 30.21 42.50
N SER B 96 8.09 30.07 41.79
CA SER B 96 6.88 29.52 42.36
C SER B 96 6.92 28.02 42.14
N VAL B 97 6.36 27.25 43.06
CA VAL B 97 6.47 25.79 43.00
C VAL B 97 5.14 25.13 43.37
N GLN B 98 4.59 24.38 42.43
CA GLN B 98 3.31 23.73 42.63
C GLN B 98 3.37 22.28 42.16
N VAL B 99 2.79 21.37 42.96
CA VAL B 99 2.86 19.94 42.66
C VAL B 99 1.46 19.35 42.51
N ALA B 100 1.27 18.56 41.46
CA ALA B 100 -0.01 17.92 41.21
C ALA B 100 0.18 16.71 40.31
N LYS B 101 -0.85 15.88 40.22
CA LYS B 101 -0.78 14.70 39.37
C LYS B 101 -0.86 15.10 37.91
N THR B 102 -0.41 14.20 37.04
CA THR B 102 -0.49 14.41 35.60
C THR B 102 -0.60 13.04 34.90
N THR B 103 -1.03 13.05 33.65
CA THR B 103 -1.17 11.81 32.89
C THR B 103 0.19 11.14 32.72
N PRO B 104 0.29 9.86 33.11
CA PRO B 104 1.57 9.15 33.02
C PRO B 104 2.03 8.92 31.58
N PHE B 105 3.28 8.52 31.41
CA PHE B 105 3.84 8.30 30.08
C PHE B 105 5.14 7.50 30.17
N ASN B 106 5.31 6.57 29.24
CA ASN B 106 6.47 5.69 29.23
C ASN B 106 6.73 5.06 30.59
N THR B 107 5.69 4.53 31.22
CA THR B 107 5.82 3.92 32.53
C THR B 107 4.70 2.90 32.78
N ARG B 108 5.01 1.89 33.60
CA ARG B 108 4.00 0.92 34.00
C ARG B 108 3.29 1.40 35.26
N GLU B 109 3.72 2.54 35.79
CA GLU B 109 3.13 3.11 36.99
C GLU B 109 1.78 3.74 36.71
N PRO B 110 0.85 3.62 37.68
CA PRO B 110 -0.51 4.15 37.55
C PRO B 110 -0.60 5.64 37.84
N VAL B 111 0.42 6.20 38.49
CA VAL B 111 0.39 7.58 38.93
C VAL B 111 1.66 8.31 38.53
N MET B 112 1.51 9.55 38.07
CA MET B 112 2.64 10.39 37.69
C MET B 112 2.47 11.77 38.32
N LEU B 113 3.47 12.23 39.05
CA LEU B 113 3.45 13.55 39.64
C LEU B 113 4.22 14.52 38.77
N ALA B 114 3.85 15.80 38.85
CA ALA B 114 4.58 16.83 38.15
C ALA B 114 4.91 17.95 39.12
N CYS B 115 6.17 18.34 39.16
CA CYS B 115 6.57 19.49 39.95
C CYS B 115 6.75 20.69 39.03
N TYR B 116 5.80 21.61 39.10
CA TYR B 116 5.82 22.79 38.24
C TYR B 116 6.64 23.89 38.91
N VAL B 117 7.43 24.58 38.10
CA VAL B 117 8.30 25.64 38.61
C VAL B 117 8.35 26.77 37.60
N TRP B 118 7.88 27.95 37.98
CA TRP B 118 7.77 29.07 37.05
C TRP B 118 8.12 30.42 37.68
N GLY B 119 8.16 31.44 36.83
CA GLY B 119 8.36 32.81 37.28
C GLY B 119 9.72 33.09 37.89
N PHE B 120 10.71 32.28 37.54
CA PHE B 120 12.03 32.41 38.16
C PHE B 120 13.12 32.89 37.20
N TYR B 121 14.12 33.56 37.76
CA TYR B 121 15.28 34.02 37.02
C TYR B 121 16.45 34.16 37.99
N PRO B 122 17.67 33.83 37.55
CA PRO B 122 18.05 33.26 36.26
C PRO B 122 17.53 31.84 36.09
N ALA B 123 17.97 31.15 35.05
CA ALA B 123 17.42 29.85 34.71
C ALA B 123 18.01 28.71 35.53
N GLU B 124 19.17 28.95 36.14
CA GLU B 124 19.84 27.91 36.93
C GLU B 124 18.95 27.51 38.11
N VAL B 125 18.47 26.27 38.08
CA VAL B 125 17.61 25.73 39.13
C VAL B 125 17.86 24.24 39.30
N THR B 126 17.55 23.71 40.48
CA THR B 126 17.72 22.27 40.74
C THR B 126 16.46 21.70 41.39
N ILE B 127 16.01 20.55 40.88
CA ILE B 127 14.81 19.91 41.38
C ILE B 127 15.07 18.43 41.68
N THR B 128 14.75 18.01 42.90
CA THR B 128 14.91 16.62 43.30
C THR B 128 13.62 16.13 43.96
N TRP B 129 13.55 14.83 44.25
CA TRP B 129 12.36 14.25 44.85
C TRP B 129 12.64 13.51 46.15
N ARG B 130 11.68 13.55 47.07
CA ARG B 130 11.75 12.81 48.33
C ARG B 130 10.50 11.98 48.54
N LYS B 131 10.68 10.72 48.93
CA LYS B 131 9.56 9.87 49.31
C LYS B 131 9.64 9.55 50.80
N ASN B 132 8.73 10.13 51.57
CA ASN B 132 8.80 10.05 53.03
C ASN B 132 10.16 10.51 53.52
N GLY B 133 10.64 11.62 52.94
CA GLY B 133 11.85 12.26 53.41
C GLY B 133 13.15 11.59 52.99
N LYS B 134 13.10 10.82 51.92
CA LYS B 134 14.29 10.13 51.44
C LYS B 134 14.44 10.24 49.92
N LEU B 135 15.66 10.44 49.47
CA LEU B 135 15.91 10.70 48.06
C LEU B 135 15.45 9.57 47.17
N VAL B 136 15.05 9.92 45.95
CA VAL B 136 14.68 8.94 44.94
C VAL B 136 15.08 9.48 43.57
N MET B 137 15.19 8.59 42.59
CA MET B 137 15.61 9.00 41.25
C MET B 137 14.41 9.32 40.37
N PRO B 138 14.41 10.52 39.76
CA PRO B 138 13.28 10.96 38.92
C PRO B 138 13.08 10.09 37.69
N HIS B 139 11.90 10.19 37.09
CA HIS B 139 11.58 9.47 35.85
C HIS B 139 12.37 10.04 34.68
N LYS B 144 17.18 18.23 31.35
CA LYS B 144 16.27 19.34 31.04
C LYS B 144 16.88 20.70 31.33
N THR B 145 16.55 21.67 30.48
CA THR B 145 16.89 23.07 30.72
C THR B 145 15.60 23.87 30.74
N ALA B 146 15.60 24.95 31.51
CA ALA B 146 14.40 25.76 31.69
C ALA B 146 13.95 26.40 30.39
N GLN B 147 12.64 26.54 30.21
CA GLN B 147 12.09 27.19 29.03
C GLN B 147 11.94 28.68 29.27
N PRO B 148 12.67 29.50 28.50
CA PRO B 148 12.50 30.95 28.63
C PRO B 148 11.13 31.41 28.17
N ASN B 149 10.57 32.41 28.83
CA ASN B 149 9.27 32.95 28.45
C ASN B 149 9.40 34.25 27.67
N GLY B 150 10.62 34.71 27.48
CA GLY B 150 10.88 35.91 26.71
C GLY B 150 10.79 37.18 27.52
N ASP B 151 10.29 37.06 28.76
CA ASP B 151 10.09 38.22 29.62
C ASP B 151 11.02 38.16 30.83
N TRP B 152 12.19 37.56 30.64
CA TRP B 152 13.20 37.48 31.69
C TRP B 152 12.73 36.64 32.87
N THR B 153 11.93 35.62 32.58
CA THR B 153 11.54 34.63 33.58
C THR B 153 11.53 33.26 32.90
N TYR B 154 11.69 32.21 33.69
CA TYR B 154 11.78 30.86 33.15
C TYR B 154 10.81 29.92 33.84
N GLN B 155 10.46 28.83 33.16
CA GLN B 155 9.68 27.76 33.77
C GLN B 155 10.28 26.41 33.41
N THR B 156 10.08 25.43 34.29
CA THR B 156 10.51 24.06 34.04
C THR B 156 9.69 23.13 34.92
N LEU B 157 9.89 21.82 34.76
CA LEU B 157 9.22 20.86 35.62
C LEU B 157 9.98 19.56 35.76
N SER B 158 9.62 18.80 36.79
CA SER B 158 10.20 17.49 37.03
C SER B 158 9.05 16.51 37.23
N HIS B 159 9.32 15.23 37.01
CA HIS B 159 8.28 14.22 37.09
C HIS B 159 8.70 13.10 38.03
N LEU B 160 7.72 12.34 38.49
CA LEU B 160 8.00 11.19 39.34
C LEU B 160 6.83 10.22 39.24
N ALA B 161 7.10 9.02 38.76
CA ALA B 161 6.07 8.00 38.64
C ALA B 161 6.11 7.12 39.88
N LEU B 162 4.95 6.62 40.29
CA LEU B 162 4.86 5.89 41.54
C LEU B 162 3.57 5.10 41.69
N THR B 163 3.56 4.21 42.69
CA THR B 163 2.34 3.51 43.09
C THR B 163 1.90 4.03 44.45
N PRO B 164 0.65 4.46 44.57
CA PRO B 164 0.17 5.07 45.81
C PRO B 164 -0.08 4.06 46.92
N SER B 165 0.20 4.46 48.17
CA SER B 165 0.00 3.57 49.32
C SER B 165 -0.54 4.34 50.52
N TYR B 166 -1.39 5.33 50.26
CA TYR B 166 -2.03 6.11 51.32
C TYR B 166 -1.02 6.79 52.25
N GLY B 167 -0.29 6.00 53.04
CA GLY B 167 0.68 6.53 53.97
C GLY B 167 1.81 7.36 53.39
N ASP B 168 2.25 7.03 52.17
CA ASP B 168 3.43 7.65 51.59
C ASP B 168 3.26 9.14 51.34
N THR B 169 4.33 9.90 51.58
CA THR B 169 4.35 11.33 51.32
C THR B 169 5.49 11.66 50.36
N TYR B 170 5.15 12.17 49.18
CA TYR B 170 6.15 12.54 48.19
C TYR B 170 6.40 14.04 48.23
N THR B 171 7.65 14.45 48.05
CA THR B 171 8.02 15.85 48.20
C THR B 171 8.91 16.32 47.05
N CYS B 172 8.59 17.49 46.50
CA CYS B 172 9.41 18.13 45.50
C CYS B 172 10.31 19.17 46.16
N VAL B 173 11.62 19.06 45.94
CA VAL B 173 12.59 19.97 46.55
C VAL B 173 13.25 20.86 45.51
N VAL B 174 12.86 22.13 45.48
CA VAL B 174 13.46 23.08 44.54
C VAL B 174 14.47 23.99 45.24
N GLU B 175 15.59 24.26 44.57
CA GLU B 175 16.58 25.20 45.09
C GLU B 175 17.02 26.18 44.01
N HIS B 176 16.97 27.47 44.32
CA HIS B 176 17.23 28.53 43.35
C HIS B 176 17.69 29.79 44.06
N ILE B 177 18.69 30.46 43.50
CA ILE B 177 19.31 31.61 44.17
C ILE B 177 18.33 32.76 44.37
N GLY B 178 17.44 32.96 43.41
CA GLY B 178 16.39 33.95 43.53
C GLY B 178 15.41 33.68 44.66
N ALA B 179 15.66 32.61 45.42
CA ALA B 179 14.90 32.34 46.63
C ALA B 179 15.89 32.15 47.78
N PRO B 180 15.50 32.60 48.98
CA PRO B 180 16.37 32.60 50.16
C PRO B 180 16.55 31.20 50.77
N GLU B 181 15.50 30.40 50.77
CA GLU B 181 15.52 29.09 51.41
C GLU B 181 15.00 28.06 50.42
N PRO B 182 15.35 26.77 50.62
CA PRO B 182 14.82 25.78 49.69
C PRO B 182 13.30 25.72 49.77
N ILE B 183 12.66 25.43 48.64
CA ILE B 183 11.21 25.33 48.58
C ILE B 183 10.77 23.87 48.53
N LEU B 184 9.83 23.50 49.40
CA LEU B 184 9.35 22.12 49.47
C LEU B 184 7.85 22.07 49.21
N ARG B 185 7.43 21.18 48.32
CA ARG B 185 6.02 20.94 48.08
C ARG B 185 5.75 19.46 48.29
N ASP B 186 4.70 19.13 49.04
CA ASP B 186 4.40 17.74 49.32
C ASP B 186 3.21 17.24 48.52
N TRP B 187 3.01 15.92 48.57
CA TRP B 187 1.87 15.30 47.92
C TRP B 187 1.66 13.93 48.53
N THR B 188 0.41 13.61 48.86
CA THR B 188 0.05 12.28 49.34
C THR B 188 -1.17 11.79 48.58
N PRO B 189 -1.26 10.48 48.31
CA PRO B 189 -2.43 9.95 47.62
C PRO B 189 -3.74 10.18 48.40
N GLY B 190 -3.89 9.47 49.52
CA GLY B 190 -5.08 9.57 50.34
C GLY B 190 -6.36 9.15 49.61
N LYS C 1 22.82 -3.60 4.63
CA LYS C 1 24.17 -4.13 4.55
C LYS C 1 25.18 -3.13 5.12
N ALA C 2 25.04 -1.86 4.72
CA ALA C 2 25.88 -0.79 5.24
C ALA C 2 25.29 -0.23 6.54
N ASP C 3 26.17 0.28 7.41
CA ASP C 3 25.72 0.84 8.69
C ASP C 3 24.96 2.14 8.47
N HIS C 4 25.40 2.92 7.49
CA HIS C 4 24.76 4.19 7.15
C HIS C 4 25.05 4.53 5.69
N MET C 5 24.15 5.29 5.08
CA MET C 5 24.38 5.79 3.73
C MET C 5 24.07 7.27 3.65
N GLY C 6 25.10 8.07 3.43
CA GLY C 6 24.90 9.48 3.18
C GLY C 6 24.87 9.67 1.68
N SER C 7 24.12 10.66 1.22
CA SER C 7 24.08 10.98 -0.19
C SER C 7 24.12 12.49 -0.32
N TYR C 8 25.19 12.99 -0.92
CA TYR C 8 25.43 14.43 -0.92
C TYR C 8 25.32 14.98 -2.33
N GLY C 9 24.10 15.38 -2.66
CA GLY C 9 23.76 15.82 -4.00
C GLY C 9 22.85 14.87 -4.75
N PRO C 10 21.83 14.30 -4.06
CA PRO C 10 20.74 13.84 -4.91
C PRO C 10 20.05 15.06 -5.50
N ALA C 11 20.20 15.25 -6.80
CA ALA C 11 19.74 16.48 -7.44
C ALA C 11 19.11 16.12 -8.77
N PHE C 12 18.20 16.97 -9.22
CA PHE C 12 17.50 16.72 -10.48
C PHE C 12 17.07 18.02 -11.14
N TYR C 13 16.91 17.95 -12.45
CA TYR C 13 16.36 19.05 -13.23
C TYR C 13 15.44 18.44 -14.27
N GLN C 14 14.25 19.03 -14.45
CA GLN C 14 13.33 18.53 -15.45
C GLN C 14 12.85 19.65 -16.36
N SER C 15 12.63 19.31 -17.62
CA SER C 15 12.25 20.27 -18.64
C SER C 15 10.98 21.02 -18.27
N TYR C 16 9.99 20.30 -17.76
CA TYR C 16 8.69 20.89 -17.47
C TYR C 16 8.78 21.90 -16.33
N GLY C 17 8.39 23.14 -16.62
CA GLY C 17 8.47 24.21 -15.64
C GLY C 17 9.89 24.58 -15.28
N ALA C 18 10.85 24.04 -16.03
CA ALA C 18 12.26 24.30 -15.78
C ALA C 18 12.57 24.19 -14.30
N SER C 19 12.00 23.19 -13.64
CA SER C 19 12.21 23.00 -12.21
C SER C 19 13.43 22.11 -11.96
N GLY C 20 13.92 22.15 -10.73
CA GLY C 20 15.11 21.41 -10.36
C GLY C 20 15.36 21.52 -8.87
N GLN C 21 16.30 20.73 -8.36
CA GLN C 21 16.48 20.59 -6.94
C GLN C 21 17.88 20.10 -6.61
N PHE C 22 18.42 20.51 -5.48
CA PHE C 22 19.68 19.95 -4.98
C PHE C 22 19.60 19.75 -3.47
N THR C 23 19.86 18.54 -3.02
CA THR C 23 19.70 18.20 -1.61
C THR C 23 20.86 17.38 -1.09
N HIS C 24 20.99 17.35 0.24
CA HIS C 24 21.85 16.39 0.92
C HIS C 24 20.95 15.51 1.77
N GLU C 25 21.22 14.21 1.78
CA GLU C 25 20.41 13.27 2.56
C GLU C 25 21.31 12.33 3.35
N PHE C 26 20.80 11.87 4.49
CA PHE C 26 21.51 10.89 5.29
C PHE C 26 20.52 9.87 5.81
N ASP C 27 20.72 8.61 5.44
CA ASP C 27 19.80 7.54 5.82
C ASP C 27 18.38 7.87 5.39
N GLU C 28 18.21 8.20 4.12
CA GLU C 28 16.88 8.42 3.55
C GLU C 28 16.14 9.61 4.16
N GLU C 29 16.83 10.39 4.99
CA GLU C 29 16.25 11.59 5.57
C GLU C 29 17.03 12.81 5.09
N GLN C 30 16.34 13.93 4.92
CA GLN C 30 16.94 15.08 4.27
C GLN C 30 17.49 16.10 5.26
N LEU C 31 18.66 16.67 4.94
CA LEU C 31 19.29 17.67 5.80
C LEU C 31 18.87 19.07 5.36
N PHE C 32 19.04 19.37 4.09
CA PHE C 32 18.56 20.62 3.52
C PHE C 32 18.14 20.40 2.07
N SER C 33 17.62 21.46 1.44
CA SER C 33 17.23 21.38 0.05
C SER C 33 17.25 22.74 -0.62
N VAL C 34 17.71 22.75 -1.87
CA VAL C 34 17.69 23.96 -2.68
C VAL C 34 16.68 23.78 -3.80
N ASP C 35 15.78 24.75 -3.96
CA ASP C 35 14.84 24.73 -5.06
C ASP C 35 15.32 25.73 -6.11
N LEU C 36 15.25 25.32 -7.37
CA LEU C 36 15.80 26.13 -8.46
C LEU C 36 15.14 27.51 -8.60
N LYS C 37 13.85 27.53 -8.94
CA LYS C 37 13.19 28.79 -9.27
C LYS C 37 12.83 29.62 -8.04
N LYS C 38 12.70 28.98 -6.89
CA LYS C 38 12.57 29.72 -5.63
C LYS C 38 13.92 30.33 -5.27
N SER C 39 15.00 29.68 -5.70
CA SER C 39 16.35 30.11 -5.38
C SER C 39 16.54 30.18 -3.87
N GLU C 40 15.87 29.28 -3.16
CA GLU C 40 15.98 29.20 -1.72
C GLU C 40 16.78 27.97 -1.32
N ALA C 41 17.43 28.05 -0.17
CA ALA C 41 18.04 26.88 0.46
C ALA C 41 17.42 26.71 1.83
N VAL C 42 16.76 25.57 2.06
CA VAL C 42 16.05 25.35 3.31
C VAL C 42 16.54 24.11 4.04
N TRP C 43 16.86 24.27 5.32
CA TRP C 43 17.29 23.17 6.17
C TRP C 43 16.07 22.52 6.85
N ARG C 44 15.96 21.20 6.77
CA ARG C 44 14.78 20.50 7.29
C ARG C 44 14.56 20.79 8.76
N LEU C 45 15.66 20.81 9.51
CA LEU C 45 15.59 21.01 10.95
C LEU C 45 16.61 22.06 11.36
N PRO C 46 16.27 22.86 12.38
CA PRO C 46 17.10 24.00 12.81
C PRO C 46 18.58 23.66 12.95
N GLU C 47 18.89 22.52 13.54
CA GLU C 47 20.28 22.12 13.77
C GLU C 47 21.10 22.02 12.47
N PHE C 48 20.42 21.94 11.34
CA PHE C 48 21.09 21.83 10.05
C PHE C 48 21.24 23.18 9.36
N GLY C 49 21.08 24.26 10.13
CA GLY C 49 21.27 25.61 9.61
C GLY C 49 22.62 26.20 9.99
N ASP C 50 23.55 25.33 10.39
CA ASP C 50 24.84 25.77 10.89
C ASP C 50 25.71 26.42 9.80
N PHE C 51 25.69 25.83 8.61
CA PHE C 51 26.45 26.32 7.46
C PHE C 51 27.93 25.96 7.52
N ALA C 52 28.57 26.12 8.68
CA ALA C 52 29.67 25.24 8.99
C ALA C 52 28.95 23.91 9.18
N ARG C 53 29.56 22.81 8.77
CA ARG C 53 28.90 21.50 8.78
C ARG C 53 27.97 21.28 7.57
N PHE C 54 26.91 22.07 7.47
CA PHE C 54 25.87 21.81 6.46
C PHE C 54 25.68 22.99 5.51
N ASP C 55 26.70 23.30 4.73
CA ASP C 55 26.63 24.43 3.79
C ASP C 55 25.92 24.04 2.49
N PRO C 56 24.77 24.67 2.20
CA PRO C 56 24.22 24.58 0.85
C PRO C 56 24.98 25.55 -0.04
N GLN C 57 24.30 26.33 -0.89
CA GLN C 57 24.96 27.35 -1.71
C GLN C 57 25.74 26.72 -2.86
N GLY C 58 26.19 25.49 -2.68
CA GLY C 58 26.72 24.71 -3.79
C GLY C 58 25.60 24.40 -4.75
N GLY C 59 24.40 24.18 -4.21
CA GLY C 59 23.21 23.99 -5.03
C GLY C 59 23.10 25.14 -6.01
N LEU C 60 22.13 25.05 -6.91
CA LEU C 60 22.04 25.99 -8.03
C LEU C 60 23.16 25.71 -9.02
N ALA C 61 24.40 25.69 -8.52
CA ALA C 61 25.55 25.29 -9.34
C ALA C 61 25.45 23.81 -9.66
N GLY C 62 25.05 23.02 -8.68
CA GLY C 62 24.83 21.59 -8.88
C GLY C 62 23.70 21.39 -9.88
N ILE C 63 22.63 22.17 -9.71
CA ILE C 63 21.49 22.13 -10.62
C ILE C 63 21.93 22.61 -12.01
N ALA C 64 22.73 23.67 -12.02
CA ALA C 64 23.25 24.23 -13.26
C ALA C 64 24.05 23.18 -14.01
N ALA C 65 24.97 22.53 -13.29
CA ALA C 65 25.87 21.55 -13.90
C ALA C 65 25.08 20.38 -14.49
N ILE C 66 24.05 19.95 -13.79
CA ILE C 66 23.28 18.78 -14.22
C ILE C 66 22.29 19.14 -15.34
N LYS C 67 21.80 20.37 -15.32
CA LYS C 67 20.90 20.85 -16.37
C LYS C 67 21.63 20.90 -17.71
N ALA C 68 22.87 21.39 -17.67
CA ALA C 68 23.70 21.49 -18.86
C ALA C 68 23.64 20.22 -19.69
N HIS C 69 23.58 19.09 -19.01
CA HIS C 69 23.71 17.78 -19.64
C HIS C 69 22.40 17.24 -20.23
N LEU C 70 21.28 17.85 -19.86
CA LEU C 70 19.97 17.32 -20.26
C LEU C 70 19.78 17.27 -21.78
N ASP C 71 19.74 18.43 -22.41
CA ASP C 71 19.42 18.54 -23.83
C ASP C 71 20.07 17.45 -24.67
N ILE C 72 21.32 17.12 -24.39
CA ILE C 72 22.03 16.12 -25.18
C ILE C 72 21.53 14.69 -24.93
N LEU C 73 21.30 14.35 -23.67
CA LEU C 73 20.75 13.03 -23.35
C LEU C 73 19.38 12.87 -24.00
N VAL C 74 18.64 13.97 -24.07
CA VAL C 74 17.31 13.97 -24.66
C VAL C 74 17.36 13.54 -26.13
N GLU C 75 18.28 14.12 -26.91
CA GLU C 75 18.38 13.78 -28.32
C GLU C 75 19.12 12.47 -28.54
N ARG C 76 20.05 12.15 -27.64
CA ARG C 76 20.79 10.90 -27.70
C ARG C 76 19.87 9.69 -27.50
N SER C 77 18.73 9.89 -26.86
CA SER C 77 17.85 8.79 -26.49
C SER C 77 16.68 8.71 -27.47
N ASN C 78 16.80 9.45 -28.56
CA ASN C 78 15.70 9.61 -29.50
C ASN C 78 14.50 10.23 -28.79
N ARG C 79 14.76 11.25 -27.98
CA ARG C 79 13.71 11.96 -27.25
C ARG C 79 12.79 11.01 -26.48
N SER C 80 13.37 10.24 -25.57
CA SER C 80 12.62 9.33 -24.74
C SER C 80 12.02 10.08 -23.56
N ARG C 81 10.77 10.50 -23.71
CA ARG C 81 10.06 11.23 -22.68
C ARG C 81 9.91 10.40 -21.40
N ALA C 82 9.56 11.07 -20.31
CA ALA C 82 9.38 10.39 -19.02
C ALA C 82 7.99 9.78 -18.97
N ILE C 83 7.88 8.61 -18.35
CA ILE C 83 6.59 7.92 -18.23
C ILE C 83 5.89 8.36 -16.95
N ASN C 84 4.57 8.29 -16.95
CA ASN C 84 3.79 8.73 -15.79
C ASN C 84 3.40 7.55 -14.91
N VAL C 85 4.17 7.33 -13.86
CA VAL C 85 3.84 6.33 -12.84
C VAL C 85 2.80 6.89 -11.88
N PRO C 86 1.82 6.06 -11.49
CA PRO C 86 0.87 6.43 -10.43
C PRO C 86 1.49 6.38 -9.04
N PRO C 87 1.31 7.44 -8.24
CA PRO C 87 1.82 7.46 -6.88
C PRO C 87 0.86 6.77 -5.93
N ARG C 88 1.35 6.30 -4.78
CA ARG C 88 0.47 5.70 -3.78
C ARG C 88 0.44 6.60 -2.56
N VAL C 89 -0.78 6.96 -2.15
CA VAL C 89 -0.99 7.95 -1.10
C VAL C 89 -1.38 7.29 0.21
N THR C 90 -0.75 7.74 1.29
CA THR C 90 -1.08 7.28 2.63
C THR C 90 -1.32 8.46 3.57
N VAL C 91 -2.23 8.30 4.52
CA VAL C 91 -2.48 9.31 5.53
C VAL C 91 -2.55 8.70 6.92
N LEU C 92 -1.97 9.39 7.89
CA LEU C 92 -2.05 8.97 9.30
C LEU C 92 -1.53 10.07 10.22
N PRO C 93 -1.96 10.03 11.48
CA PRO C 93 -1.55 11.04 12.47
C PRO C 93 -0.12 10.82 12.95
N LYS C 94 0.55 11.88 13.38
CA LYS C 94 1.96 11.80 13.76
C LYS C 94 2.13 11.08 15.09
N SER C 95 1.31 11.45 16.07
CA SER C 95 1.33 10.79 17.37
C SER C 95 -0.05 10.19 17.61
N ARG C 96 -0.26 9.59 18.78
CA ARG C 96 -1.53 8.95 19.06
C ARG C 96 -2.62 10.00 19.06
N VAL C 97 -3.75 9.68 18.43
CA VAL C 97 -4.86 10.62 18.35
C VAL C 97 -5.81 10.44 19.51
N GLU C 98 -5.95 11.49 20.32
CA GLU C 98 -6.94 11.52 21.38
C GLU C 98 -7.87 12.69 21.10
N LEU C 99 -9.16 12.49 21.34
CA LEU C 99 -10.14 13.53 21.07
C LEU C 99 -9.79 14.79 21.84
N GLY C 100 -9.70 15.91 21.12
CA GLY C 100 -9.39 17.21 21.70
C GLY C 100 -7.90 17.51 21.87
N GLN C 101 -7.05 16.50 21.85
CA GLN C 101 -5.61 16.71 21.98
C GLN C 101 -5.01 17.06 20.60
N PRO C 102 -4.42 18.27 20.49
CA PRO C 102 -3.90 18.70 19.19
C PRO C 102 -2.87 17.72 18.63
N ASN C 103 -2.83 17.61 17.31
CA ASN C 103 -2.00 16.62 16.65
C ASN C 103 -1.71 17.06 15.22
N ILE C 104 -0.99 16.23 14.47
CA ILE C 104 -0.65 16.56 13.10
C ILE C 104 -0.95 15.38 12.17
N LEU C 105 -1.69 15.65 11.10
CA LEU C 105 -1.92 14.64 10.06
C LEU C 105 -0.77 14.69 9.06
N ILE C 106 -0.37 13.53 8.57
CA ILE C 106 0.72 13.42 7.62
C ILE C 106 0.29 12.72 6.35
N CYS C 107 0.38 13.43 5.23
CA CYS C 107 0.14 12.82 3.93
C CYS C 107 1.47 12.36 3.34
N ILE C 108 1.57 11.08 3.00
CA ILE C 108 2.81 10.52 2.48
C ILE C 108 2.57 10.00 1.07
N VAL C 109 3.43 10.42 0.14
CA VAL C 109 3.25 10.08 -1.26
C VAL C 109 4.53 9.46 -1.81
N ASP C 110 4.44 8.20 -2.24
CA ASP C 110 5.59 7.47 -2.74
C ASP C 110 5.50 7.26 -4.24
N ASN C 111 6.58 6.79 -4.83
CA ASN C 111 6.63 6.48 -6.26
C ASN C 111 6.10 7.62 -7.12
N ILE C 112 6.50 8.83 -6.79
CA ILE C 112 6.16 10.00 -7.59
C ILE C 112 7.13 10.12 -8.75
N PHE C 113 6.62 10.00 -9.97
CA PHE C 113 7.45 10.28 -11.15
C PHE C 113 6.61 10.46 -12.40
N PRO C 114 6.86 11.53 -13.16
CA PRO C 114 7.87 12.56 -12.86
C PRO C 114 7.51 13.40 -11.64
N PRO C 115 8.45 14.21 -11.14
CA PRO C 115 8.18 15.02 -9.95
C PRO C 115 7.40 16.29 -10.28
N VAL C 116 6.14 16.12 -10.65
CA VAL C 116 5.25 17.23 -10.97
C VAL C 116 3.89 16.86 -10.41
N ILE C 117 3.53 17.46 -9.28
CA ILE C 117 2.40 16.97 -8.51
C ILE C 117 1.71 18.08 -7.71
N ASN C 118 0.41 17.89 -7.49
CA ASN C 118 -0.36 18.75 -6.61
C ASN C 118 -0.81 17.94 -5.41
N ILE C 119 -0.60 18.47 -4.21
CA ILE C 119 -1.11 17.83 -3.00
C ILE C 119 -1.80 18.89 -2.15
N THR C 120 -3.02 18.57 -1.70
CA THR C 120 -3.86 19.54 -1.03
C THR C 120 -4.62 18.91 0.12
N TRP C 121 -4.65 19.63 1.25
CA TRP C 121 -5.43 19.20 2.40
C TRP C 121 -6.86 19.71 2.30
N LEU C 122 -7.81 18.87 2.68
CA LEU C 122 -9.22 19.26 2.70
C LEU C 122 -9.82 18.98 4.07
N ARG C 123 -10.51 19.97 4.63
CA ARG C 123 -11.34 19.75 5.81
C ARG C 123 -12.81 19.88 5.44
N ASN C 124 -13.53 18.76 5.48
CA ASN C 124 -14.93 18.72 5.10
C ASN C 124 -15.11 19.28 3.68
N GLY C 125 -14.29 18.79 2.75
CA GLY C 125 -14.39 19.20 1.37
C GLY C 125 -13.83 20.60 1.12
N GLN C 126 -13.48 21.31 2.19
CA GLN C 126 -12.90 22.63 2.06
C GLN C 126 -11.38 22.55 2.06
N THR C 127 -10.75 23.22 1.09
CA THR C 127 -9.30 23.21 0.97
C THR C 127 -8.66 24.01 2.11
N VAL C 128 -7.52 23.54 2.59
CA VAL C 128 -6.85 24.12 3.74
C VAL C 128 -5.42 24.50 3.41
N THR C 129 -5.10 25.79 3.54
CA THR C 129 -3.76 26.28 3.21
C THR C 129 -3.06 26.92 4.40
N GLU C 130 -3.83 27.40 5.37
CA GLU C 130 -3.28 28.10 6.51
C GLU C 130 -2.65 27.11 7.50
N GLY C 131 -1.34 27.21 7.67
CA GLY C 131 -0.62 26.40 8.64
C GLY C 131 -0.16 25.05 8.12
N VAL C 132 -0.22 24.84 6.81
CA VAL C 132 0.24 23.59 6.23
C VAL C 132 1.72 23.69 5.88
N ALA C 133 2.42 22.57 6.02
CA ALA C 133 3.85 22.52 5.71
C ALA C 133 4.13 21.30 4.86
N GLN C 134 5.04 21.45 3.90
CA GLN C 134 5.39 20.35 3.02
C GLN C 134 6.88 20.31 2.74
N THR C 135 7.37 19.12 2.42
CA THR C 135 8.77 18.94 2.09
C THR C 135 9.00 19.14 0.61
N SER C 136 10.26 19.23 0.24
CA SER C 136 10.66 19.11 -1.15
C SER C 136 10.56 17.63 -1.49
N PHE C 137 10.92 17.27 -2.71
CA PHE C 137 10.88 15.86 -3.11
C PHE C 137 12.01 15.08 -2.45
N TYR C 138 11.65 14.06 -1.67
CA TYR C 138 12.63 13.15 -1.10
C TYR C 138 12.94 12.10 -2.16
N SER C 139 13.96 11.29 -1.90
CA SER C 139 14.49 10.38 -2.92
C SER C 139 14.21 8.92 -2.59
N GLN C 140 14.02 8.12 -3.64
CA GLN C 140 13.89 6.68 -3.49
C GLN C 140 15.01 5.98 -4.26
N PRO C 141 15.55 4.89 -3.68
CA PRO C 141 16.58 4.09 -4.33
C PRO C 141 16.23 3.66 -5.77
N ASP C 142 14.95 3.41 -6.03
CA ASP C 142 14.52 3.05 -7.38
C ASP C 142 14.39 4.28 -8.28
N HIS C 143 14.73 5.44 -7.71
CA HIS C 143 14.84 6.71 -8.45
C HIS C 143 13.50 7.35 -8.75
N LEU C 144 12.50 7.02 -7.94
CA LEU C 144 11.25 7.78 -7.91
C LEU C 144 11.41 8.78 -6.77
N PHE C 145 10.34 9.45 -6.39
CA PHE C 145 10.44 10.46 -5.33
C PHE C 145 9.38 10.26 -4.26
N ARG C 146 9.65 10.77 -3.06
CA ARG C 146 8.67 10.78 -1.98
C ARG C 146 8.33 12.24 -1.70
N LYS C 147 7.28 12.43 -0.90
CA LYS C 147 6.82 13.78 -0.56
C LYS C 147 6.02 13.72 0.73
N PHE C 148 6.19 14.73 1.57
CA PHE C 148 5.46 14.80 2.84
C PHE C 148 4.69 16.11 2.96
N HIS C 149 3.43 16.01 3.37
CA HIS C 149 2.62 17.17 3.70
C HIS C 149 2.12 17.04 5.14
N TYR C 150 2.08 18.16 5.84
CA TYR C 150 1.73 18.16 7.26
C TYR C 150 0.60 19.14 7.53
N LEU C 151 -0.34 18.74 8.38
CA LEU C 151 -1.45 19.60 8.74
C LEU C 151 -1.80 19.47 10.22
N PRO C 152 -1.50 20.51 11.02
CA PRO C 152 -1.86 20.50 12.44
C PRO C 152 -3.37 20.69 12.61
N PHE C 153 -3.95 20.00 13.60
CA PHE C 153 -5.39 20.04 13.78
C PHE C 153 -5.77 19.62 15.19
N VAL C 154 -7.01 19.88 15.56
CA VAL C 154 -7.54 19.43 16.85
C VAL C 154 -8.59 18.37 16.60
N PRO C 155 -8.28 17.11 16.91
CA PRO C 155 -9.20 16.03 16.60
C PRO C 155 -10.57 16.25 17.21
N SER C 156 -11.61 16.25 16.37
CA SER C 156 -12.98 16.25 16.84
C SER C 156 -13.76 15.20 16.06
N ALA C 157 -14.82 14.68 16.66
CA ALA C 157 -15.67 13.69 15.99
C ALA C 157 -16.64 14.38 15.04
N GLU C 158 -16.48 15.68 14.84
CA GLU C 158 -17.41 16.47 14.03
C GLU C 158 -16.93 16.75 12.62
N ASP C 159 -15.65 16.52 12.33
CA ASP C 159 -15.13 16.77 10.98
C ASP C 159 -14.22 15.66 10.44
N VAL C 160 -14.06 15.65 9.12
CA VAL C 160 -13.21 14.70 8.44
C VAL C 160 -12.15 15.45 7.63
N TYR C 161 -11.16 14.72 7.15
CA TYR C 161 -10.08 15.31 6.36
C TYR C 161 -9.75 14.42 5.17
N ASP C 162 -9.40 15.03 4.04
CA ASP C 162 -8.92 14.30 2.89
C ASP C 162 -7.64 14.92 2.35
N CYS C 163 -6.68 14.08 2.00
CA CYS C 163 -5.49 14.51 1.30
C CYS C 163 -5.64 14.16 -0.17
N GLN C 164 -5.90 15.15 -1.01
CA GLN C 164 -6.11 14.91 -2.42
C GLN C 164 -4.85 15.22 -3.23
N VAL C 165 -4.39 14.24 -4.01
CA VAL C 165 -3.20 14.42 -4.82
C VAL C 165 -3.57 14.33 -6.29
N GLU C 166 -2.92 15.13 -7.11
CA GLU C 166 -3.17 15.13 -8.54
C GLU C 166 -1.88 14.89 -9.30
N HIS C 167 -1.87 13.87 -10.13
CA HIS C 167 -0.68 13.50 -10.87
C HIS C 167 -1.08 13.06 -12.27
N TRP C 168 -0.16 13.17 -13.22
CA TRP C 168 -0.43 12.75 -14.59
C TRP C 168 -0.61 11.23 -14.63
N GLY C 169 -0.04 10.55 -13.65
CA GLY C 169 -0.18 9.11 -13.51
C GLY C 169 -1.55 8.67 -13.03
N LEU C 170 -2.48 9.61 -12.89
CA LEU C 170 -3.82 9.32 -12.40
C LEU C 170 -4.88 9.69 -13.42
N ASP C 171 -5.98 8.93 -13.42
CA ASP C 171 -7.08 9.20 -14.34
C ASP C 171 -7.85 10.45 -13.89
N ALA C 172 -7.91 10.63 -12.57
CA ALA C 172 -8.58 11.78 -11.98
C ALA C 172 -8.05 11.98 -10.57
N PRO C 173 -8.26 13.17 -9.99
CA PRO C 173 -7.69 13.42 -8.67
C PRO C 173 -8.18 12.41 -7.63
N LEU C 174 -7.25 11.67 -7.01
CA LEU C 174 -7.58 10.72 -5.96
C LEU C 174 -7.36 11.38 -4.60
N LEU C 175 -8.20 11.06 -3.63
CA LEU C 175 -8.04 11.59 -2.28
C LEU C 175 -8.10 10.51 -1.19
N ARG C 176 -7.19 10.64 -0.23
CA ARG C 176 -7.00 9.65 0.82
C ARG C 176 -7.68 10.14 2.09
N HIS C 177 -8.61 9.34 2.59
CA HIS C 177 -9.49 9.76 3.68
C HIS C 177 -8.85 9.54 5.03
N TRP C 178 -9.24 10.37 6.00
CA TRP C 178 -8.92 10.10 7.40
C TRP C 178 -9.93 10.75 8.34
N GLU C 179 -10.36 9.99 9.34
CA GLU C 179 -11.17 10.52 10.42
C GLU C 179 -11.05 9.62 11.66
N LEU C 180 -11.16 10.22 12.84
CA LEU C 180 -11.07 9.46 14.09
C LEU C 180 -12.36 8.67 14.31
N GLN C 181 -12.32 7.77 15.28
CA GLN C 181 -13.48 6.93 15.60
C GLN C 181 -14.43 7.64 16.54
N PRO D 1 2.13 16.84 -21.68
CA PRO D 1 2.68 15.90 -20.71
C PRO D 1 4.16 15.63 -20.93
N GLU D 2 4.67 16.00 -22.12
CA GLU D 2 6.05 15.71 -22.48
C GLU D 2 7.03 16.31 -21.48
N ASP D 3 7.79 15.45 -20.82
CA ASP D 3 8.74 15.88 -19.81
C ASP D 3 10.00 15.03 -19.85
N PHE D 4 11.12 15.64 -19.50
CA PHE D 4 12.38 14.92 -19.35
C PHE D 4 12.98 15.28 -18.02
N VAL D 5 13.50 14.27 -17.32
CA VAL D 5 14.07 14.49 -16.00
C VAL D 5 15.47 13.88 -15.97
N ILE D 6 16.42 14.64 -15.43
CA ILE D 6 17.76 14.13 -15.22
C ILE D 6 18.08 14.21 -13.73
N GLN D 7 18.72 13.16 -13.21
CA GLN D 7 19.10 13.14 -11.81
C GLN D 7 20.57 12.78 -11.65
N ALA D 8 21.16 13.18 -10.53
CA ALA D 8 22.49 12.74 -10.17
C ALA D 8 22.54 12.49 -8.67
N LYS D 9 23.21 11.43 -8.27
CA LYS D 9 23.29 11.06 -6.86
C LYS D 9 24.73 10.73 -6.51
N ALA D 10 25.24 11.39 -5.46
CA ALA D 10 26.60 11.15 -5.00
C ALA D 10 26.52 10.36 -3.70
N ASP D 11 26.30 9.05 -3.83
CA ASP D 11 26.02 8.21 -2.66
C ASP D 11 27.30 7.78 -1.95
N CYS D 12 27.23 7.78 -0.63
CA CYS D 12 28.34 7.32 0.20
C CYS D 12 27.85 6.25 1.15
N TYR D 13 28.55 5.12 1.20
CA TYR D 13 28.15 4.01 2.04
C TYR D 13 29.19 3.74 3.11
N PHE D 14 28.76 3.82 4.38
CA PHE D 14 29.65 3.69 5.51
C PHE D 14 29.38 2.43 6.31
N THR D 15 30.45 1.80 6.77
CA THR D 15 30.35 0.65 7.68
C THR D 15 31.44 0.75 8.74
N ASN D 16 31.16 0.22 9.92
CA ASN D 16 32.08 0.33 11.04
C ASN D 16 32.63 1.75 11.13
N GLY D 17 31.72 2.72 11.23
CA GLY D 17 32.09 4.12 11.24
C GLY D 17 32.60 4.60 9.90
N THR D 18 33.88 4.96 9.85
CA THR D 18 34.50 5.47 8.62
C THR D 18 35.50 4.46 8.05
N GLU D 19 35.68 3.34 8.74
CA GLU D 19 36.62 2.31 8.32
C GLU D 19 36.53 2.02 6.82
N LYS D 20 35.38 1.48 6.39
CA LYS D 20 35.17 1.13 4.99
C LYS D 20 34.20 2.10 4.37
N VAL D 21 34.54 2.64 3.21
CA VAL D 21 33.71 3.66 2.57
C VAL D 21 33.67 3.51 1.05
N GLN D 22 32.47 3.35 0.52
CA GLN D 22 32.28 3.24 -0.92
C GLN D 22 31.53 4.46 -1.45
N PHE D 23 32.15 5.15 -2.40
CA PHE D 23 31.57 6.33 -3.01
C PHE D 23 31.00 5.94 -4.37
N VAL D 24 29.75 6.31 -4.62
CA VAL D 24 29.07 5.88 -5.83
C VAL D 24 28.26 7.01 -6.44
N VAL D 25 28.76 7.58 -7.54
CA VAL D 25 28.02 8.63 -8.23
C VAL D 25 27.15 7.98 -9.28
N ARG D 26 25.89 8.37 -9.32
CA ARG D 26 24.93 7.76 -10.23
C ARG D 26 24.28 8.84 -11.09
N PHE D 27 24.24 8.60 -12.39
CA PHE D 27 23.59 9.53 -13.31
C PHE D 27 22.35 8.89 -13.90
N ILE D 28 21.24 9.60 -13.79
CA ILE D 28 19.94 9.08 -14.20
C ILE D 28 19.33 9.91 -15.29
N PHE D 29 18.86 9.25 -16.35
CA PHE D 29 18.02 9.91 -17.34
C PHE D 29 16.61 9.36 -17.13
N ASN D 30 15.67 10.25 -16.87
CA ASN D 30 14.35 9.86 -16.37
C ASN D 30 14.49 8.89 -15.19
N LEU D 31 14.26 7.61 -15.42
CA LEU D 31 14.46 6.60 -14.38
C LEU D 31 15.62 5.66 -14.70
N GLU D 32 16.20 5.82 -15.88
CA GLU D 32 17.29 4.98 -16.34
C GLU D 32 18.63 5.45 -15.77
N GLU D 33 19.25 4.62 -14.95
CA GLU D 33 20.60 4.91 -14.46
C GLU D 33 21.60 4.52 -15.55
N TYR D 34 22.00 5.50 -16.34
CA TYR D 34 22.74 5.25 -17.58
C TYR D 34 24.25 5.10 -17.37
N VAL D 35 24.77 5.65 -16.28
CA VAL D 35 26.20 5.54 -15.97
C VAL D 35 26.47 5.86 -14.51
N ARG D 36 27.50 5.25 -13.95
CA ARG D 36 27.88 5.51 -12.56
C ARG D 36 29.37 5.37 -12.33
N PHE D 37 29.86 6.06 -11.30
CA PHE D 37 31.24 5.95 -10.88
C PHE D 37 31.31 5.26 -9.54
N ASP D 38 31.81 4.03 -9.53
CA ASP D 38 31.93 3.25 -8.30
C ASP D 38 33.39 3.27 -7.83
N SER D 39 33.61 3.75 -6.61
CA SER D 39 34.97 3.91 -6.10
C SER D 39 35.72 2.57 -6.08
N ASP D 40 35.01 1.49 -5.81
CA ASP D 40 35.62 0.17 -5.72
C ASP D 40 36.08 -0.33 -7.09
N VAL D 41 35.53 0.25 -8.14
CA VAL D 41 35.91 -0.10 -9.51
C VAL D 41 36.90 0.92 -10.05
N GLY D 42 36.86 2.13 -9.51
CA GLY D 42 37.84 3.15 -9.85
C GLY D 42 37.54 3.91 -11.12
N MET D 43 36.63 3.41 -11.94
CA MET D 43 36.33 4.03 -13.22
C MET D 43 34.84 4.30 -13.39
N PHE D 44 34.52 5.20 -14.32
CA PHE D 44 33.14 5.33 -14.78
C PHE D 44 32.82 4.08 -15.60
N VAL D 45 31.55 3.70 -15.61
CA VAL D 45 31.14 2.52 -16.37
C VAL D 45 29.71 2.70 -16.89
N ALA D 46 29.54 2.55 -18.20
CA ALA D 46 28.22 2.65 -18.80
C ALA D 46 27.39 1.45 -18.35
N LEU D 47 26.20 1.71 -17.84
CA LEU D 47 25.30 0.64 -17.42
C LEU D 47 24.33 0.28 -18.53
N THR D 48 24.03 1.25 -19.38
CA THR D 48 23.10 1.04 -20.49
C THR D 48 23.64 1.65 -21.78
N LYS D 49 22.97 1.40 -22.88
CA LYS D 49 23.35 1.97 -24.17
C LYS D 49 23.56 3.47 -24.07
N LEU D 50 22.69 4.14 -23.33
CA LEU D 50 22.72 5.59 -23.20
C LEU D 50 24.02 6.14 -22.62
N GLY D 51 24.70 5.34 -21.80
CA GLY D 51 25.84 5.82 -21.05
C GLY D 51 27.19 5.60 -21.70
N GLN D 52 27.22 4.87 -22.80
CA GLN D 52 28.49 4.50 -23.43
C GLN D 52 29.37 5.70 -23.78
N PRO D 53 28.80 6.72 -24.44
CA PRO D 53 29.62 7.88 -24.82
C PRO D 53 30.24 8.57 -23.61
N ASP D 54 29.40 8.99 -22.68
CA ASP D 54 29.87 9.64 -21.46
C ASP D 54 30.89 8.78 -20.73
N ALA D 55 30.55 7.51 -20.54
CA ALA D 55 31.44 6.57 -19.85
C ALA D 55 32.85 6.62 -20.40
N GLU D 56 32.99 6.45 -21.71
CA GLU D 56 34.30 6.43 -22.34
C GLU D 56 34.97 7.80 -22.23
N GLN D 57 34.21 8.85 -22.52
CA GLN D 57 34.74 10.21 -22.51
C GLN D 57 35.28 10.63 -21.16
N TRP D 58 34.48 10.43 -20.11
CA TRP D 58 34.84 10.91 -18.78
C TRP D 58 36.04 10.16 -18.21
N ASN D 59 36.20 8.91 -18.62
CA ASN D 59 37.37 8.14 -18.23
C ASN D 59 38.65 8.68 -18.88
N SER D 60 38.48 9.34 -20.03
CA SER D 60 39.61 9.95 -20.73
C SER D 60 40.14 11.18 -20.00
N ARG D 61 39.30 11.77 -19.15
CA ARG D 61 39.64 12.97 -18.41
C ARG D 61 40.24 12.63 -17.05
N LEU D 62 41.56 12.72 -16.96
CA LEU D 62 42.28 12.24 -15.78
C LEU D 62 42.07 13.15 -14.57
N ASP D 63 42.01 14.46 -14.81
CA ASP D 63 41.73 15.40 -13.75
C ASP D 63 40.46 15.02 -13.01
N LEU D 64 39.47 14.55 -13.77
CA LEU D 64 38.17 14.20 -13.23
C LEU D 64 38.23 12.92 -12.39
N LEU D 65 38.81 11.87 -12.97
CA LEU D 65 38.98 10.61 -12.26
C LEU D 65 39.58 10.81 -10.88
N GLU D 66 40.78 11.40 -10.83
CA GLU D 66 41.47 11.60 -9.58
C GLU D 66 40.60 12.38 -8.59
N ARG D 67 40.00 13.46 -9.08
CA ARG D 67 39.12 14.29 -8.25
C ARG D 67 38.02 13.45 -7.63
N SER D 68 37.32 12.67 -8.45
CA SER D 68 36.26 11.79 -7.97
C SER D 68 36.75 10.50 -7.31
N ARG D 69 38.06 10.30 -7.29
CA ARG D 69 38.64 9.14 -6.60
C ARG D 69 38.94 9.48 -5.15
N GLN D 70 39.20 10.76 -4.88
CA GLN D 70 39.41 11.24 -3.52
C GLN D 70 38.08 11.56 -2.85
N ALA D 71 37.02 11.65 -3.66
CA ALA D 71 35.69 11.95 -3.16
C ALA D 71 35.37 11.14 -1.90
N VAL D 72 35.84 9.91 -1.86
CA VAL D 72 35.69 9.07 -0.68
C VAL D 72 36.08 9.88 0.56
N ASP D 73 37.31 10.36 0.57
CA ASP D 73 37.80 11.20 1.66
C ASP D 73 37.18 12.60 1.59
N GLY D 74 37.35 13.27 0.47
CA GLY D 74 36.97 14.67 0.34
C GLY D 74 35.48 14.95 0.41
N VAL D 75 34.65 13.94 0.19
CA VAL D 75 33.20 14.14 0.20
C VAL D 75 32.50 13.32 1.29
N CYS D 76 32.65 12.00 1.23
CA CYS D 76 31.95 11.12 2.16
C CYS D 76 32.45 11.29 3.58
N ARG D 77 33.73 11.00 3.80
CA ARG D 77 34.31 11.11 5.12
C ARG D 77 34.19 12.54 5.64
N HIS D 78 34.42 13.51 4.75
CA HIS D 78 34.37 14.91 5.13
C HIS D 78 33.01 15.26 5.75
N ASN D 79 31.93 14.97 5.02
CA ASN D 79 30.59 15.30 5.47
C ASN D 79 30.15 14.45 6.66
N TYR D 80 30.42 13.15 6.59
CA TYR D 80 30.13 12.26 7.72
C TYR D 80 30.65 12.88 9.01
N ARG D 81 31.94 13.18 9.04
CA ARG D 81 32.57 13.76 10.21
C ARG D 81 31.89 15.05 10.66
N LEU D 82 31.40 15.83 9.69
CA LEU D 82 30.74 17.09 9.99
C LEU D 82 29.34 16.90 10.59
N GLY D 83 28.58 15.97 10.03
CA GLY D 83 27.20 15.76 10.43
C GLY D 83 27.02 14.86 11.64
N ALA D 84 28.02 14.02 11.91
CA ALA D 84 27.90 12.98 12.93
C ALA D 84 27.04 13.37 14.13
N PRO D 85 27.42 14.44 14.84
CA PRO D 85 26.68 14.80 16.05
C PRO D 85 25.16 14.92 15.83
N PHE D 86 24.74 15.35 14.66
CA PHE D 86 23.31 15.58 14.40
C PHE D 86 22.65 14.51 13.52
N THR D 87 23.40 13.46 13.18
CA THR D 87 22.87 12.39 12.35
C THR D 87 23.03 11.02 13.01
N VAL D 88 24.25 10.49 13.02
CA VAL D 88 24.52 9.23 13.68
C VAL D 88 24.31 9.39 15.18
N GLY D 89 24.81 10.51 15.71
CA GLY D 89 24.66 10.82 17.13
C GLY D 89 23.30 11.38 17.50
N ARG D 90 22.35 11.34 16.58
CA ARG D 90 20.99 11.80 16.86
C ARG D 90 20.18 10.69 17.51
N LYS D 91 19.59 10.99 18.67
CA LYS D 91 18.77 10.01 19.38
C LYS D 91 17.59 10.70 20.06
N VAL D 92 16.39 10.22 19.74
CA VAL D 92 15.17 10.86 20.19
C VAL D 92 14.21 9.81 20.76
N GLN D 93 13.67 10.10 21.95
CA GLN D 93 12.87 9.15 22.69
C GLN D 93 11.55 8.86 22.00
N PRO D 94 11.07 7.60 22.09
CA PRO D 94 9.74 7.27 21.60
C PRO D 94 8.69 7.61 22.64
N GLU D 95 7.47 7.89 22.20
CA GLU D 95 6.35 8.12 23.11
C GLU D 95 5.47 6.89 23.08
N VAL D 96 5.47 6.15 24.18
CA VAL D 96 4.82 4.84 24.21
C VAL D 96 3.44 4.92 24.87
N THR D 97 2.43 4.44 24.15
CA THR D 97 1.08 4.38 24.68
C THR D 97 0.46 3.02 24.36
N VAL D 98 -0.41 2.54 25.25
CA VAL D 98 -1.09 1.27 25.05
C VAL D 98 -2.59 1.46 25.23
N TYR D 99 -3.35 1.13 24.21
CA TYR D 99 -4.80 1.29 24.27
C TYR D 99 -5.46 0.17 23.48
N PRO D 100 -6.73 -0.12 23.79
CA PRO D 100 -7.47 -1.15 23.06
C PRO D 100 -8.36 -0.52 21.99
N GLU D 101 -8.66 -1.27 20.93
CA GLU D 101 -9.75 -0.91 20.05
C GLU D 101 -11.03 -1.29 20.77
N ARG D 102 -12.16 -1.07 20.10
CA ARG D 102 -13.44 -1.58 20.59
C ARG D 102 -13.37 -1.81 22.09
N THR D 103 -13.71 -0.76 22.83
CA THR D 103 -13.82 -0.79 24.28
C THR D 103 -14.01 -2.21 24.84
N PRO D 104 -13.07 -2.65 25.69
CA PRO D 104 -12.88 -4.05 26.11
C PRO D 104 -14.01 -4.65 26.93
N LEU D 105 -14.53 -5.77 26.44
CA LEU D 105 -15.51 -6.57 27.17
C LEU D 105 -14.94 -7.95 27.45
N LEU D 106 -15.21 -8.47 28.64
CA LEU D 106 -14.67 -9.78 29.02
C LEU D 106 -15.06 -10.85 28.00
N HIS D 107 -14.15 -11.79 27.76
CA HIS D 107 -14.41 -12.97 26.93
C HIS D 107 -14.59 -12.70 25.44
N GLN D 108 -14.51 -11.44 25.01
CA GLN D 108 -14.67 -11.13 23.58
C GLN D 108 -13.38 -10.63 22.98
N HIS D 109 -13.08 -11.11 21.78
CA HIS D 109 -11.81 -10.82 21.13
C HIS D 109 -11.62 -9.34 20.85
N ASN D 110 -10.37 -8.90 20.96
CA ASN D 110 -10.01 -7.51 20.81
C ASN D 110 -8.58 -7.39 20.32
N LEU D 111 -8.21 -6.19 19.88
CA LEU D 111 -6.82 -5.90 19.54
C LEU D 111 -6.39 -4.74 20.42
N LEU D 112 -5.24 -4.86 21.08
CA LEU D 112 -4.69 -3.70 21.80
C LEU D 112 -3.39 -3.22 21.16
N HIS D 113 -3.34 -1.91 20.92
CA HIS D 113 -2.24 -1.31 20.20
C HIS D 113 -1.15 -0.87 21.17
N CYS D 114 0.10 -1.04 20.77
CA CYS D 114 1.20 -0.36 21.43
C CYS D 114 1.79 0.64 20.44
N SER D 115 1.33 1.88 20.55
CA SER D 115 1.76 2.92 19.61
C SER D 115 3.04 3.57 20.11
N VAL D 116 4.04 3.63 19.23
CA VAL D 116 5.37 4.13 19.58
C VAL D 116 5.76 5.17 18.53
N THR D 117 5.81 6.44 18.93
CA THR D 117 5.92 7.52 17.97
C THR D 117 7.01 8.56 18.31
N GLY D 118 7.48 9.24 17.27
CA GLY D 118 8.38 10.37 17.45
C GLY D 118 9.82 10.04 17.75
N PHE D 119 10.24 8.81 17.44
CA PHE D 119 11.58 8.36 17.81
C PHE D 119 12.55 8.29 16.63
N TYR D 120 13.83 8.35 16.94
CA TYR D 120 14.90 8.22 15.96
C TYR D 120 16.17 7.80 16.67
N PRO D 121 16.97 6.90 16.06
CA PRO D 121 16.80 6.31 14.73
C PRO D 121 15.66 5.30 14.67
N GLY D 122 15.40 4.77 13.49
CA GLY D 122 14.23 3.93 13.26
C GLY D 122 14.38 2.51 13.73
N ASP D 123 15.62 2.11 14.02
CA ASP D 123 15.90 0.75 14.43
C ASP D 123 15.40 0.59 15.87
N ILE D 124 14.44 -0.30 16.10
CA ILE D 124 13.83 -0.43 17.43
C ILE D 124 13.32 -1.85 17.70
N LYS D 125 13.23 -2.20 18.97
CA LYS D 125 12.75 -3.53 19.37
C LYS D 125 11.51 -3.40 20.26
N ILE D 126 10.40 -3.99 19.82
CA ILE D 126 9.13 -3.88 20.53
C ILE D 126 8.55 -5.27 20.77
N LYS D 127 8.15 -5.54 22.00
CA LYS D 127 7.69 -6.87 22.36
C LYS D 127 6.46 -6.82 23.26
N TRP D 128 5.68 -7.88 23.23
CA TRP D 128 4.50 -7.99 24.08
C TRP D 128 4.70 -9.03 25.18
N PHE D 129 4.13 -8.75 26.35
CA PHE D 129 4.21 -9.67 27.48
C PHE D 129 2.85 -9.81 28.14
N LEU D 130 2.50 -11.04 28.49
CA LEU D 130 1.28 -11.32 29.23
C LEU D 130 1.65 -12.02 30.53
N ASN D 131 1.38 -11.35 31.65
CA ASN D 131 1.78 -11.82 32.96
C ASN D 131 3.23 -12.27 32.99
N GLY D 132 4.11 -11.45 32.41
CA GLY D 132 5.55 -11.66 32.50
C GLY D 132 6.13 -12.62 31.47
N GLN D 133 5.26 -13.31 30.74
CA GLN D 133 5.73 -14.24 29.72
C GLN D 133 5.62 -13.60 28.35
N GLU D 134 6.73 -13.48 27.64
CA GLU D 134 6.76 -12.79 26.35
C GLU D 134 5.81 -13.45 25.35
N GLU D 135 4.68 -12.80 25.11
CA GLU D 135 3.68 -13.33 24.20
C GLU D 135 4.08 -12.99 22.76
N ARG D 136 4.63 -13.98 22.06
CA ARG D 136 4.90 -13.86 20.64
C ARG D 136 3.99 -14.83 19.89
N ALA D 137 3.02 -14.26 19.17
CA ALA D 137 1.94 -15.01 18.53
C ALA D 137 0.71 -14.11 18.51
N GLY D 138 0.15 -13.87 17.34
CA GLY D 138 -0.96 -12.93 17.20
C GLY D 138 -0.44 -11.51 17.23
N VAL D 139 0.81 -11.34 16.79
CA VAL D 139 1.47 -10.05 16.81
C VAL D 139 1.66 -9.50 15.41
N MET D 140 1.28 -8.24 15.23
CA MET D 140 1.31 -7.60 13.92
C MET D 140 1.98 -6.25 14.03
N SER D 141 3.03 -6.04 13.25
CA SER D 141 3.75 -4.78 13.26
C SER D 141 3.43 -3.98 12.00
N THR D 142 3.80 -2.71 12.00
CA THR D 142 3.75 -1.90 10.78
C THR D 142 5.17 -1.65 10.28
N GLY D 143 6.15 -2.03 11.08
CA GLY D 143 7.54 -1.73 10.78
C GLY D 143 7.79 -0.25 10.97
N PRO D 144 9.06 0.17 10.95
CA PRO D 144 9.33 1.60 11.11
C PRO D 144 8.72 2.38 9.95
N ILE D 145 8.04 3.48 10.26
CA ILE D 145 7.47 4.32 9.22
C ILE D 145 8.00 5.74 9.36
N ARG D 146 8.54 6.26 8.26
CA ARG D 146 9.16 7.58 8.26
C ARG D 146 8.09 8.67 8.26
N ASN D 147 8.24 9.64 9.15
CA ASN D 147 7.33 10.76 9.23
C ASN D 147 7.83 11.90 8.35
N GLY D 148 9.07 11.77 7.88
CA GLY D 148 9.65 12.75 6.98
C GLY D 148 10.32 13.91 7.70
N ASP D 149 10.48 13.78 9.02
CA ASP D 149 11.01 14.86 9.83
C ASP D 149 12.02 14.32 10.84
N TRP D 150 12.77 13.31 10.43
CA TRP D 150 13.78 12.69 11.29
C TRP D 150 13.16 12.04 12.53
N THR D 151 11.95 11.51 12.38
CA THR D 151 11.36 10.65 13.40
C THR D 151 10.66 9.49 12.72
N PHE D 152 10.65 8.35 13.40
CA PHE D 152 9.93 7.17 12.94
C PHE D 152 8.71 6.96 13.81
N GLN D 153 7.83 6.08 13.38
CA GLN D 153 6.69 5.69 14.19
C GLN D 153 6.32 4.25 13.87
N THR D 154 5.87 3.52 14.90
CA THR D 154 5.43 2.14 14.70
C THR D 154 4.27 1.81 15.63
N VAL D 155 3.50 0.81 15.23
CA VAL D 155 2.42 0.30 16.06
C VAL D 155 2.46 -1.22 16.03
N VAL D 156 2.49 -1.83 17.20
CA VAL D 156 2.52 -3.28 17.29
C VAL D 156 1.25 -3.76 17.98
N MET D 157 0.43 -4.49 17.23
CA MET D 157 -0.87 -4.92 17.73
C MET D 157 -0.82 -6.38 18.17
N LEU D 158 -1.49 -6.66 19.29
CA LEU D 158 -1.56 -8.01 19.82
C LEU D 158 -3.01 -8.47 19.87
N GLU D 159 -3.26 -9.68 19.37
CA GLU D 159 -4.58 -10.27 19.44
C GLU D 159 -4.79 -10.88 20.81
N MET D 160 -5.92 -10.57 21.43
CA MET D 160 -6.24 -11.14 22.73
C MET D 160 -7.71 -10.97 23.08
N THR D 161 -8.19 -11.81 23.98
CA THR D 161 -9.52 -11.63 24.57
C THR D 161 -9.30 -11.19 26.01
N PRO D 162 -9.97 -10.10 26.43
CA PRO D 162 -9.73 -9.65 27.80
C PRO D 162 -10.36 -10.57 28.84
N GLU D 163 -9.56 -11.49 29.38
CA GLU D 163 -10.01 -12.33 30.48
C GLU D 163 -9.38 -11.76 31.75
N LEU D 164 -10.10 -11.83 32.86
CA LEU D 164 -9.63 -11.19 34.08
C LEU D 164 -8.42 -11.93 34.66
N GLY D 165 -7.53 -11.17 35.28
CA GLY D 165 -6.30 -11.71 35.81
C GLY D 165 -5.13 -11.68 34.83
N HIS D 166 -5.33 -11.04 33.69
CA HIS D 166 -4.27 -10.89 32.70
C HIS D 166 -3.84 -9.42 32.59
N VAL D 167 -2.54 -9.18 32.74
CA VAL D 167 -1.98 -7.84 32.54
C VAL D 167 -1.00 -7.83 31.37
N TYR D 168 -1.25 -6.96 30.40
CA TYR D 168 -0.44 -6.87 29.19
C TYR D 168 0.57 -5.74 29.26
N THR D 169 1.81 -6.05 28.91
CA THR D 169 2.89 -5.06 28.92
C THR D 169 3.59 -4.98 27.58
N CYS D 170 3.67 -3.78 27.03
CA CYS D 170 4.47 -3.53 25.83
C CYS D 170 5.84 -3.05 26.29
N LEU D 171 6.88 -3.71 25.80
CA LEU D 171 8.25 -3.42 26.22
C LEU D 171 9.09 -2.89 25.05
N VAL D 172 9.45 -1.62 25.11
CA VAL D 172 10.20 -0.97 24.03
C VAL D 172 11.64 -0.70 24.43
N ASP D 173 12.57 -1.11 23.57
CA ASP D 173 13.99 -0.85 23.81
C ASP D 173 14.55 -0.08 22.61
N HIS D 174 15.39 0.91 22.88
CA HIS D 174 15.84 1.83 21.85
C HIS D 174 17.14 2.54 22.21
N SER D 175 17.92 2.91 21.20
CA SER D 175 19.22 3.54 21.39
C SER D 175 19.15 4.79 22.26
N SER D 176 18.04 5.52 22.17
CA SER D 176 17.86 6.76 22.92
C SER D 176 17.64 6.51 24.41
N LEU D 177 17.23 5.30 24.75
CA LEU D 177 16.88 4.97 26.13
C LEU D 177 18.05 4.33 26.87
N LEU D 178 18.23 4.75 28.12
CA LEU D 178 19.25 4.18 28.98
C LEU D 178 18.71 2.96 29.70
N SER D 179 17.43 2.70 29.47
CA SER D 179 16.75 1.56 30.07
C SER D 179 15.40 1.41 29.38
N PRO D 180 15.05 0.18 28.96
CA PRO D 180 13.82 -0.04 28.19
C PRO D 180 12.59 0.56 28.87
N VAL D 181 11.59 0.89 28.07
CA VAL D 181 10.36 1.50 28.56
C VAL D 181 9.24 0.46 28.56
N SER D 182 8.49 0.41 29.65
CA SER D 182 7.37 -0.51 29.74
C SER D 182 6.08 0.26 29.97
N VAL D 183 5.02 -0.17 29.29
CA VAL D 183 3.69 0.39 29.51
C VAL D 183 2.75 -0.78 29.72
N GLU D 184 1.72 -0.57 30.53
CA GLU D 184 0.86 -1.65 30.95
C GLU D 184 -0.58 -1.45 30.49
N TRP D 185 -1.34 -2.54 30.47
CA TRP D 185 -2.77 -2.48 30.19
C TRP D 185 -3.49 -3.26 31.28
N ARG D 186 -4.75 -2.92 31.53
CA ARG D 186 -5.35 -3.09 32.86
C ARG D 186 -5.79 -4.52 33.27
N ALA D 187 -6.94 -5.05 32.84
CA ALA D 187 -7.91 -4.42 31.94
C ALA D 187 -8.98 -3.65 32.73
N GLN D 188 -9.88 -4.36 33.39
CA GLN D 188 -10.95 -3.70 34.12
C GLN D 188 -10.91 -4.06 35.60
N LEU E 1 -37.33 -33.94 -36.13
CA LEU E 1 -37.19 -32.57 -35.63
C LEU E 1 -35.83 -32.40 -34.94
N GLN E 2 -35.82 -31.85 -33.73
CA GLN E 2 -34.55 -31.52 -33.05
C GLN E 2 -33.65 -32.73 -32.84
N ASN E 3 -32.36 -32.45 -32.58
CA ASN E 3 -31.36 -33.49 -32.37
C ASN E 3 -31.09 -33.74 -30.89
N HIS E 4 -30.73 -34.98 -30.56
CA HIS E 4 -30.29 -35.32 -29.21
C HIS E 4 -28.96 -36.05 -29.29
N THR E 5 -28.14 -35.90 -28.25
CA THR E 5 -26.81 -36.50 -28.24
C THR E 5 -26.71 -37.64 -27.21
N PHE E 6 -26.29 -38.81 -27.67
CA PHE E 6 -26.00 -39.94 -26.79
C PHE E 6 -24.49 -40.08 -26.64
N LEU E 7 -24.00 -39.98 -25.42
CA LEU E 7 -22.56 -39.98 -25.16
C LEU E 7 -22.07 -41.28 -24.54
N HIS E 8 -21.14 -41.92 -25.21
CA HIS E 8 -20.54 -43.17 -24.74
C HIS E 8 -19.07 -42.91 -24.45
N THR E 9 -18.73 -42.79 -23.17
CA THR E 9 -17.39 -42.36 -22.78
C THR E 9 -16.65 -43.41 -21.96
N VAL E 10 -15.68 -44.08 -22.56
CA VAL E 10 -14.80 -44.96 -21.81
C VAL E 10 -13.54 -44.19 -21.45
N TYR E 11 -13.18 -44.21 -20.17
CA TYR E 11 -11.98 -43.50 -19.71
C TYR E 11 -11.25 -44.32 -18.67
N CYS E 12 -9.93 -44.18 -18.64
CA CYS E 12 -9.11 -44.85 -17.65
C CYS E 12 -7.97 -43.94 -17.22
N GLN E 13 -7.37 -44.25 -16.08
CA GLN E 13 -6.41 -43.35 -15.45
C GLN E 13 -5.55 -44.06 -14.42
N ASP E 14 -4.44 -43.43 -14.07
CA ASP E 14 -3.61 -43.90 -12.97
C ASP E 14 -4.37 -43.71 -11.66
N GLY E 15 -4.42 -44.74 -10.83
CA GLY E 15 -5.16 -44.70 -9.58
C GLY E 15 -6.56 -45.26 -9.73
N SER E 16 -7.39 -45.07 -8.71
CA SER E 16 -8.75 -45.60 -8.72
C SER E 16 -9.78 -44.49 -8.96
N PRO E 17 -10.83 -44.78 -9.74
CA PRO E 17 -11.01 -46.02 -10.50
C PRO E 17 -10.10 -46.06 -11.72
N SER E 18 -9.43 -47.19 -11.94
CA SER E 18 -8.47 -47.30 -13.03
C SER E 18 -9.14 -47.26 -14.40
N VAL E 19 -10.45 -47.50 -14.42
CA VAL E 19 -11.20 -47.46 -15.68
C VAL E 19 -12.69 -47.29 -15.37
N GLY E 20 -13.43 -46.71 -16.32
CA GLY E 20 -14.84 -46.46 -16.13
C GLY E 20 -15.56 -46.13 -17.42
N LEU E 21 -16.86 -46.39 -17.46
CA LEU E 21 -17.66 -46.11 -18.65
C LEU E 21 -18.94 -45.41 -18.22
N SER E 22 -19.22 -44.27 -18.85
CA SER E 22 -20.41 -43.50 -18.52
C SER E 22 -21.17 -43.11 -19.78
N GLU E 23 -22.46 -43.48 -19.81
CA GLU E 23 -23.33 -43.09 -20.92
C GLU E 23 -24.28 -41.99 -20.46
N ALA E 24 -24.65 -41.10 -21.38
CA ALA E 24 -25.50 -39.96 -21.04
C ALA E 24 -26.30 -39.46 -22.24
N TYR E 25 -27.58 -39.20 -22.01
CA TYR E 25 -28.46 -38.66 -23.04
C TYR E 25 -28.59 -37.17 -22.78
N ASP E 26 -28.22 -36.35 -23.76
CA ASP E 26 -27.97 -34.94 -23.52
C ASP E 26 -27.02 -34.83 -22.33
N GLU E 27 -27.33 -33.98 -21.35
CA GLU E 27 -26.43 -33.79 -20.21
C GLU E 27 -26.46 -34.97 -19.23
N ASP E 28 -27.64 -35.55 -19.06
CA ASP E 28 -27.89 -36.45 -17.93
C ASP E 28 -27.43 -37.88 -18.17
N GLN E 29 -27.04 -38.54 -17.09
CA GLN E 29 -26.45 -39.87 -17.16
C GLN E 29 -27.52 -40.96 -17.17
N LEU E 30 -27.41 -41.89 -18.12
CA LEU E 30 -28.31 -43.04 -18.20
C LEU E 30 -27.70 -44.20 -17.44
N PHE E 31 -26.49 -44.56 -17.82
CA PHE E 31 -25.78 -45.68 -17.21
C PHE E 31 -24.33 -45.35 -16.93
N PHE E 32 -23.79 -45.98 -15.90
CA PHE E 32 -22.35 -46.12 -15.73
C PHE E 32 -22.08 -47.60 -15.60
N PHE E 33 -20.88 -48.02 -15.99
CA PHE E 33 -20.59 -49.45 -16.08
C PHE E 33 -19.92 -49.98 -14.81
N ASP E 34 -20.41 -51.12 -14.33
CA ASP E 34 -19.75 -51.85 -13.27
C ASP E 34 -18.94 -52.95 -13.95
N PHE E 35 -17.62 -52.84 -13.88
CA PHE E 35 -16.74 -53.73 -14.63
C PHE E 35 -16.50 -55.07 -13.96
N SER E 36 -16.42 -55.08 -12.64
CA SER E 36 -16.27 -56.33 -11.90
C SER E 36 -17.51 -57.20 -12.09
N GLN E 37 -18.66 -56.54 -12.23
CA GLN E 37 -19.93 -57.24 -12.43
C GLN E 37 -20.25 -57.33 -13.92
N ASN E 38 -19.53 -56.54 -14.71
CA ASN E 38 -19.60 -56.60 -16.16
C ASN E 38 -21.02 -56.35 -16.68
N THR E 39 -21.57 -55.19 -16.31
CA THR E 39 -22.93 -54.84 -16.71
C THR E 39 -23.22 -53.36 -16.48
N ARG E 40 -24.18 -52.82 -17.19
CA ARG E 40 -24.57 -51.42 -17.04
C ARG E 40 -25.36 -51.22 -15.75
N VAL E 41 -25.02 -50.18 -15.00
CA VAL E 41 -25.78 -49.80 -13.83
C VAL E 41 -26.54 -48.51 -14.14
N PRO E 42 -27.87 -48.53 -13.98
CA PRO E 42 -28.70 -47.38 -14.29
C PRO E 42 -28.68 -46.29 -13.22
N ARG E 43 -28.69 -45.04 -13.65
CA ARG E 43 -28.76 -43.90 -12.73
C ARG E 43 -30.11 -43.90 -12.01
N LEU E 44 -31.17 -44.10 -12.78
CA LEU E 44 -32.52 -44.18 -12.24
C LEU E 44 -33.13 -45.56 -12.47
N PRO E 45 -34.05 -45.97 -11.57
CA PRO E 45 -34.80 -47.23 -11.67
C PRO E 45 -35.42 -47.45 -13.06
N GLU E 46 -35.96 -46.39 -13.66
CA GLU E 46 -36.69 -46.52 -14.92
C GLU E 46 -35.82 -46.95 -16.10
N PHE E 47 -34.50 -46.89 -15.94
CA PHE E 47 -33.58 -47.31 -17.01
C PHE E 47 -33.14 -48.76 -16.80
N ALA E 48 -33.60 -49.37 -15.72
CA ALA E 48 -33.19 -50.72 -15.36
C ALA E 48 -33.39 -51.71 -16.51
N ASP E 49 -34.51 -51.55 -17.22
CA ASP E 49 -34.90 -52.50 -18.26
C ASP E 49 -33.86 -52.65 -19.36
N TRP E 50 -33.17 -51.56 -19.69
CA TRP E 50 -32.21 -51.57 -20.79
C TRP E 50 -30.77 -51.65 -20.34
N ALA E 51 -30.56 -52.00 -19.08
CA ALA E 51 -29.21 -52.18 -18.55
C ALA E 51 -28.61 -53.51 -18.99
N GLN E 52 -29.47 -54.42 -19.43
CA GLN E 52 -29.05 -55.77 -19.78
C GLN E 52 -28.58 -55.87 -21.22
N GLU E 53 -29.19 -55.09 -22.11
CA GLU E 53 -28.83 -55.08 -23.52
C GLU E 53 -27.32 -55.19 -23.70
N GLN E 54 -26.87 -56.20 -24.44
CA GLN E 54 -25.45 -56.47 -24.60
C GLN E 54 -25.01 -56.63 -26.06
N GLY E 55 -25.60 -55.85 -26.94
CA GLY E 55 -25.22 -55.85 -28.34
C GLY E 55 -23.73 -55.57 -28.53
N ASP E 56 -23.14 -54.83 -27.59
CA ASP E 56 -21.81 -54.27 -27.78
C ASP E 56 -20.76 -54.80 -26.80
N ALA E 57 -21.08 -55.86 -26.07
CA ALA E 57 -20.14 -56.45 -25.12
C ALA E 57 -18.68 -56.40 -25.60
N PRO E 58 -18.41 -56.94 -26.80
CA PRO E 58 -17.03 -56.90 -27.32
C PRO E 58 -16.53 -55.49 -27.59
N ALA E 59 -17.32 -54.69 -28.31
CA ALA E 59 -16.93 -53.32 -28.65
C ALA E 59 -16.42 -52.60 -27.42
N ILE E 60 -17.20 -52.65 -26.33
CA ILE E 60 -16.80 -52.01 -25.08
C ILE E 60 -15.47 -52.57 -24.58
N LEU E 61 -15.36 -53.89 -24.48
CA LEU E 61 -14.13 -54.52 -24.03
C LEU E 61 -12.95 -53.98 -24.81
N PHE E 62 -13.09 -53.92 -26.14
CA PHE E 62 -12.04 -53.38 -26.99
C PHE E 62 -11.55 -52.05 -26.44
N ASP E 63 -12.48 -51.11 -26.29
CA ASP E 63 -12.15 -49.77 -25.82
C ASP E 63 -11.46 -49.82 -24.46
N LYS E 64 -12.12 -50.44 -23.48
CA LYS E 64 -11.53 -50.64 -22.17
C LYS E 64 -10.06 -51.08 -22.29
N GLU E 65 -9.83 -52.18 -23.00
CA GLU E 65 -8.50 -52.75 -23.14
C GLU E 65 -7.53 -51.78 -23.79
N PHE E 66 -8.00 -51.06 -24.82
CA PHE E 66 -7.16 -50.10 -25.52
C PHE E 66 -6.84 -48.94 -24.60
N CYS E 67 -7.88 -48.36 -24.03
CA CYS E 67 -7.74 -47.25 -23.11
C CYS E 67 -6.73 -47.59 -22.01
N GLU E 68 -6.90 -48.74 -21.37
CA GLU E 68 -5.97 -49.20 -20.35
C GLU E 68 -4.54 -49.28 -20.89
N TRP E 69 -4.40 -49.89 -22.06
CA TRP E 69 -3.09 -50.00 -22.69
C TRP E 69 -2.40 -48.64 -22.77
N MET E 70 -3.15 -47.62 -23.19
CA MET E 70 -2.60 -46.27 -23.29
C MET E 70 -1.98 -45.85 -21.96
N ILE E 71 -2.70 -46.04 -20.87
CA ILE E 71 -2.23 -45.65 -19.55
C ILE E 71 -0.96 -46.39 -19.14
N GLN E 72 -0.92 -47.69 -19.44
CA GLN E 72 0.17 -48.55 -18.98
C GLN E 72 1.44 -48.38 -19.82
N GLN E 73 1.29 -48.44 -21.14
CA GLN E 73 2.46 -48.39 -22.03
C GLN E 73 2.88 -46.97 -22.32
N ILE E 74 1.92 -46.12 -22.67
CA ILE E 74 2.18 -44.70 -22.81
C ILE E 74 1.87 -44.00 -21.50
N GLY E 75 2.69 -43.03 -21.12
CA GLY E 75 2.49 -42.31 -19.88
C GLY E 75 3.72 -42.41 -19.01
N PRO E 76 4.18 -43.64 -18.74
CA PRO E 76 5.50 -43.82 -18.15
C PRO E 76 6.56 -43.24 -19.10
N LYS E 77 6.19 -43.17 -20.38
CA LYS E 77 7.05 -42.59 -21.41
C LYS E 77 6.95 -41.06 -21.40
N LEU E 78 5.77 -40.53 -21.13
CA LEU E 78 5.57 -39.08 -21.07
C LEU E 78 5.90 -38.54 -19.68
N ASP E 79 5.84 -39.43 -18.68
CA ASP E 79 6.31 -39.15 -17.33
C ASP E 79 7.52 -38.20 -17.38
N GLY E 80 7.35 -37.00 -16.85
CA GLY E 80 8.45 -36.05 -16.76
C GLY E 80 8.68 -35.22 -18.00
N LYS E 81 8.30 -35.75 -19.16
CA LYS E 81 8.41 -35.01 -20.41
C LYS E 81 7.23 -34.08 -20.62
N ILE E 82 6.06 -34.51 -20.17
CA ILE E 82 4.83 -33.74 -20.35
C ILE E 82 4.04 -33.63 -19.04
N PRO E 83 3.43 -32.47 -18.80
CA PRO E 83 2.78 -32.22 -17.51
C PRO E 83 1.39 -32.85 -17.41
N VAL E 84 1.10 -33.45 -16.26
CA VAL E 84 -0.18 -34.10 -16.02
C VAL E 84 -1.29 -33.08 -15.88
N SER E 85 -2.21 -33.08 -16.85
CA SER E 85 -3.31 -32.13 -16.86
C SER E 85 -4.22 -32.35 -15.67
N ARG E 86 -4.51 -31.28 -14.95
CA ARG E 86 -5.47 -31.33 -13.86
C ARG E 86 -6.16 -29.99 -13.67
N GLY E 87 -7.38 -30.03 -13.12
CA GLY E 87 -8.08 -28.84 -12.71
C GLY E 87 -8.33 -28.88 -11.22
N PHE E 88 -8.66 -27.74 -10.63
CA PHE E 88 -9.09 -27.71 -9.24
C PHE E 88 -10.62 -27.70 -9.20
N PRO E 89 -11.21 -28.74 -8.57
CA PRO E 89 -12.65 -28.94 -8.62
C PRO E 89 -13.42 -27.82 -7.96
N ILE E 90 -14.64 -27.59 -8.44
CA ILE E 90 -15.49 -26.55 -7.88
C ILE E 90 -16.72 -27.21 -7.26
N ALA E 91 -16.96 -26.90 -6.00
CA ALA E 91 -18.12 -27.44 -5.31
C ALA E 91 -19.09 -26.30 -5.07
N GLU E 92 -20.36 -26.58 -5.30
CA GLU E 92 -21.42 -25.63 -4.98
C GLU E 92 -22.63 -26.40 -4.48
N VAL E 93 -23.32 -25.84 -3.48
CA VAL E 93 -24.40 -26.55 -2.83
C VAL E 93 -25.69 -25.75 -2.86
N PHE E 94 -26.76 -26.41 -3.29
CA PHE E 94 -28.06 -25.78 -3.42
C PHE E 94 -29.16 -26.78 -3.13
N THR E 95 -30.32 -26.31 -2.72
CA THR E 95 -31.42 -27.19 -2.37
C THR E 95 -32.16 -27.66 -3.61
N LEU E 96 -32.74 -28.85 -3.52
CA LEU E 96 -33.45 -29.46 -4.64
C LEU E 96 -34.78 -28.75 -4.85
N LYS E 97 -35.46 -28.45 -3.74
CA LYS E 97 -36.70 -27.68 -3.76
C LYS E 97 -36.50 -26.36 -3.03
N PRO E 98 -37.33 -25.35 -3.35
CA PRO E 98 -37.30 -24.04 -2.70
C PRO E 98 -37.30 -24.13 -1.18
N LEU E 99 -36.46 -23.32 -0.54
CA LEU E 99 -36.33 -23.32 0.91
C LEU E 99 -37.63 -22.98 1.63
N GLU E 100 -38.11 -23.93 2.43
CA GLU E 100 -39.17 -23.68 3.40
C GLU E 100 -38.79 -24.37 4.70
N PHE E 101 -38.80 -23.63 5.80
CA PHE E 101 -38.33 -24.17 7.07
C PHE E 101 -39.26 -25.26 7.59
N GLY E 102 -38.70 -26.20 8.35
CA GLY E 102 -39.46 -27.30 8.91
C GLY E 102 -40.01 -28.28 7.89
N LYS E 103 -39.66 -28.08 6.62
CA LYS E 103 -40.13 -28.96 5.54
C LYS E 103 -38.97 -29.71 4.92
N PRO E 104 -39.04 -31.05 4.91
CA PRO E 104 -37.93 -31.86 4.40
C PRO E 104 -37.46 -31.42 3.03
N ASN E 105 -36.15 -31.46 2.80
CA ASN E 105 -35.58 -31.03 1.54
C ASN E 105 -34.32 -31.84 1.27
N THR E 106 -33.55 -31.42 0.27
CA THR E 106 -32.35 -32.15 -0.12
C THR E 106 -31.28 -31.18 -0.59
N LEU E 107 -30.10 -31.26 0.01
CA LEU E 107 -28.96 -30.49 -0.44
C LEU E 107 -28.26 -31.24 -1.56
N VAL E 108 -27.97 -30.53 -2.65
CA VAL E 108 -27.21 -31.10 -3.75
C VAL E 108 -25.82 -30.52 -3.74
N CYS E 109 -24.81 -31.39 -3.78
CA CYS E 109 -23.43 -30.96 -3.91
C CYS E 109 -23.00 -31.21 -5.34
N PHE E 110 -22.93 -30.14 -6.12
CA PHE E 110 -22.59 -30.27 -7.52
C PHE E 110 -21.12 -29.94 -7.74
N VAL E 111 -20.34 -30.99 -8.01
CA VAL E 111 -18.92 -30.85 -8.23
C VAL E 111 -18.67 -30.75 -9.74
N SER E 112 -17.90 -29.74 -10.13
CA SER E 112 -17.61 -29.50 -11.54
C SER E 112 -16.12 -29.24 -11.72
N ASN E 113 -15.68 -29.23 -12.97
CA ASN E 113 -14.26 -29.09 -13.26
C ASN E 113 -13.45 -30.15 -12.52
N LEU E 114 -14.01 -31.36 -12.48
CA LEU E 114 -13.36 -32.48 -11.83
C LEU E 114 -12.48 -33.21 -12.82
N PHE E 115 -11.18 -33.21 -12.57
CA PHE E 115 -10.21 -33.85 -13.45
C PHE E 115 -8.87 -33.94 -12.74
N PRO E 116 -8.34 -35.17 -12.56
CA PRO E 116 -8.93 -36.44 -12.97
C PRO E 116 -10.18 -36.82 -12.17
N PRO E 117 -10.95 -37.80 -12.65
CA PRO E 117 -12.17 -38.23 -11.98
C PRO E 117 -11.82 -39.12 -10.79
N MET E 118 -11.39 -38.48 -9.71
CA MET E 118 -10.85 -39.18 -8.56
C MET E 118 -11.16 -38.36 -7.31
N LEU E 119 -12.20 -38.73 -6.58
CA LEU E 119 -12.64 -37.90 -5.45
C LEU E 119 -13.46 -38.64 -4.39
N THR E 120 -13.64 -37.97 -3.26
CA THR E 120 -14.57 -38.40 -2.22
C THR E 120 -15.30 -37.17 -1.70
N VAL E 121 -16.55 -37.35 -1.28
CA VAL E 121 -17.36 -36.23 -0.82
C VAL E 121 -17.93 -36.50 0.56
N ASN E 122 -17.91 -35.47 1.41
CA ASN E 122 -18.39 -35.59 2.79
C ASN E 122 -19.12 -34.33 3.23
N TRP E 123 -20.19 -34.51 3.99
CA TRP E 123 -21.01 -33.38 4.43
C TRP E 123 -20.72 -32.97 5.86
N GLN E 124 -20.99 -31.71 6.18
CA GLN E 124 -20.80 -31.20 7.53
C GLN E 124 -21.92 -30.24 7.92
N HIS E 125 -22.35 -30.35 9.17
CA HIS E 125 -23.37 -29.47 9.72
C HIS E 125 -22.72 -28.68 10.86
N HIS E 126 -22.62 -27.37 10.69
CA HIS E 126 -21.88 -26.53 11.65
C HIS E 126 -20.50 -27.11 11.91
N SER E 127 -19.80 -27.49 10.85
CA SER E 127 -18.47 -28.06 10.97
C SER E 127 -18.50 -29.39 11.74
N VAL E 128 -19.57 -30.15 11.54
CA VAL E 128 -19.70 -31.46 12.17
C VAL E 128 -20.03 -32.53 11.13
N PRO E 129 -19.24 -33.62 11.09
CA PRO E 129 -19.49 -34.72 10.16
C PRO E 129 -20.94 -35.17 10.14
N VAL E 130 -21.38 -35.67 8.99
CA VAL E 130 -22.77 -36.12 8.82
C VAL E 130 -22.82 -37.14 7.69
N GLU E 131 -23.39 -38.31 7.96
CA GLU E 131 -23.47 -39.34 6.93
C GLU E 131 -24.38 -38.88 5.79
N GLY E 132 -23.83 -38.86 4.58
CA GLY E 132 -24.56 -38.40 3.41
C GLY E 132 -25.45 -39.48 2.84
N PHE E 133 -26.72 -39.13 2.60
CA PHE E 133 -27.68 -40.06 2.04
C PHE E 133 -27.31 -40.47 0.62
N GLY E 134 -26.94 -41.73 0.45
CA GLY E 134 -26.65 -42.27 -0.87
C GLY E 134 -25.21 -42.09 -1.30
N PRO E 135 -24.90 -42.51 -2.53
CA PRO E 135 -23.57 -42.51 -3.13
C PRO E 135 -23.19 -41.18 -3.78
N THR E 136 -22.12 -41.19 -4.55
CA THR E 136 -21.68 -40.02 -5.30
C THR E 136 -21.55 -40.40 -6.78
N PHE E 137 -22.38 -39.81 -7.62
CA PHE E 137 -22.46 -40.20 -9.03
C PHE E 137 -21.47 -39.42 -9.88
N VAL E 138 -20.39 -40.08 -10.27
CA VAL E 138 -19.42 -39.47 -11.17
C VAL E 138 -19.88 -39.64 -12.61
N SER E 139 -19.59 -38.65 -13.46
CA SER E 139 -20.11 -38.65 -14.82
C SER E 139 -19.24 -37.81 -15.76
N ALA E 140 -18.95 -38.36 -16.93
CA ALA E 140 -18.16 -37.65 -17.93
C ALA E 140 -19.04 -36.65 -18.66
N VAL E 141 -18.45 -35.54 -19.08
CA VAL E 141 -19.17 -34.50 -19.81
C VAL E 141 -18.47 -34.17 -21.12
N ASP E 142 -19.13 -33.36 -21.94
CA ASP E 142 -18.54 -32.88 -23.18
C ASP E 142 -17.36 -31.97 -22.84
N GLY E 143 -16.23 -32.20 -23.50
CA GLY E 143 -15.03 -31.44 -23.22
C GLY E 143 -13.92 -32.25 -22.57
N LEU E 144 -14.17 -33.54 -22.37
CA LEU E 144 -13.20 -34.44 -21.73
C LEU E 144 -12.95 -34.10 -20.26
N SER E 145 -13.95 -33.49 -19.62
CA SER E 145 -13.88 -33.24 -18.18
C SER E 145 -14.88 -34.15 -17.48
N PHE E 146 -15.11 -33.92 -16.21
CA PHE E 146 -16.04 -34.74 -15.45
C PHE E 146 -16.81 -33.89 -14.45
N GLN E 147 -17.87 -34.45 -13.88
CA GLN E 147 -18.63 -33.79 -12.84
C GLN E 147 -19.17 -34.84 -11.89
N ALA E 148 -19.67 -34.40 -10.73
CA ALA E 148 -20.18 -35.34 -9.74
C ALA E 148 -21.33 -34.75 -8.94
N PHE E 149 -22.20 -35.64 -8.45
CA PHE E 149 -23.33 -35.26 -7.63
C PHE E 149 -23.40 -36.11 -6.37
N SER E 150 -23.65 -35.46 -5.24
CA SER E 150 -23.91 -36.14 -3.99
C SER E 150 -25.03 -35.41 -3.27
N TYR E 151 -25.90 -36.16 -2.58
CA TYR E 151 -27.09 -35.57 -1.98
C TYR E 151 -27.14 -35.82 -0.48
N LEU E 152 -27.81 -34.92 0.23
CA LEU E 152 -28.01 -35.05 1.66
C LEU E 152 -29.43 -34.66 2.01
N ASN E 153 -30.16 -35.56 2.67
CA ASN E 153 -31.50 -35.27 3.12
C ASN E 153 -31.44 -34.51 4.44
N PHE E 154 -32.26 -33.45 4.54
CA PHE E 154 -32.26 -32.62 5.73
C PHE E 154 -33.54 -31.80 5.80
N THR E 155 -33.85 -31.32 7.00
CA THR E 155 -35.01 -30.45 7.18
C THR E 155 -34.51 -29.10 7.72
N PRO E 156 -34.51 -28.07 6.86
CA PRO E 156 -33.86 -26.79 7.15
C PRO E 156 -34.47 -26.03 8.32
N GLU E 157 -33.61 -25.40 9.11
CA GLU E 157 -34.02 -24.56 10.23
C GLU E 157 -33.12 -23.34 10.26
N PRO E 158 -33.67 -22.17 10.64
CA PRO E 158 -32.97 -20.87 10.59
C PRO E 158 -31.47 -20.91 10.92
N SER E 159 -31.09 -21.53 12.03
CA SER E 159 -29.71 -21.46 12.50
C SER E 159 -28.76 -22.34 11.69
N ASP E 160 -29.32 -23.21 10.85
CA ASP E 160 -28.52 -24.18 10.09
C ASP E 160 -27.45 -23.52 9.22
N ILE E 161 -26.27 -24.15 9.21
CA ILE E 161 -25.30 -23.93 8.15
C ILE E 161 -24.75 -25.30 7.79
N PHE E 162 -24.67 -25.58 6.49
CA PHE E 162 -24.14 -26.85 6.04
C PHE E 162 -22.92 -26.60 5.16
N SER E 163 -22.09 -27.62 4.99
CA SER E 163 -20.93 -27.50 4.12
C SER E 163 -20.63 -28.80 3.41
N CYS E 164 -20.15 -28.68 2.18
CA CYS E 164 -19.73 -29.83 1.39
C CYS E 164 -18.22 -29.77 1.19
N ILE E 165 -17.56 -30.90 1.41
CA ILE E 165 -16.10 -30.94 1.37
C ILE E 165 -15.63 -32.00 0.38
N VAL E 166 -15.04 -31.55 -0.71
CA VAL E 166 -14.61 -32.43 -1.79
C VAL E 166 -13.10 -32.68 -1.68
N THR E 167 -12.71 -33.95 -1.74
CA THR E 167 -11.31 -34.32 -1.66
C THR E 167 -10.83 -34.90 -2.99
N HIS E 168 -10.03 -34.12 -3.72
CA HIS E 168 -9.42 -34.56 -4.97
C HIS E 168 -8.30 -35.52 -4.61
N GLU E 169 -8.44 -36.78 -4.99
CA GLU E 169 -7.61 -37.84 -4.44
C GLU E 169 -6.15 -37.88 -4.93
N ILE E 170 -5.82 -37.07 -5.93
CA ILE E 170 -4.41 -36.87 -6.24
C ILE E 170 -3.91 -35.67 -5.42
N ASP E 171 -3.17 -35.97 -4.34
CA ASP E 171 -2.67 -34.96 -3.41
C ASP E 171 -3.69 -34.52 -2.36
N ARG E 172 -4.88 -35.12 -2.37
CA ARG E 172 -5.88 -34.87 -1.34
C ARG E 172 -6.22 -33.39 -1.17
N TYR E 173 -6.28 -32.66 -2.28
CA TYR E 173 -6.68 -31.25 -2.24
C TYR E 173 -8.16 -31.11 -1.90
N THR E 174 -8.47 -30.25 -0.93
CA THR E 174 -9.85 -30.03 -0.50
C THR E 174 -10.41 -28.68 -1.00
N ALA E 175 -11.66 -28.67 -1.45
CA ALA E 175 -12.29 -27.45 -1.96
C ALA E 175 -13.75 -27.34 -1.47
N ILE E 176 -14.06 -26.43 -0.55
CA ILE E 176 -15.37 -26.43 0.09
C ILE E 176 -16.42 -25.45 -0.44
N ALA E 177 -17.66 -25.68 0.00
CA ALA E 177 -18.79 -24.84 -0.36
C ALA E 177 -19.83 -24.88 0.76
N TYR E 178 -20.13 -23.71 1.32
CA TYR E 178 -21.11 -23.59 2.41
C TYR E 178 -22.51 -23.36 1.87
N TRP E 179 -23.51 -23.73 2.67
CA TRP E 179 -24.90 -23.45 2.37
C TRP E 179 -25.60 -22.94 3.62
N VAL E 180 -26.44 -21.93 3.47
CA VAL E 180 -27.24 -21.43 4.56
C VAL E 180 -28.60 -20.97 4.06
N PRO E 181 -29.59 -20.89 4.97
CA PRO E 181 -30.90 -20.36 4.63
C PRO E 181 -30.82 -18.93 4.10
N ARG E 182 -31.28 -18.73 2.87
CA ARG E 182 -31.31 -17.41 2.26
C ARG E 182 -32.66 -17.18 1.60
N ASN E 183 -33.36 -16.13 2.02
CA ASN E 183 -34.64 -15.80 1.43
C ASN E 183 -35.58 -17.00 1.41
N ALA E 184 -35.93 -17.48 2.60
CA ALA E 184 -36.82 -18.63 2.72
C ALA E 184 -38.22 -18.26 2.25
N LEU E 185 -38.95 -19.24 1.74
CA LEU E 185 -40.32 -19.03 1.29
C LEU E 185 -41.27 -19.30 2.43
N PRO E 186 -42.34 -18.49 2.54
CA PRO E 186 -43.37 -18.81 3.53
C PRO E 186 -44.17 -20.04 3.10
N SER E 187 -44.66 -20.81 4.08
CA SER E 187 -45.40 -22.02 3.79
C SER E 187 -46.90 -21.81 4.01
N ASP E 188 -47.72 -21.99 2.97
CA ASP E 188 -47.27 -22.33 1.63
C ASP E 188 -48.35 -22.01 0.61
N PHE F 1 -2.62 -39.09 -15.10
CA PHE F 1 -2.89 -39.25 -16.53
C PHE F 1 -4.26 -39.90 -16.76
N VAL F 2 -5.05 -39.28 -17.63
CA VAL F 2 -6.36 -39.80 -17.99
C VAL F 2 -6.44 -40.01 -19.49
N ALA F 3 -7.15 -41.07 -19.90
CA ALA F 3 -7.35 -41.37 -21.31
C ALA F 3 -8.83 -41.56 -21.59
N HIS F 4 -9.23 -41.27 -22.83
CA HIS F 4 -10.61 -41.47 -23.25
C HIS F 4 -10.72 -42.28 -24.53
N VAL F 5 -11.86 -42.96 -24.67
CA VAL F 5 -12.33 -43.43 -25.97
C VAL F 5 -13.80 -43.05 -26.03
N GLU F 6 -14.11 -41.99 -26.76
CA GLU F 6 -15.45 -41.42 -26.73
C GLU F 6 -16.24 -41.67 -28.01
N SER F 7 -17.26 -42.52 -27.89
CA SER F 7 -18.22 -42.70 -28.97
C SER F 7 -19.41 -41.80 -28.71
N THR F 8 -19.84 -41.05 -29.72
CA THR F 8 -20.97 -40.14 -29.55
C THR F 8 -21.91 -40.23 -30.75
N CYS F 9 -23.17 -40.60 -30.47
CA CYS F 9 -24.18 -40.70 -31.52
C CYS F 9 -25.10 -39.48 -31.49
N LEU F 10 -25.43 -38.98 -32.67
CA LEU F 10 -26.36 -37.85 -32.80
C LEU F 10 -27.60 -38.32 -33.54
N LEU F 11 -28.75 -38.25 -32.88
CA LEU F 11 -29.99 -38.72 -33.47
C LEU F 11 -31.13 -37.73 -33.25
N ASP F 12 -32.10 -37.73 -34.16
CA ASP F 12 -33.27 -36.88 -34.02
C ASP F 12 -34.29 -37.62 -33.15
N ASP F 13 -35.44 -36.98 -32.91
CA ASP F 13 -36.48 -37.58 -32.07
C ASP F 13 -36.88 -38.96 -32.55
N ALA F 14 -36.89 -39.15 -33.87
CA ALA F 14 -37.34 -40.39 -34.48
C ALA F 14 -36.41 -41.58 -34.20
N GLY F 15 -35.14 -41.30 -33.97
CA GLY F 15 -34.15 -42.35 -33.78
C GLY F 15 -33.34 -42.55 -35.05
N THR F 16 -33.42 -41.59 -35.96
CA THR F 16 -32.71 -41.65 -37.22
C THR F 16 -31.34 -40.99 -37.07
N PRO F 17 -30.27 -41.80 -37.10
CA PRO F 17 -28.92 -41.30 -36.82
C PRO F 17 -28.45 -40.27 -37.85
N LYS F 18 -27.92 -39.16 -37.35
CA LYS F 18 -27.50 -38.06 -38.20
C LYS F 18 -25.98 -37.86 -38.21
N ASP F 19 -25.33 -38.17 -37.10
CA ASP F 19 -23.88 -38.10 -37.02
C ASP F 19 -23.35 -39.12 -36.02
N PHE F 20 -22.10 -39.52 -36.21
CA PHE F 20 -21.45 -40.46 -35.30
C PHE F 20 -19.95 -40.17 -35.24
N THR F 21 -19.40 -40.12 -34.03
CA THR F 21 -17.98 -39.87 -33.86
C THR F 21 -17.33 -40.87 -32.90
N TYR F 22 -16.06 -41.16 -33.14
CA TYR F 22 -15.29 -42.06 -32.31
C TYR F 22 -13.91 -41.44 -32.13
N CYS F 23 -13.58 -41.04 -30.90
CA CYS F 23 -12.37 -40.27 -30.65
C CYS F 23 -11.48 -40.87 -29.58
N ILE F 24 -10.18 -40.62 -29.71
CA ILE F 24 -9.18 -41.13 -28.77
C ILE F 24 -8.42 -39.95 -28.17
N SER F 25 -8.44 -39.84 -26.85
CA SER F 25 -7.82 -38.71 -26.18
C SER F 25 -6.87 -39.18 -25.09
N PHE F 26 -5.86 -38.36 -24.84
CA PHE F 26 -4.93 -38.63 -23.75
C PHE F 26 -4.56 -37.32 -23.06
N ASN F 27 -4.59 -37.33 -21.73
CA ASN F 27 -4.23 -36.15 -20.95
C ASN F 27 -5.07 -34.93 -21.32
N LYS F 28 -6.37 -35.14 -21.51
CA LYS F 28 -7.29 -34.08 -21.87
C LYS F 28 -6.95 -33.46 -23.22
N ASP F 29 -6.21 -34.22 -24.03
CA ASP F 29 -5.87 -33.79 -25.38
C ASP F 29 -6.51 -34.71 -26.41
N LEU F 30 -7.40 -34.17 -27.22
CA LEU F 30 -8.02 -34.93 -28.30
C LEU F 30 -6.97 -35.19 -29.37
N LEU F 31 -6.60 -36.46 -29.55
CA LEU F 31 -5.48 -36.81 -30.43
C LEU F 31 -5.91 -37.25 -31.83
N THR F 32 -6.86 -38.17 -31.90
CA THR F 32 -7.29 -38.68 -33.20
C THR F 32 -8.75 -39.15 -33.16
N CYS F 33 -9.47 -38.86 -34.24
CA CYS F 33 -10.87 -39.25 -34.37
C CYS F 33 -11.14 -39.99 -35.68
N TRP F 34 -12.18 -40.80 -35.66
CA TRP F 34 -12.62 -41.52 -36.85
C TRP F 34 -12.92 -40.54 -37.99
N ASP F 35 -12.45 -40.87 -39.18
CA ASP F 35 -12.70 -40.05 -40.37
C ASP F 35 -13.44 -40.85 -41.42
N PRO F 36 -14.76 -40.58 -41.59
CA PRO F 36 -15.56 -41.36 -42.54
C PRO F 36 -15.12 -41.20 -43.99
N GLU F 37 -14.91 -39.95 -44.44
CA GLU F 37 -14.44 -39.71 -45.79
C GLU F 37 -13.17 -40.50 -46.11
N GLU F 38 -12.32 -40.70 -45.11
CA GLU F 38 -11.08 -41.45 -45.29
C GLU F 38 -11.17 -42.89 -44.74
N ASN F 39 -12.27 -43.20 -44.07
CA ASN F 39 -12.45 -44.51 -43.45
C ASN F 39 -11.24 -44.97 -42.64
N LYS F 40 -10.67 -44.06 -41.86
CA LYS F 40 -9.58 -44.38 -40.95
C LYS F 40 -9.49 -43.32 -39.84
N MET F 41 -8.71 -43.64 -38.81
CA MET F 41 -8.46 -42.68 -37.74
C MET F 41 -7.46 -41.64 -38.24
N ALA F 42 -7.80 -40.37 -38.04
CA ALA F 42 -6.96 -39.27 -38.53
C ALA F 42 -6.62 -38.30 -37.40
N PRO F 43 -5.32 -38.05 -37.19
CA PRO F 43 -4.85 -37.13 -36.14
C PRO F 43 -5.60 -35.79 -36.11
N CYS F 44 -6.13 -35.44 -34.95
CA CYS F 44 -6.77 -34.14 -34.77
C CYS F 44 -5.82 -33.15 -34.10
N GLU F 45 -4.69 -33.64 -33.62
CA GLU F 45 -3.75 -32.82 -32.86
C GLU F 45 -2.45 -32.65 -33.63
N PHE F 46 -2.13 -31.42 -34.00
CA PHE F 46 -0.88 -31.13 -34.70
C PHE F 46 -0.05 -30.19 -33.83
N GLY F 47 0.45 -30.74 -32.73
CA GLY F 47 1.17 -29.95 -31.74
C GLY F 47 2.23 -30.81 -31.07
N VAL F 48 2.32 -30.70 -29.75
CA VAL F 48 3.38 -31.38 -29.02
C VAL F 48 3.19 -32.89 -29.12
N LEU F 49 1.95 -33.34 -29.03
CA LEU F 49 1.62 -34.76 -29.02
C LEU F 49 1.37 -35.33 -30.42
N ASN F 50 1.52 -34.50 -31.45
CA ASN F 50 1.31 -34.95 -32.82
C ASN F 50 1.96 -36.31 -33.07
N SER F 51 3.24 -36.43 -32.73
CA SER F 51 3.96 -37.71 -32.81
C SER F 51 3.06 -38.84 -32.33
N LEU F 52 2.54 -38.68 -31.13
CA LEU F 52 1.66 -39.68 -30.51
C LEU F 52 0.39 -39.92 -31.31
N ALA F 53 -0.25 -38.84 -31.74
CA ALA F 53 -1.50 -38.93 -32.49
C ALA F 53 -1.34 -39.85 -33.72
N ASN F 54 -0.22 -39.72 -34.41
CA ASN F 54 0.08 -40.57 -35.55
C ASN F 54 0.20 -42.03 -35.14
N VAL F 55 1.14 -42.30 -34.24
CA VAL F 55 1.39 -43.66 -33.77
C VAL F 55 0.09 -44.39 -33.42
N LEU F 56 -0.73 -43.76 -32.59
CA LEU F 56 -1.97 -44.37 -32.16
C LEU F 56 -2.92 -44.60 -33.33
N SER F 57 -2.93 -43.66 -34.26
CA SER F 57 -3.80 -43.77 -35.43
C SER F 57 -3.51 -45.05 -36.20
N GLN F 58 -2.23 -45.34 -36.45
CA GLN F 58 -1.87 -46.56 -37.16
C GLN F 58 -2.20 -47.80 -36.32
N HIS F 59 -1.84 -47.76 -35.04
CA HIS F 59 -2.09 -48.89 -34.15
C HIS F 59 -3.56 -49.31 -34.20
N LEU F 60 -4.45 -48.33 -34.32
CA LEU F 60 -5.88 -48.61 -34.39
C LEU F 60 -6.29 -49.09 -35.77
N ASN F 61 -5.67 -48.52 -36.81
CA ASN F 61 -6.02 -48.87 -38.18
C ASN F 61 -5.59 -50.29 -38.51
N GLN F 62 -4.56 -50.79 -37.83
CA GLN F 62 -4.12 -52.17 -38.01
C GLN F 62 -5.03 -53.15 -37.28
N LYS F 63 -5.86 -52.64 -36.38
CA LYS F 63 -6.90 -53.45 -35.76
C LYS F 63 -8.02 -53.61 -36.78
N ASP F 64 -8.53 -54.82 -36.93
CA ASP F 64 -9.42 -55.11 -38.05
C ASP F 64 -10.90 -55.08 -37.66
N THR F 65 -11.24 -55.73 -36.55
CA THR F 65 -12.63 -55.76 -36.10
C THR F 65 -13.12 -54.34 -35.90
N LEU F 66 -12.25 -53.50 -35.35
CA LEU F 66 -12.57 -52.09 -35.13
C LEU F 66 -13.00 -51.40 -36.42
N MET F 67 -12.29 -51.66 -37.51
CA MET F 67 -12.57 -50.98 -38.77
C MET F 67 -13.98 -51.27 -39.28
N GLN F 68 -14.45 -52.49 -39.09
CA GLN F 68 -15.79 -52.87 -39.51
C GLN F 68 -16.82 -52.21 -38.58
N ARG F 69 -16.59 -52.38 -37.28
CA ARG F 69 -17.39 -51.72 -36.26
C ARG F 69 -17.67 -50.26 -36.61
N LEU F 70 -16.62 -49.52 -36.93
CA LEU F 70 -16.74 -48.07 -37.17
C LEU F 70 -17.46 -47.77 -38.49
N ARG F 71 -17.34 -48.67 -39.46
CA ARG F 71 -18.05 -48.50 -40.73
C ARG F 71 -19.55 -48.60 -40.53
N ASN F 72 -19.98 -49.37 -39.53
CA ASN F 72 -21.39 -49.50 -39.21
C ASN F 72 -21.79 -48.65 -38.00
N GLY F 73 -20.85 -47.87 -37.48
CA GLY F 73 -21.09 -47.08 -36.28
C GLY F 73 -22.39 -46.31 -36.37
N LEU F 74 -22.59 -45.64 -37.50
CA LEU F 74 -23.79 -44.85 -37.72
C LEU F 74 -25.06 -45.68 -37.53
N GLN F 75 -25.03 -46.92 -38.01
CA GLN F 75 -26.17 -47.82 -37.84
C GLN F 75 -26.24 -48.32 -36.40
N ASN F 76 -25.11 -48.80 -35.89
CA ASN F 76 -25.03 -49.30 -34.52
C ASN F 76 -25.77 -48.40 -33.54
N CYS F 77 -25.55 -47.09 -33.66
CA CYS F 77 -26.22 -46.13 -32.79
C CYS F 77 -27.71 -46.41 -32.77
N ALA F 78 -28.31 -46.45 -33.96
CA ALA F 78 -29.74 -46.71 -34.09
C ALA F 78 -30.08 -48.09 -33.55
N THR F 79 -29.22 -49.06 -33.84
CA THR F 79 -29.45 -50.44 -33.42
C THR F 79 -29.35 -50.54 -31.89
N HIS F 80 -28.39 -49.84 -31.33
CA HIS F 80 -28.15 -49.86 -29.88
C HIS F 80 -29.20 -49.07 -29.10
N THR F 81 -29.58 -47.91 -29.62
CA THR F 81 -30.49 -47.02 -28.91
C THR F 81 -31.96 -47.41 -29.10
N GLN F 82 -32.27 -48.09 -30.20
CA GLN F 82 -33.65 -48.37 -30.59
C GLN F 82 -34.59 -48.69 -29.42
N PRO F 83 -34.18 -49.64 -28.55
CA PRO F 83 -35.10 -50.08 -27.50
C PRO F 83 -35.52 -48.99 -26.51
N PHE F 84 -34.58 -48.16 -26.06
CA PHE F 84 -34.94 -47.16 -25.05
C PHE F 84 -35.20 -45.80 -25.69
N TRP F 85 -34.53 -45.53 -26.80
CA TRP F 85 -34.72 -44.26 -27.51
C TRP F 85 -36.22 -44.15 -27.80
N GLY F 86 -36.86 -43.12 -27.26
CA GLY F 86 -38.28 -42.92 -27.47
C GLY F 86 -38.95 -42.75 -26.13
N SER F 87 -38.53 -43.55 -25.17
CA SER F 87 -38.94 -43.35 -23.79
C SER F 87 -38.30 -42.04 -23.35
N LEU F 88 -37.10 -41.81 -23.87
CA LEU F 88 -36.31 -40.62 -23.56
C LEU F 88 -36.83 -39.38 -24.29
N THR F 89 -37.11 -39.51 -25.58
CA THR F 89 -37.61 -38.38 -26.36
C THR F 89 -39.04 -38.00 -25.98
N ASN F 90 -39.75 -38.93 -25.34
CA ASN F 90 -41.10 -38.65 -24.83
C ASN F 90 -41.09 -38.26 -23.36
N ARG F 91 -39.92 -38.35 -22.73
CA ARG F 91 -39.82 -38.11 -21.29
C ARG F 91 -39.96 -36.64 -20.93
N THR F 92 -40.94 -36.34 -20.10
CA THR F 92 -41.13 -34.98 -19.60
C THR F 92 -41.73 -35.01 -18.20
N ARG F 93 -41.14 -34.25 -17.29
CA ARG F 93 -41.69 -34.09 -15.95
C ARG F 93 -42.18 -32.66 -15.78
N PRO F 94 -43.35 -32.49 -15.15
CA PRO F 94 -43.98 -31.18 -15.01
C PRO F 94 -43.28 -30.31 -13.97
N PRO F 95 -43.10 -29.02 -14.29
CA PRO F 95 -42.43 -28.10 -13.37
C PRO F 95 -43.35 -27.60 -12.26
N SER F 96 -42.81 -27.48 -11.05
CA SER F 96 -43.51 -26.81 -9.97
C SER F 96 -43.11 -25.35 -10.08
N VAL F 97 -44.03 -24.46 -9.71
CA VAL F 97 -43.78 -23.03 -9.88
C VAL F 97 -44.30 -22.29 -8.65
N GLN F 98 -43.39 -21.63 -7.95
CA GLN F 98 -43.74 -20.90 -6.74
C GLN F 98 -43.09 -19.52 -6.78
N VAL F 99 -43.84 -18.51 -6.35
CA VAL F 99 -43.38 -17.13 -6.43
C VAL F 99 -43.33 -16.49 -5.07
N ALA F 100 -42.23 -15.79 -4.79
CA ALA F 100 -42.07 -15.13 -3.49
C ALA F 100 -41.07 -13.98 -3.57
N LYS F 101 -41.05 -13.17 -2.52
CA LYS F 101 -40.13 -12.06 -2.41
C LYS F 101 -38.73 -12.60 -2.13
N THR F 102 -37.72 -11.80 -2.43
CA THR F 102 -36.34 -12.16 -2.14
C THR F 102 -35.56 -10.88 -1.90
N THR F 103 -34.38 -11.00 -1.31
CA THR F 103 -33.56 -9.83 -1.03
C THR F 103 -33.25 -9.18 -2.37
N PRO F 104 -33.59 -7.88 -2.51
CA PRO F 104 -33.36 -7.25 -3.81
C PRO F 104 -31.87 -7.08 -4.10
N PHE F 105 -31.54 -6.77 -5.35
CA PHE F 105 -30.15 -6.63 -5.75
C PHE F 105 -30.06 -5.90 -7.08
N ASN F 106 -29.06 -5.02 -7.19
CA ASN F 106 -28.88 -4.21 -8.38
C ASN F 106 -30.19 -3.57 -8.81
N THR F 107 -30.90 -2.98 -7.85
CA THR F 107 -32.16 -2.34 -8.12
C THR F 107 -32.44 -1.24 -7.10
N ARG F 108 -33.12 -0.19 -7.56
CA ARG F 108 -33.57 0.87 -6.68
C ARG F 108 -34.98 0.59 -6.18
N GLU F 109 -35.57 -0.50 -6.66
CA GLU F 109 -36.90 -0.90 -6.25
C GLU F 109 -36.83 -1.50 -4.85
N PRO F 110 -37.87 -1.30 -4.05
CA PRO F 110 -37.91 -1.78 -2.66
C PRO F 110 -38.25 -3.27 -2.56
N VAL F 111 -38.76 -3.83 -3.65
CA VAL F 111 -39.20 -5.23 -3.65
C VAL F 111 -38.66 -5.97 -4.86
N MET F 112 -38.23 -7.21 -4.61
CA MET F 112 -37.74 -8.08 -5.66
C MET F 112 -38.44 -9.43 -5.52
N LEU F 113 -39.07 -9.88 -6.59
CA LEU F 113 -39.72 -11.19 -6.58
C LEU F 113 -38.84 -12.20 -7.29
N ALA F 114 -38.98 -13.47 -6.91
CA ALA F 114 -38.28 -14.55 -7.58
C ALA F 114 -39.28 -15.63 -7.93
N CYS F 115 -39.27 -16.08 -9.18
CA CYS F 115 -40.12 -17.18 -9.61
C CYS F 115 -39.32 -18.47 -9.65
N TYR F 116 -39.58 -19.35 -8.69
CA TYR F 116 -38.85 -20.60 -8.57
C TYR F 116 -39.50 -21.66 -9.45
N VAL F 117 -38.67 -22.46 -10.11
CA VAL F 117 -39.15 -23.50 -11.01
C VAL F 117 -38.26 -24.72 -10.86
N TRP F 118 -38.81 -25.84 -10.41
CA TRP F 118 -37.99 -27.02 -10.15
C TRP F 118 -38.66 -28.34 -10.52
N GLY F 119 -37.88 -29.41 -10.41
CA GLY F 119 -38.38 -30.76 -10.61
C GLY F 119 -38.86 -31.07 -12.02
N PHE F 120 -38.37 -30.33 -13.00
CA PHE F 120 -38.87 -30.48 -14.36
C PHE F 120 -37.83 -31.05 -15.32
N TYR F 121 -38.32 -31.69 -16.37
CA TYR F 121 -37.48 -32.23 -17.44
C TYR F 121 -38.32 -32.27 -18.71
N PRO F 122 -37.71 -32.01 -19.87
CA PRO F 122 -36.31 -31.61 -20.08
C PRO F 122 -35.99 -30.23 -19.54
N ALA F 123 -34.79 -29.72 -19.85
CA ALA F 123 -34.30 -28.49 -19.23
C ALA F 123 -34.76 -27.21 -19.93
N GLU F 124 -35.17 -27.31 -21.20
CA GLU F 124 -35.63 -26.13 -21.92
C GLU F 124 -36.91 -25.55 -21.31
N VAL F 125 -36.81 -24.35 -20.76
CA VAL F 125 -37.95 -23.69 -20.16
C VAL F 125 -37.83 -22.17 -20.36
N THR F 126 -38.97 -21.48 -20.37
CA THR F 126 -38.99 -20.03 -20.56
C THR F 126 -39.93 -19.38 -19.54
N ILE F 127 -39.49 -18.26 -18.95
CA ILE F 127 -40.25 -17.60 -17.89
C ILE F 127 -40.45 -16.11 -18.19
N THR F 128 -41.70 -15.67 -18.12
CA THR F 128 -42.03 -14.27 -18.33
C THR F 128 -42.88 -13.74 -17.18
N TRP F 129 -43.12 -12.44 -17.17
CA TRP F 129 -43.88 -11.82 -16.09
C TRP F 129 -45.06 -11.01 -16.62
N ARG F 130 -46.14 -10.96 -15.84
CA ARG F 130 -47.29 -10.12 -16.15
C ARG F 130 -47.59 -9.25 -14.94
N LYS F 131 -47.83 -7.97 -15.18
CA LYS F 131 -48.29 -7.09 -14.12
C LYS F 131 -49.71 -6.68 -14.45
N ASN F 132 -50.66 -7.22 -13.70
CA ASN F 132 -52.08 -7.04 -13.99
C ASN F 132 -52.39 -7.47 -15.41
N GLY F 133 -51.81 -8.61 -15.82
CA GLY F 133 -52.14 -9.21 -17.10
C GLY F 133 -51.47 -8.56 -18.31
N LYS F 134 -50.35 -7.89 -18.10
CA LYS F 134 -49.65 -7.23 -19.20
C LYS F 134 -48.14 -7.49 -19.16
N LEU F 135 -47.54 -7.72 -20.31
CA LEU F 135 -46.14 -8.11 -20.40
C LEU F 135 -45.22 -7.05 -19.80
N VAL F 136 -44.09 -7.50 -19.25
CA VAL F 136 -43.07 -6.60 -18.70
C VAL F 136 -41.69 -7.22 -18.89
N MET F 137 -40.65 -6.40 -18.80
CA MET F 137 -39.28 -6.88 -18.94
C MET F 137 -38.69 -7.23 -17.58
N PRO F 138 -38.22 -8.48 -17.41
CA PRO F 138 -37.66 -8.94 -16.13
C PRO F 138 -36.39 -8.20 -15.72
N HIS F 139 -36.03 -8.30 -14.44
CA HIS F 139 -34.77 -7.75 -13.95
C HIS F 139 -33.58 -8.55 -14.48
N LYS F 144 -29.79 -17.02 -18.55
CA LYS F 144 -29.88 -18.11 -17.59
C LYS F 144 -30.14 -19.44 -18.30
N THR F 145 -29.47 -20.49 -17.84
CA THR F 145 -29.77 -21.83 -18.31
C THR F 145 -30.09 -22.68 -17.08
N ALA F 146 -30.91 -23.70 -17.27
CA ALA F 146 -31.37 -24.50 -16.13
C ALA F 146 -30.21 -25.24 -15.46
N GLN F 147 -30.31 -25.39 -14.14
CA GLN F 147 -29.33 -26.10 -13.35
C GLN F 147 -29.73 -27.56 -13.21
N PRO F 148 -28.91 -28.48 -13.75
CA PRO F 148 -29.22 -29.90 -13.53
C PRO F 148 -29.06 -30.28 -12.06
N ASN F 149 -29.90 -31.18 -11.57
CA ASN F 149 -29.79 -31.65 -10.20
C ASN F 149 -29.12 -33.02 -10.16
N GLY F 150 -28.79 -33.53 -11.35
CA GLY F 150 -28.09 -34.80 -11.46
C GLY F 150 -29.01 -36.01 -11.50
N ASP F 151 -30.29 -35.81 -11.19
CA ASP F 151 -31.25 -36.90 -11.11
C ASP F 151 -32.31 -36.77 -12.20
N TRP F 152 -31.93 -36.20 -13.33
CA TRP F 152 -32.85 -36.03 -14.46
C TRP F 152 -33.98 -35.06 -14.14
N THR F 153 -33.67 -34.06 -13.32
CA THR F 153 -34.60 -32.96 -13.06
C THR F 153 -33.79 -31.68 -13.02
N TYR F 154 -34.45 -30.55 -13.29
CA TYR F 154 -33.75 -29.27 -13.36
C TYR F 154 -34.46 -28.22 -12.53
N GLN F 155 -33.72 -27.21 -12.11
CA GLN F 155 -34.33 -26.05 -11.47
C GLN F 155 -33.72 -24.77 -12.04
N THR F 156 -34.52 -23.71 -12.02
CA THR F 156 -34.06 -22.39 -12.44
C THR F 156 -35.00 -21.37 -11.82
N LEU F 157 -34.70 -20.08 -12.00
CA LEU F 157 -35.58 -19.04 -11.51
C LEU F 157 -35.45 -17.75 -12.32
N SER F 158 -36.45 -16.88 -12.17
CA SER F 158 -36.44 -15.58 -12.81
C SER F 158 -36.77 -14.55 -11.75
N HIS F 159 -36.40 -13.30 -11.99
CA HIS F 159 -36.60 -12.25 -11.00
C HIS F 159 -37.34 -11.06 -11.58
N LEU F 160 -37.92 -10.26 -10.70
CA LEU F 160 -38.66 -9.07 -11.09
C LEU F 160 -38.69 -8.07 -9.94
N ALA F 161 -38.14 -6.89 -10.16
CA ALA F 161 -38.14 -5.84 -9.15
C ALA F 161 -39.31 -4.90 -9.40
N LEU F 162 -39.88 -4.37 -8.33
CA LEU F 162 -41.09 -3.55 -8.45
C LEU F 162 -41.37 -2.76 -7.19
N THR F 163 -42.31 -1.83 -7.30
CA THR F 163 -42.83 -1.10 -6.14
C THR F 163 -44.27 -1.55 -5.88
N PRO F 164 -44.56 -1.96 -4.64
CA PRO F 164 -45.87 -2.50 -4.27
C PRO F 164 -46.93 -1.41 -4.16
N SER F 165 -48.18 -1.74 -4.48
CA SER F 165 -49.27 -0.76 -4.43
C SER F 165 -50.55 -1.32 -3.81
N TYR F 166 -50.83 -2.60 -4.04
CA TYR F 166 -51.96 -3.31 -3.43
C TYR F 166 -52.88 -3.97 -4.46
N GLY F 167 -53.57 -3.15 -5.24
CA GLY F 167 -54.46 -3.64 -6.28
C GLY F 167 -53.72 -4.51 -7.27
N ASP F 168 -52.44 -4.19 -7.48
CA ASP F 168 -51.64 -4.85 -8.52
C ASP F 168 -51.46 -6.33 -8.26
N THR F 169 -51.54 -7.11 -9.34
CA THR F 169 -51.34 -8.56 -9.27
C THR F 169 -50.20 -8.94 -10.21
N TYR F 170 -49.12 -9.48 -9.64
CA TYR F 170 -47.97 -9.88 -10.45
C TYR F 170 -48.03 -11.37 -10.73
N THR F 171 -47.62 -11.76 -11.94
CA THR F 171 -47.76 -13.14 -12.39
C THR F 171 -46.51 -13.68 -13.06
N CYS F 172 -46.12 -14.90 -12.67
CA CYS F 172 -45.06 -15.61 -13.34
C CYS F 172 -45.65 -16.60 -14.34
N VAL F 173 -45.23 -16.48 -15.61
CA VAL F 173 -45.75 -17.36 -16.67
C VAL F 173 -44.65 -18.29 -17.15
N VAL F 174 -44.77 -19.55 -16.78
CA VAL F 174 -43.81 -20.57 -17.18
C VAL F 174 -44.33 -21.30 -18.39
N GLU F 175 -43.43 -21.65 -19.30
CA GLU F 175 -43.78 -22.40 -20.50
C GLU F 175 -42.84 -23.58 -20.63
N HIS F 176 -43.42 -24.77 -20.77
CA HIS F 176 -42.65 -26.00 -20.78
C HIS F 176 -43.37 -27.10 -21.54
N ILE F 177 -42.60 -27.86 -22.32
CA ILE F 177 -43.16 -28.88 -23.19
C ILE F 177 -43.83 -29.98 -22.37
N GLY F 178 -43.22 -30.28 -21.22
CA GLY F 178 -43.79 -31.23 -20.27
C GLY F 178 -45.09 -30.78 -19.66
N ALA F 179 -45.60 -29.62 -20.08
CA ALA F 179 -46.92 -29.16 -19.68
C ALA F 179 -47.72 -28.77 -20.92
N PRO F 180 -49.04 -29.01 -20.89
CA PRO F 180 -49.89 -28.74 -22.06
C PRO F 180 -50.10 -27.24 -22.23
N GLU F 181 -50.18 -26.52 -21.10
CA GLU F 181 -50.41 -25.09 -21.10
C GLU F 181 -49.38 -24.42 -20.23
N PRO F 182 -49.15 -23.11 -20.45
CA PRO F 182 -48.19 -22.40 -19.60
C PRO F 182 -48.66 -22.43 -18.15
N ILE F 183 -47.73 -22.37 -17.21
CA ILE F 183 -48.08 -22.40 -15.80
C ILE F 183 -48.07 -20.97 -15.27
N LEU F 184 -49.12 -20.61 -14.55
CA LEU F 184 -49.27 -19.25 -14.06
C LEU F 184 -49.29 -19.21 -12.54
N ARG F 185 -48.45 -18.35 -11.97
CA ARG F 185 -48.43 -18.10 -10.55
C ARG F 185 -48.61 -16.62 -10.29
N ASP F 186 -49.50 -16.29 -9.35
CA ASP F 186 -49.80 -14.91 -9.03
C ASP F 186 -49.12 -14.49 -7.73
N TRP F 187 -49.10 -13.20 -7.47
CA TRP F 187 -48.56 -12.65 -6.23
C TRP F 187 -49.06 -11.22 -6.01
N THR F 188 -49.49 -10.93 -4.79
CA THR F 188 -49.89 -9.57 -4.42
C THR F 188 -49.27 -9.16 -3.09
N PRO F 189 -49.00 -7.86 -2.94
CA PRO F 189 -48.42 -7.25 -1.74
C PRO F 189 -49.01 -7.78 -0.41
N GLY F 190 -50.19 -8.37 -0.48
CA GLY F 190 -50.86 -8.86 0.71
C GLY F 190 -50.04 -9.68 1.70
N LEU F 191 -49.16 -10.54 1.19
CA LEU F 191 -48.46 -11.51 2.02
C LEU F 191 -49.45 -12.55 2.54
N LYS G 1 -2.03 1.91 -22.87
CA LYS G 1 -1.85 2.43 -24.22
C LYS G 1 -2.34 1.41 -25.24
N ALA G 2 -2.01 0.15 -25.02
CA ALA G 2 -2.47 -0.93 -25.88
C ALA G 2 -3.86 -1.38 -25.47
N ASP G 3 -4.64 -1.88 -26.43
CA ASP G 3 -6.00 -2.34 -26.16
C ASP G 3 -5.97 -3.59 -25.30
N HIS G 4 -4.97 -4.43 -25.54
CA HIS G 4 -4.82 -5.67 -24.80
C HIS G 4 -3.36 -6.09 -24.82
N MET G 5 -2.92 -6.82 -23.80
CA MET G 5 -1.58 -7.39 -23.82
C MET G 5 -1.63 -8.85 -23.42
N GLY G 6 -1.31 -9.73 -24.37
CA GLY G 6 -1.20 -11.14 -24.09
C GLY G 6 0.25 -11.48 -23.85
N SER G 7 0.51 -12.49 -23.02
CA SER G 7 1.86 -12.95 -22.78
C SER G 7 1.84 -14.46 -22.78
N TYR G 8 2.53 -15.06 -23.74
CA TYR G 8 2.45 -16.49 -23.95
C TYR G 8 3.78 -17.15 -23.64
N GLY G 9 3.92 -17.52 -22.37
CA GLY G 9 5.16 -18.02 -21.82
C GLY G 9 5.85 -17.06 -20.87
N PRO G 10 5.09 -16.40 -19.98
CA PRO G 10 5.81 -15.88 -18.82
C PRO G 10 6.28 -17.03 -17.95
N ALA G 11 7.59 -17.28 -17.94
CA ALA G 11 8.12 -18.47 -17.30
C ALA G 11 9.39 -18.13 -16.55
N PHE G 12 9.70 -18.93 -15.53
CA PHE G 12 10.90 -18.70 -14.73
C PHE G 12 11.43 -19.99 -14.14
N TYR G 13 12.73 -20.00 -13.87
CA TYR G 13 13.37 -21.09 -13.18
C TYR G 13 14.37 -20.49 -12.21
N GLN G 14 14.45 -21.03 -11.00
CA GLN G 14 15.38 -20.52 -10.01
C GLN G 14 16.19 -21.64 -9.35
N SER G 15 17.44 -21.33 -9.02
CA SER G 15 18.37 -22.29 -8.45
C SER G 15 17.83 -22.91 -7.16
N TYR G 16 17.25 -22.08 -6.30
CA TYR G 16 16.78 -22.55 -5.00
C TYR G 16 15.58 -23.48 -5.13
N GLY G 17 15.75 -24.70 -4.64
CA GLY G 17 14.72 -25.73 -4.74
C GLY G 17 14.46 -26.18 -6.16
N ALA G 18 15.29 -25.72 -7.10
CA ALA G 18 15.13 -26.07 -8.50
C ALA G 18 13.69 -25.98 -8.97
N SER G 19 12.98 -24.95 -8.53
CA SER G 19 11.59 -24.77 -8.95
C SER G 19 11.53 -23.95 -10.22
N GLY G 20 10.37 -23.95 -10.87
CA GLY G 20 10.20 -23.26 -12.14
C GLY G 20 8.75 -23.26 -12.58
N GLN G 21 8.45 -22.49 -13.61
CA GLN G 21 7.07 -22.22 -13.97
C GLN G 21 6.94 -21.79 -15.43
N PHE G 22 5.85 -22.19 -16.06
CA PHE G 22 5.52 -21.71 -17.40
C PHE G 22 4.02 -21.45 -17.49
N THR G 23 3.65 -20.24 -17.87
CA THR G 23 2.25 -19.85 -17.88
C THR G 23 1.89 -19.05 -19.12
N HIS G 24 0.58 -18.95 -19.37
CA HIS G 24 0.06 -18.01 -20.35
C HIS G 24 -0.80 -17.01 -19.61
N GLU G 25 -0.67 -15.74 -19.96
CA GLU G 25 -1.46 -14.70 -19.33
C GLU G 25 -2.04 -13.78 -20.40
N PHE G 26 -3.21 -13.21 -20.09
CA PHE G 26 -3.85 -12.26 -20.99
C PHE G 26 -4.41 -11.12 -20.15
N ASP G 27 -3.95 -9.90 -20.43
CA ASP G 27 -4.35 -8.73 -19.67
C ASP G 27 -4.11 -8.94 -18.19
N GLU G 28 -2.87 -9.33 -17.86
CA GLU G 28 -2.45 -9.46 -16.48
C GLU G 28 -3.19 -10.56 -15.72
N GLU G 29 -3.97 -11.37 -16.44
CA GLU G 29 -4.69 -12.48 -15.82
C GLU G 29 -4.21 -13.80 -16.40
N GLN G 30 -4.22 -14.85 -15.59
CA GLN G 30 -3.60 -16.12 -15.96
C GLN G 30 -4.58 -17.11 -16.57
N LEU G 31 -4.14 -17.80 -17.62
CA LEU G 31 -4.96 -18.78 -18.32
C LEU G 31 -4.69 -20.18 -17.79
N PHE G 32 -3.43 -20.57 -17.76
CA PHE G 32 -3.03 -21.83 -17.14
C PHE G 32 -1.63 -21.67 -16.54
N SER G 33 -1.17 -22.70 -15.85
CA SER G 33 0.16 -22.68 -15.27
C SER G 33 0.73 -24.07 -15.12
N VAL G 34 2.01 -24.21 -15.46
CA VAL G 34 2.73 -25.46 -15.27
C VAL G 34 3.80 -25.28 -14.20
N ASP G 35 3.80 -26.18 -13.21
CA ASP G 35 4.83 -26.16 -12.18
C ASP G 35 5.80 -27.30 -12.44
N LEU G 36 7.09 -27.01 -12.29
CA LEU G 36 8.14 -27.96 -12.64
C LEU G 36 8.07 -29.23 -11.79
N LYS G 37 8.18 -29.07 -10.47
CA LYS G 37 8.32 -30.23 -9.59
C LYS G 37 7.01 -30.98 -9.42
N LYS G 38 5.90 -30.26 -9.58
CA LYS G 38 4.58 -30.88 -9.60
C LYS G 38 4.35 -31.59 -10.93
N SER G 39 4.95 -31.06 -12.00
CA SER G 39 4.76 -31.59 -13.34
C SER G 39 3.27 -31.62 -13.69
N GLU G 40 2.54 -30.62 -13.18
CA GLU G 40 1.11 -30.50 -13.43
C GLU G 40 0.84 -29.35 -14.38
N ALA G 41 -0.27 -29.45 -15.13
CA ALA G 41 -0.77 -28.32 -15.90
C ALA G 41 -2.18 -27.98 -15.42
N VAL G 42 -2.36 -26.78 -14.90
CA VAL G 42 -3.64 -26.37 -14.34
C VAL G 42 -4.19 -25.13 -15.04
N TRP G 43 -5.43 -25.25 -15.48
CA TRP G 43 -6.13 -24.14 -16.11
C TRP G 43 -6.87 -23.34 -15.04
N ARG G 44 -6.69 -22.02 -15.03
CA ARG G 44 -7.22 -21.17 -13.98
C ARG G 44 -8.73 -21.29 -13.84
N LEU G 45 -9.41 -21.36 -14.99
CA LEU G 45 -10.87 -21.46 -15.02
C LEU G 45 -11.28 -22.56 -16.01
N PRO G 46 -12.38 -23.25 -15.72
CA PRO G 46 -12.81 -24.42 -16.52
C PRO G 46 -12.73 -24.17 -18.02
N GLU G 47 -13.19 -23.01 -18.48
CA GLU G 47 -13.22 -22.71 -19.90
C GLU G 47 -11.84 -22.74 -20.55
N PHE G 48 -10.78 -22.70 -19.74
CA PHE G 48 -9.41 -22.72 -20.26
C PHE G 48 -8.81 -24.12 -20.27
N GLY G 49 -9.67 -25.14 -20.15
CA GLY G 49 -9.21 -26.52 -20.22
C GLY G 49 -9.46 -27.13 -21.59
N ASP G 50 -9.67 -26.27 -22.58
CA ASP G 50 -10.04 -26.71 -23.91
C ASP G 50 -8.90 -27.48 -24.58
N PHE G 51 -7.68 -26.97 -24.41
CA PHE G 51 -6.47 -27.60 -24.98
C PHE G 51 -6.37 -27.33 -26.47
N ALA G 52 -7.48 -27.46 -27.19
CA ALA G 52 -7.66 -26.66 -28.38
C ALA G 52 -7.80 -25.27 -27.79
N ARG G 53 -7.25 -24.26 -28.45
CA ARG G 53 -7.23 -22.90 -27.89
C ARG G 53 -6.11 -22.73 -26.86
N PHE G 54 -6.18 -23.46 -25.75
CA PHE G 54 -5.29 -23.24 -24.62
C PHE G 54 -4.47 -24.48 -24.27
N ASP G 55 -3.58 -24.87 -25.18
CA ASP G 55 -2.75 -26.05 -24.96
C ASP G 55 -1.55 -25.73 -24.08
N PRO G 56 -1.48 -26.37 -22.90
CA PRO G 56 -0.23 -26.36 -22.14
C PRO G 56 0.69 -27.43 -22.73
N GLN G 57 1.39 -28.21 -21.92
CA GLN G 57 2.20 -29.32 -22.43
C GLN G 57 3.47 -28.81 -23.12
N GLY G 58 3.41 -27.61 -23.66
CA GLY G 58 4.60 -26.92 -24.12
C GLY G 58 5.49 -26.60 -22.93
N GLY G 59 4.85 -26.26 -21.80
CA GLY G 59 5.56 -26.05 -20.56
C GLY G 59 6.48 -27.22 -20.26
N LEU G 60 7.28 -27.11 -19.21
CA LEU G 60 8.33 -28.09 -18.93
C LEU G 60 9.45 -27.96 -19.95
N ALA G 61 9.10 -28.00 -21.24
CA ALA G 61 10.07 -27.77 -22.30
C ALA G 61 10.54 -26.32 -22.25
N GLY G 62 9.60 -25.41 -22.03
CA GLY G 62 9.93 -24.00 -21.88
C GLY G 62 10.78 -23.76 -20.64
N ILE G 63 10.41 -24.41 -19.54
CA ILE G 63 11.16 -24.30 -18.30
C ILE G 63 12.53 -24.91 -18.47
N ALA G 64 12.58 -26.08 -19.11
CA ALA G 64 13.83 -26.76 -19.37
C ALA G 64 14.74 -25.84 -20.19
N ALA G 65 14.16 -25.28 -21.25
CA ALA G 65 14.90 -24.44 -22.18
C ALA G 65 15.49 -23.22 -21.49
N ILE G 66 14.71 -22.60 -20.60
CA ILE G 66 15.17 -21.40 -19.91
C ILE G 66 16.12 -21.73 -18.77
N LYS G 67 15.95 -22.91 -18.19
CA LYS G 67 16.85 -23.38 -17.15
C LYS G 67 18.25 -23.55 -17.72
N ALA G 68 18.32 -24.13 -18.92
CA ALA G 68 19.58 -24.36 -19.61
C ALA G 68 20.50 -23.14 -19.56
N HIS G 69 19.92 -21.96 -19.70
CA HIS G 69 20.71 -20.75 -19.90
C HIS G 69 21.20 -20.12 -18.60
N LEU G 70 20.64 -20.54 -17.47
CA LEU G 70 20.95 -19.92 -16.19
C LEU G 70 22.44 -20.03 -15.83
N ASP G 71 22.92 -21.24 -15.61
CA ASP G 71 24.28 -21.47 -15.13
C ASP G 71 25.31 -20.52 -15.75
N ILE G 72 25.18 -20.26 -17.05
CA ILE G 72 26.11 -19.38 -17.75
C ILE G 72 25.90 -17.92 -17.37
N LEU G 73 24.63 -17.49 -17.28
CA LEU G 73 24.31 -16.13 -16.85
C LEU G 73 24.80 -15.87 -15.42
N VAL G 74 24.72 -16.90 -14.58
CA VAL G 74 25.15 -16.78 -13.19
C VAL G 74 26.63 -16.45 -13.12
N GLU G 75 27.44 -17.20 -13.86
CA GLU G 75 28.88 -17.00 -13.84
C GLU G 75 29.33 -15.81 -14.70
N ARG G 76 28.56 -15.49 -15.74
CA ARG G 76 28.88 -14.33 -16.58
C ARG G 76 28.78 -13.04 -15.76
N SER G 77 28.02 -13.10 -14.68
CA SER G 77 27.86 -11.96 -13.78
C SER G 77 28.44 -12.28 -12.40
N ASN G 78 29.75 -12.15 -12.24
CA ASN G 78 30.44 -12.62 -11.03
C ASN G 78 29.52 -13.20 -9.95
N ARG G 79 28.64 -14.13 -10.32
CA ARG G 79 27.74 -14.75 -9.36
C ARG G 79 26.92 -13.70 -8.61
N SER G 80 26.16 -12.92 -9.36
CA SER G 80 25.31 -11.89 -8.79
C SER G 80 24.00 -12.48 -8.28
N ARG G 81 23.94 -12.77 -6.98
CA ARG G 81 22.72 -13.30 -6.38
C ARG G 81 21.57 -12.32 -6.47
N ALA G 82 20.36 -12.83 -6.26
CA ALA G 82 19.15 -12.04 -6.34
C ALA G 82 18.88 -11.30 -5.03
N ILE G 83 18.31 -10.10 -5.13
CA ILE G 83 18.00 -9.30 -3.96
C ILE G 83 16.60 -9.60 -3.41
N ASN G 84 16.42 -9.41 -2.11
CA ASN G 84 15.16 -9.69 -1.46
C ASN G 84 14.33 -8.42 -1.22
N VAL G 85 13.34 -8.20 -2.07
CA VAL G 85 12.39 -7.11 -1.87
C VAL G 85 11.37 -7.53 -0.82
N PRO G 86 10.97 -6.60 0.05
CA PRO G 86 9.84 -6.88 0.95
C PRO G 86 8.52 -6.88 0.19
N PRO G 87 7.71 -7.93 0.37
CA PRO G 87 6.43 -8.03 -0.32
C PRO G 87 5.37 -7.23 0.43
N ARG G 88 4.31 -6.83 -0.26
CA ARG G 88 3.22 -6.12 0.40
C ARG G 88 1.96 -6.98 0.39
N VAL G 89 1.41 -7.20 1.57
CA VAL G 89 0.26 -8.08 1.71
C VAL G 89 -0.99 -7.26 1.99
N THR G 90 -2.06 -7.58 1.27
CA THR G 90 -3.35 -6.96 1.51
C THR G 90 -4.37 -8.08 1.67
N VAL G 91 -5.36 -7.86 2.51
CA VAL G 91 -6.42 -8.83 2.71
C VAL G 91 -7.76 -8.14 2.59
N LEU G 92 -8.72 -8.82 1.96
CA LEU G 92 -10.07 -8.31 1.88
C LEU G 92 -11.01 -9.37 1.35
N PRO G 93 -12.31 -9.23 1.64
CA PRO G 93 -13.31 -10.20 1.19
C PRO G 93 -13.60 -10.04 -0.30
N LYS G 94 -14.04 -11.12 -0.94
CA LYS G 94 -14.22 -11.11 -2.38
C LYS G 94 -15.42 -10.26 -2.75
N SER G 95 -16.52 -10.44 -2.03
CA SER G 95 -17.71 -9.61 -2.19
C SER G 95 -18.04 -8.95 -0.86
N ARG G 96 -19.17 -8.25 -0.81
CA ARG G 96 -19.56 -7.54 0.41
C ARG G 96 -19.81 -8.52 1.54
N VAL G 97 -19.33 -8.18 2.73
CA VAL G 97 -19.46 -9.04 3.90
C VAL G 97 -20.74 -8.77 4.67
N GLU G 98 -21.59 -9.79 4.77
CA GLU G 98 -22.79 -9.73 5.59
C GLU G 98 -22.75 -10.83 6.63
N LEU G 99 -23.17 -10.51 7.86
CA LEU G 99 -23.11 -11.47 8.95
C LEU G 99 -23.89 -12.74 8.60
N GLY G 100 -23.21 -13.89 8.71
CA GLY G 100 -23.83 -15.17 8.43
C GLY G 100 -23.83 -15.57 6.96
N GLN G 101 -23.64 -14.60 6.07
CA GLN G 101 -23.61 -14.88 4.64
C GLN G 101 -22.23 -15.35 4.17
N PRO G 102 -22.15 -16.57 3.63
CA PRO G 102 -20.86 -17.16 3.23
C PRO G 102 -20.10 -16.28 2.25
N ASN G 103 -18.77 -16.31 2.34
CA ASN G 103 -17.93 -15.44 1.54
C ASN G 103 -16.52 -16.01 1.45
N ILE G 104 -15.63 -15.28 0.79
CA ILE G 104 -14.23 -15.69 0.62
C ILE G 104 -13.30 -14.55 0.98
N LEU G 105 -12.32 -14.83 1.84
CA LEU G 105 -11.27 -13.88 2.12
C LEU G 105 -10.17 -14.03 1.07
N ILE G 106 -9.57 -12.91 0.67
CA ILE G 106 -8.52 -12.94 -0.34
C ILE G 106 -7.25 -12.28 0.15
N CYS G 107 -6.18 -13.06 0.23
CA CYS G 107 -4.86 -12.53 0.56
C CYS G 107 -4.16 -12.22 -0.74
N ILE G 108 -3.72 -10.97 -0.89
CA ILE G 108 -3.08 -10.52 -2.13
C ILE G 108 -1.65 -10.07 -1.83
N VAL G 109 -0.70 -10.61 -2.58
CA VAL G 109 0.71 -10.39 -2.32
C VAL G 109 1.42 -9.87 -3.56
N ASP G 110 1.94 -8.65 -3.48
CA ASP G 110 2.64 -8.04 -4.60
C ASP G 110 4.13 -7.94 -4.32
N ASN G 111 4.90 -7.63 -5.35
CA ASN G 111 6.34 -7.45 -5.21
C ASN G 111 7.02 -8.61 -4.49
N ILE G 112 6.64 -9.83 -4.86
CA ILE G 112 7.31 -11.02 -4.34
C ILE G 112 8.57 -11.27 -5.15
N PHE G 113 9.73 -11.21 -4.51
CA PHE G 113 10.96 -11.60 -5.18
C PHE G 113 12.10 -11.84 -4.20
N PRO G 114 12.79 -12.98 -4.33
CA PRO G 114 12.51 -14.03 -5.31
C PRO G 114 11.21 -14.78 -5.02
N PRO G 115 10.74 -15.62 -5.96
CA PRO G 115 9.49 -16.34 -5.74
C PRO G 115 9.69 -17.56 -4.86
N VAL G 116 9.97 -17.30 -3.59
CA VAL G 116 10.16 -18.34 -2.58
C VAL G 116 9.49 -17.81 -1.31
N ILE G 117 8.31 -18.33 -1.02
CA ILE G 117 7.46 -17.72 0.00
C ILE G 117 6.55 -18.73 0.68
N ASN G 118 6.21 -18.47 1.93
CA ASN G 118 5.21 -19.23 2.65
C ASN G 118 4.01 -18.33 2.90
N ILE G 119 2.82 -18.79 2.56
CA ILE G 119 1.60 -18.02 2.86
C ILE G 119 0.56 -18.94 3.50
N THR G 120 -0.04 -18.47 4.59
CA THR G 120 -0.95 -19.29 5.38
C THR G 120 -2.12 -18.50 5.93
N TRP G 121 -3.30 -19.11 5.88
CA TRP G 121 -4.49 -18.51 6.49
C TRP G 121 -4.55 -18.92 7.95
N LEU G 122 -4.94 -17.98 8.81
CA LEU G 122 -5.12 -18.25 10.22
C LEU G 122 -6.52 -17.84 10.67
N ARG G 123 -7.21 -18.73 11.37
CA ARG G 123 -8.44 -18.35 12.06
C ARG G 123 -8.20 -18.40 13.57
N ASN G 124 -8.20 -17.23 14.20
CA ASN G 124 -7.90 -17.15 15.63
C ASN G 124 -6.56 -17.77 15.95
N GLY G 125 -5.54 -17.41 15.18
CA GLY G 125 -4.19 -17.90 15.42
C GLY G 125 -3.98 -19.36 15.03
N GLN G 126 -5.06 -20.05 14.69
CA GLN G 126 -4.97 -21.43 14.26
C GLN G 126 -4.89 -21.47 12.75
N THR G 127 -3.93 -22.24 12.23
CA THR G 127 -3.73 -22.34 10.79
C THR G 127 -4.86 -23.11 10.11
N VAL G 128 -5.24 -22.66 8.91
CA VAL G 128 -6.35 -23.24 8.16
C VAL G 128 -5.91 -23.61 6.75
N THR G 129 -6.03 -24.88 6.41
CA THR G 129 -5.62 -25.36 5.09
C THR G 129 -6.78 -25.97 4.30
N GLU G 130 -7.82 -26.43 5.01
CA GLU G 130 -8.92 -27.11 4.34
C GLU G 130 -9.81 -26.14 3.58
N GLY G 131 -9.82 -26.30 2.26
CA GLY G 131 -10.67 -25.48 1.39
C GLY G 131 -10.01 -24.19 0.93
N VAL G 132 -8.71 -24.06 1.15
CA VAL G 132 -7.98 -22.89 0.68
C VAL G 132 -7.46 -23.15 -0.73
N ALA G 133 -7.40 -22.10 -1.53
CA ALA G 133 -6.93 -22.19 -2.90
C ALA G 133 -5.91 -21.09 -3.14
N GLN G 134 -4.90 -21.39 -3.94
CA GLN G 134 -3.84 -20.42 -4.21
C GLN G 134 -3.44 -20.46 -5.67
N THR G 135 -2.91 -19.35 -6.15
CA THR G 135 -2.43 -19.25 -7.52
C THR G 135 -0.97 -19.67 -7.58
N SER G 136 -0.47 -19.84 -8.79
CA SER G 136 0.95 -19.88 -9.03
C SER G 136 1.42 -18.44 -8.98
N PHE G 137 2.71 -18.19 -9.19
CA PHE G 137 3.21 -16.83 -9.18
C PHE G 137 2.75 -16.09 -10.43
N TYR G 138 1.99 -15.01 -10.23
CA TYR G 138 1.59 -14.15 -11.34
C TYR G 138 2.72 -13.18 -11.64
N SER G 139 2.58 -12.46 -12.74
CA SER G 139 3.69 -11.66 -13.24
C SER G 139 3.42 -10.16 -13.10
N GLN G 140 4.48 -9.41 -12.81
CA GLN G 140 4.43 -7.96 -12.79
C GLN G 140 5.43 -7.42 -13.81
N PRO G 141 5.05 -6.35 -14.53
CA PRO G 141 5.92 -5.66 -15.49
C PRO G 141 7.30 -5.29 -14.95
N ASP G 142 7.43 -4.97 -13.66
CA ASP G 142 8.74 -4.69 -13.10
C ASP G 142 9.48 -6.00 -12.82
N HIS G 143 8.84 -7.11 -13.16
CA HIS G 143 9.46 -8.43 -13.11
C HIS G 143 9.51 -8.99 -11.68
N LEU G 144 8.60 -8.51 -10.85
CA LEU G 144 8.35 -9.13 -9.56
C LEU G 144 7.18 -10.09 -9.77
N PHE G 145 6.64 -10.63 -8.68
CA PHE G 145 5.55 -11.59 -8.79
C PHE G 145 4.40 -11.23 -7.86
N ARG G 146 3.20 -11.71 -8.21
CA ARG G 146 2.04 -11.59 -7.34
C ARG G 146 1.59 -12.99 -6.92
N LYS G 147 0.69 -13.05 -5.96
CA LYS G 147 0.19 -14.34 -5.48
C LYS G 147 -1.16 -14.11 -4.81
N PHE G 148 -2.09 -15.03 -5.03
CA PHE G 148 -3.43 -14.90 -4.45
C PHE G 148 -3.76 -16.14 -3.63
N HIS G 149 -4.26 -15.93 -2.42
CA HIS G 149 -4.74 -17.02 -1.58
C HIS G 149 -6.19 -16.78 -1.19
N TYR G 150 -6.98 -17.85 -1.15
CA TYR G 150 -8.41 -17.75 -0.92
C TYR G 150 -8.90 -18.64 0.22
N LEU G 151 -9.83 -18.11 1.02
CA LEU G 151 -10.41 -18.86 2.13
C LEU G 151 -11.90 -18.60 2.26
N PRO G 152 -12.72 -19.60 1.91
CA PRO G 152 -14.17 -19.45 2.11
C PRO G 152 -14.54 -19.55 3.58
N PHE G 153 -15.50 -18.75 4.02
CA PHE G 153 -15.87 -18.70 5.44
C PHE G 153 -17.25 -18.11 5.65
N VAL G 154 -17.77 -18.26 6.86
CA VAL G 154 -19.03 -17.64 7.24
C VAL G 154 -18.76 -16.57 8.29
N PRO G 155 -18.82 -15.29 7.90
CA PRO G 155 -18.47 -14.22 8.83
C PRO G 155 -19.29 -14.26 10.10
N SER G 156 -18.62 -14.35 11.24
CA SER G 156 -19.26 -14.22 12.54
C SER G 156 -18.45 -13.27 13.42
N ALA G 157 -19.11 -12.67 14.41
CA ALA G 157 -18.42 -11.74 15.32
C ALA G 157 -17.63 -12.50 16.38
N GLU G 158 -17.53 -13.82 16.23
CA GLU G 158 -16.87 -14.65 17.23
C GLU G 158 -15.43 -14.99 16.85
N ASP G 159 -15.05 -14.77 15.60
CA ASP G 159 -13.70 -15.07 15.17
C ASP G 159 -13.06 -14.00 14.28
N VAL G 160 -11.73 -14.02 14.23
CA VAL G 160 -10.96 -13.11 13.38
C VAL G 160 -10.03 -13.92 12.48
N TYR G 161 -9.41 -13.26 11.50
CA TYR G 161 -8.53 -13.96 10.56
C TYR G 161 -7.24 -13.18 10.30
N ASP G 162 -6.15 -13.91 10.10
CA ASP G 162 -4.87 -13.34 9.68
C ASP G 162 -4.29 -14.10 8.50
N CYS G 163 -3.73 -13.37 7.55
CA CYS G 163 -2.93 -13.97 6.48
C CYS G 163 -1.45 -13.75 6.78
N GLN G 164 -0.74 -14.78 7.22
CA GLN G 164 0.67 -14.63 7.57
C GLN G 164 1.59 -15.12 6.46
N VAL G 165 2.50 -14.26 6.02
CA VAL G 165 3.44 -14.59 4.96
C VAL G 165 4.88 -14.53 5.47
N GLU G 166 5.72 -15.42 4.94
CA GLU G 166 7.12 -15.47 5.34
C GLU G 166 7.99 -15.31 4.10
N HIS G 167 8.85 -14.31 4.12
CA HIS G 167 9.71 -14.03 2.98
C HIS G 167 11.08 -13.58 3.48
N TRP G 168 12.11 -13.80 2.66
CA TRP G 168 13.45 -13.37 3.01
C TRP G 168 13.54 -11.85 3.05
N GLY G 169 12.64 -11.19 2.32
CA GLY G 169 12.56 -9.74 2.33
C GLY G 169 11.96 -9.17 3.60
N LEU G 170 11.67 -10.04 4.57
CA LEU G 170 11.04 -9.62 5.81
C LEU G 170 11.92 -9.97 7.00
N ASP G 171 11.87 -9.12 8.04
CA ASP G 171 12.63 -9.32 9.26
C ASP G 171 12.00 -10.42 10.12
N ALA G 172 10.68 -10.54 10.03
CA ALA G 172 9.95 -11.56 10.79
C ALA G 172 8.61 -11.82 10.09
N PRO G 173 7.97 -12.95 10.43
CA PRO G 173 6.72 -13.27 9.72
C PRO G 173 5.73 -12.14 9.80
N LEU G 174 5.28 -11.67 8.64
CA LEU G 174 4.30 -10.60 8.57
C LEU G 174 2.93 -11.24 8.46
N LEU G 175 1.96 -10.69 9.19
CA LEU G 175 0.59 -11.17 9.05
C LEU G 175 -0.37 -9.99 8.92
N ARG G 176 -1.29 -10.13 7.97
CA ARG G 176 -2.22 -9.05 7.64
C ARG G 176 -3.58 -9.39 8.23
N HIS G 177 -4.10 -8.50 9.05
CA HIS G 177 -5.30 -8.80 9.83
C HIS G 177 -6.59 -8.52 9.07
N TRP G 178 -7.62 -9.28 9.42
CA TRP G 178 -8.99 -8.97 9.02
C TRP G 178 -9.96 -9.58 10.02
N GLU G 179 -10.98 -8.81 10.38
CA GLU G 179 -12.06 -9.31 11.22
C GLU G 179 -13.29 -8.47 10.92
N LEU G 180 -14.46 -9.06 11.13
CA LEU G 180 -15.70 -8.35 10.83
C LEU G 180 -15.91 -7.22 11.82
N GLN G 181 -16.68 -6.21 11.42
CA GLN G 181 -16.98 -5.08 12.29
C GLN G 181 -18.30 -5.29 13.03
N PRO H 1 19.74 -18.27 1.98
CA PRO H 1 19.10 -17.24 1.16
C PRO H 1 19.60 -17.17 -0.28
N GLU H 2 20.77 -17.74 -0.58
CA GLU H 2 21.35 -17.59 -1.91
C GLU H 2 20.45 -18.16 -3.00
N ASP H 3 20.00 -17.30 -3.91
CA ASP H 3 19.11 -17.71 -4.99
C ASP H 3 19.42 -16.96 -6.29
N PHE H 4 19.18 -17.62 -7.41
CA PHE H 4 19.29 -16.98 -8.72
C PHE H 4 18.03 -17.29 -9.52
N VAL H 5 17.51 -16.28 -10.20
CA VAL H 5 16.27 -16.44 -10.96
C VAL H 5 16.42 -15.94 -12.39
N ILE H 6 15.94 -16.73 -13.34
CA ILE H 6 15.87 -16.30 -14.73
C ILE H 6 14.42 -16.35 -15.19
N GLN H 7 14.00 -15.33 -15.94
CA GLN H 7 12.65 -15.33 -16.48
C GLN H 7 12.71 -15.04 -17.97
N ALA H 8 11.66 -15.46 -18.67
CA ALA H 8 11.47 -15.08 -20.06
C ALA H 8 10.00 -14.78 -20.25
N LYS H 9 9.71 -13.72 -20.99
CA LYS H 9 8.34 -13.28 -21.18
C LYS H 9 8.10 -12.98 -22.65
N ALA H 10 7.08 -13.61 -23.22
CA ALA H 10 6.75 -13.42 -24.62
C ALA H 10 5.49 -12.57 -24.74
N ASP H 11 5.65 -11.26 -24.57
CA ASP H 11 4.51 -10.36 -24.53
C ASP H 11 4.05 -9.96 -25.93
N CYS H 12 2.73 -9.85 -26.09
CA CYS H 12 2.12 -9.41 -27.34
C CYS H 12 1.21 -8.25 -27.03
N TYR H 13 1.34 -7.16 -27.79
CA TYR H 13 0.55 -5.96 -27.55
C TYR H 13 -0.39 -5.73 -28.73
N PHE H 14 -1.69 -5.71 -28.45
CA PHE H 14 -2.70 -5.62 -29.49
C PHE H 14 -3.41 -4.28 -29.42
N THR H 15 -3.68 -3.69 -30.58
CA THR H 15 -4.45 -2.45 -30.66
C THR H 15 -5.37 -2.50 -31.88
N ASN H 16 -6.47 -1.75 -31.82
CA ASN H 16 -7.45 -1.82 -32.89
C ASN H 16 -7.74 -3.27 -33.23
N GLY H 17 -8.13 -4.03 -32.21
CA GLY H 17 -8.35 -5.45 -32.36
C GLY H 17 -7.04 -6.15 -32.60
N THR H 18 -6.89 -6.70 -33.81
CA THR H 18 -5.69 -7.43 -34.19
C THR H 18 -4.87 -6.68 -35.23
N GLU H 19 -5.39 -5.55 -35.71
CA GLU H 19 -4.72 -4.75 -36.74
C GLU H 19 -3.24 -4.53 -36.45
N LYS H 20 -2.93 -3.83 -35.37
CA LYS H 20 -1.54 -3.57 -34.99
C LYS H 20 -1.12 -4.44 -33.82
N VAL H 21 0.03 -5.10 -33.97
CA VAL H 21 0.50 -6.07 -33.00
C VAL H 21 2.01 -5.99 -32.85
N GLN H 22 2.47 -5.75 -31.63
CA GLN H 22 3.91 -5.72 -31.35
C GLN H 22 4.29 -6.89 -30.45
N PHE H 23 5.22 -7.70 -30.93
CA PHE H 23 5.68 -8.88 -30.20
C PHE H 23 7.01 -8.58 -29.54
N VAL H 24 7.11 -8.83 -28.24
CA VAL H 24 8.30 -8.46 -27.48
C VAL H 24 8.71 -9.57 -26.51
N VAL H 25 9.79 -10.26 -26.84
CA VAL H 25 10.34 -11.30 -25.98
C VAL H 25 11.34 -10.67 -25.03
N ARG H 26 11.23 -11.01 -23.75
CA ARG H 26 12.08 -10.40 -22.73
C ARG H 26 12.81 -11.47 -21.94
N PHE H 27 14.12 -11.29 -21.79
CA PHE H 27 14.91 -12.20 -20.98
C PHE H 27 15.42 -11.46 -19.75
N ILE H 28 15.12 -12.03 -18.59
CA ILE H 28 15.43 -11.37 -17.34
C ILE H 28 16.34 -12.24 -16.49
N PHE H 29 17.41 -11.64 -15.99
CA PHE H 29 18.24 -12.28 -14.97
C PHE H 29 17.94 -11.58 -13.66
N ASN H 30 17.50 -12.36 -12.68
CA ASN H 30 16.91 -11.81 -11.48
C ASN H 30 15.82 -10.78 -11.83
N LEU H 31 16.13 -9.49 -11.68
CA LEU H 31 15.19 -8.43 -12.05
C LEU H 31 15.69 -7.62 -13.25
N GLU H 32 16.92 -7.91 -13.68
CA GLU H 32 17.52 -7.20 -14.80
C GLU H 32 17.12 -7.82 -16.13
N GLU H 33 16.40 -7.07 -16.95
CA GLU H 33 16.08 -7.51 -18.31
C GLU H 33 17.28 -7.24 -19.19
N TYR H 34 18.10 -8.27 -19.42
CA TYR H 34 19.42 -8.10 -20.02
C TYR H 34 19.40 -8.05 -21.54
N VAL H 35 18.36 -8.59 -22.16
CA VAL H 35 18.23 -8.55 -23.62
C VAL H 35 16.79 -8.84 -24.03
N ARG H 36 16.36 -8.26 -25.14
CA ARG H 36 15.01 -8.48 -25.64
C ARG H 36 14.92 -8.41 -27.15
N PHE H 37 13.91 -9.09 -27.70
CA PHE H 37 13.64 -9.03 -29.13
C PHE H 37 12.34 -8.30 -29.37
N ASP H 38 12.43 -7.10 -29.91
CA ASP H 38 11.25 -6.28 -30.19
C ASP H 38 10.92 -6.36 -31.68
N SER H 39 9.71 -6.80 -32.00
CA SER H 39 9.30 -7.01 -33.39
C SER H 39 9.44 -5.75 -34.22
N ASP H 40 9.17 -4.60 -33.61
CA ASP H 40 9.22 -3.32 -34.31
C ASP H 40 10.66 -2.93 -34.66
N VAL H 41 11.63 -3.54 -34.00
CA VAL H 41 13.04 -3.28 -34.28
C VAL H 41 13.62 -4.40 -35.16
N GLY H 42 13.02 -5.58 -35.10
CA GLY H 42 13.36 -6.69 -35.98
C GLY H 42 14.58 -7.50 -35.57
N MET H 43 15.39 -6.96 -34.66
CA MET H 43 16.58 -7.65 -34.19
C MET H 43 16.60 -7.73 -32.67
N PHE H 44 17.41 -8.65 -32.15
CA PHE H 44 17.71 -8.69 -30.73
C PHE H 44 18.57 -7.50 -30.38
N VAL H 45 18.44 -7.01 -29.15
CA VAL H 45 19.23 -5.87 -28.70
C VAL H 45 19.52 -5.97 -27.20
N ALA H 46 20.79 -5.88 -26.85
CA ALA H 46 21.20 -5.92 -25.46
C ALA H 46 20.75 -4.64 -24.74
N LEU H 47 20.11 -4.82 -23.60
CA LEU H 47 19.70 -3.70 -22.76
C LEU H 47 20.79 -3.39 -21.75
N THR H 48 21.56 -4.42 -21.39
CA THR H 48 22.64 -4.27 -20.43
C THR H 48 23.91 -5.00 -20.89
N LYS H 49 24.99 -4.77 -20.17
CA LYS H 49 26.26 -5.43 -20.43
C LYS H 49 26.07 -6.94 -20.53
N LEU H 50 25.22 -7.48 -19.66
CA LEU H 50 24.99 -8.92 -19.59
C LEU H 50 24.46 -9.47 -20.91
N GLY H 51 23.76 -8.64 -21.66
CA GLY H 51 23.06 -9.10 -22.84
C GLY H 51 23.82 -8.95 -24.15
N GLN H 52 24.95 -8.25 -24.12
CA GLN H 52 25.68 -7.97 -25.36
C GLN H 52 26.07 -9.25 -26.10
N PRO H 53 26.59 -10.25 -25.37
CA PRO H 53 26.96 -11.50 -26.04
C PRO H 53 25.77 -12.18 -26.72
N ASP H 54 24.74 -12.50 -25.94
CA ASP H 54 23.53 -13.12 -26.49
C ASP H 54 22.95 -12.29 -27.62
N ALA H 55 22.83 -10.98 -27.39
CA ALA H 55 22.34 -10.07 -28.41
C ALA H 55 23.12 -10.32 -29.70
N GLU H 56 24.44 -10.33 -29.58
CA GLU H 56 25.34 -10.53 -30.71
C GLU H 56 25.19 -11.90 -31.35
N GLN H 57 25.20 -12.93 -30.51
CA GLN H 57 25.13 -14.32 -30.98
C GLN H 57 23.83 -14.63 -31.70
N TRP H 58 22.71 -14.27 -31.07
CA TRP H 58 21.39 -14.65 -31.57
C TRP H 58 21.03 -13.96 -32.90
N ASN H 59 21.54 -12.75 -33.10
CA ASN H 59 21.32 -12.07 -34.37
C ASN H 59 22.06 -12.76 -35.52
N SER H 60 23.13 -13.47 -35.18
CA SER H 60 23.87 -14.22 -36.19
C SER H 60 23.10 -15.45 -36.66
N ARG H 61 22.16 -15.91 -35.84
CA ARG H 61 21.39 -17.11 -36.16
C ARG H 61 20.11 -16.73 -36.89
N LEU H 62 20.12 -16.91 -38.22
CA LEU H 62 19.06 -16.40 -39.08
C LEU H 62 17.77 -17.19 -38.97
N ASP H 63 17.87 -18.50 -38.83
CA ASP H 63 16.68 -19.33 -38.64
C ASP H 63 15.88 -18.76 -37.48
N LEU H 64 16.59 -18.31 -36.45
CA LEU H 64 15.97 -17.81 -35.23
C LEU H 64 15.27 -16.48 -35.46
N LEU H 65 15.98 -15.52 -36.06
CA LEU H 65 15.40 -14.21 -36.36
C LEU H 65 14.05 -14.36 -37.06
N GLU H 66 14.05 -15.00 -38.22
CA GLU H 66 12.83 -15.15 -39.00
C GLU H 66 11.74 -15.84 -38.19
N ARG H 67 12.10 -16.93 -37.52
CA ARG H 67 11.14 -17.67 -36.71
C ARG H 67 10.45 -16.75 -35.72
N SER H 68 11.25 -15.99 -34.97
CA SER H 68 10.71 -15.03 -33.99
C SER H 68 10.18 -13.75 -34.62
N ARG H 69 10.30 -13.63 -35.94
CA ARG H 69 9.76 -12.48 -36.66
C ARG H 69 8.33 -12.73 -37.11
N GLN H 70 7.97 -13.99 -37.28
CA GLN H 70 6.59 -14.36 -37.59
C GLN H 70 5.78 -14.44 -36.31
N ALA H 71 6.46 -14.47 -35.18
CA ALA H 71 5.80 -14.55 -33.88
C ALA H 71 4.63 -13.58 -33.84
N VAL H 72 4.82 -12.42 -34.46
CA VAL H 72 3.73 -11.45 -34.58
C VAL H 72 2.48 -12.17 -35.06
N ASP H 73 2.57 -12.81 -36.22
CA ASP H 73 1.46 -13.58 -36.76
C ASP H 73 1.23 -14.92 -36.04
N GLY H 74 2.25 -15.77 -36.06
CA GLY H 74 2.12 -17.15 -35.62
C GLY H 74 1.89 -17.38 -34.13
N VAL H 75 2.19 -16.38 -33.31
CA VAL H 75 2.06 -16.54 -31.86
C VAL H 75 1.02 -15.59 -31.27
N CYS H 76 1.21 -14.29 -31.47
CA CYS H 76 0.31 -13.30 -30.89
C CYS H 76 -1.09 -13.39 -31.51
N ARG H 77 -1.19 -13.14 -32.80
CA ARG H 77 -2.47 -13.16 -33.48
C ARG H 77 -3.12 -14.54 -33.33
N HIS H 78 -2.30 -15.59 -33.43
CA HIS H 78 -2.80 -16.95 -33.31
C HIS H 78 -3.52 -17.19 -31.98
N ASN H 79 -2.84 -16.88 -30.88
CA ASN H 79 -3.41 -17.11 -29.55
C ASN H 79 -4.58 -16.17 -29.26
N TYR H 80 -4.42 -14.91 -29.64
CA TYR H 80 -5.50 -13.93 -29.52
C TYR H 80 -6.80 -14.51 -30.10
N ARG H 81 -6.73 -14.92 -31.36
CA ARG H 81 -7.89 -15.48 -32.06
C ARG H 81 -8.46 -16.71 -31.34
N LEU H 82 -7.60 -17.53 -30.75
CA LEU H 82 -8.07 -18.72 -30.04
C LEU H 82 -8.73 -18.36 -28.71
N GLY H 83 -8.12 -17.45 -27.97
CA GLY H 83 -8.60 -17.09 -26.64
C GLY H 83 -9.71 -16.07 -26.65
N ALA H 84 -9.78 -15.28 -27.73
CA ALA H 84 -10.69 -14.13 -27.82
C ALA H 84 -12.02 -14.31 -27.09
N PRO H 85 -12.79 -15.35 -27.45
CA PRO H 85 -14.14 -15.53 -26.88
C PRO H 85 -14.17 -15.51 -25.35
N PHE H 86 -13.11 -16.06 -24.74
CA PHE H 86 -13.08 -16.21 -23.30
C PHE H 86 -12.18 -15.17 -22.62
N THR H 87 -11.67 -14.23 -23.42
CA THR H 87 -10.81 -13.19 -22.89
C THR H 87 -11.38 -11.83 -23.25
N VAL H 88 -11.24 -11.43 -24.52
CA VAL H 88 -11.81 -10.18 -24.98
C VAL H 88 -13.34 -10.25 -24.91
N GLY H 89 -13.88 -11.38 -25.34
CA GLY H 89 -15.32 -11.61 -25.31
C GLY H 89 -15.87 -11.99 -23.94
N ARG H 90 -15.04 -11.87 -22.91
CA ARG H 90 -15.48 -12.19 -21.56
C ARG H 90 -16.17 -11.00 -20.91
N LYS H 91 -17.37 -11.24 -20.39
CA LYS H 91 -18.13 -10.19 -19.72
C LYS H 91 -18.91 -10.76 -18.53
N VAL H 92 -18.68 -10.18 -17.35
CA VAL H 92 -19.29 -10.67 -16.12
C VAL H 92 -19.91 -9.50 -15.35
N GLN H 93 -21.16 -9.67 -14.96
CA GLN H 93 -21.92 -8.58 -14.35
C GLN H 93 -21.37 -8.23 -12.98
N PRO H 94 -21.46 -6.95 -12.60
CA PRO H 94 -21.09 -6.51 -11.25
C PRO H 94 -22.23 -6.74 -10.26
N GLU H 95 -21.89 -6.93 -8.99
CA GLU H 95 -22.89 -7.01 -7.94
C GLU H 95 -22.83 -5.74 -7.10
N VAL H 96 -23.86 -4.90 -7.24
CA VAL H 96 -23.85 -3.58 -6.64
C VAL H 96 -24.66 -3.52 -5.35
N THR H 97 -24.02 -3.05 -4.28
CA THR H 97 -24.69 -2.84 -3.01
C THR H 97 -24.28 -1.48 -2.45
N VAL H 98 -25.18 -0.84 -1.72
CA VAL H 98 -24.88 0.45 -1.10
C VAL H 98 -25.23 0.43 0.38
N TYR H 99 -24.24 0.72 1.21
CA TYR H 99 -24.42 0.72 2.65
C TYR H 99 -23.52 1.78 3.27
N PRO H 100 -23.86 2.21 4.50
CA PRO H 100 -23.02 3.16 5.22
C PRO H 100 -22.12 2.45 6.22
N GLU H 101 -21.01 3.07 6.58
CA GLU H 101 -20.28 2.64 7.76
C GLU H 101 -21.12 3.14 8.92
N ARG H 102 -20.65 2.91 10.14
CA ARG H 102 -21.27 3.51 11.33
C ARG H 102 -22.76 3.77 11.17
N THR H 103 -23.58 2.83 11.64
CA THR H 103 -25.03 3.02 11.69
C THR H 103 -25.42 4.50 11.70
N PRO H 104 -26.14 4.95 10.66
CA PRO H 104 -26.39 6.36 10.36
C PRO H 104 -27.26 7.06 11.39
N LEU H 105 -26.76 8.15 11.96
CA LEU H 105 -27.56 8.99 12.85
C LEU H 105 -27.69 10.37 12.20
N LEU H 106 -28.90 10.93 12.26
CA LEU H 106 -29.18 12.19 11.57
C LEU H 106 -28.20 13.30 11.95
N HIS H 107 -27.89 14.15 10.97
CA HIS H 107 -27.07 15.35 11.19
C HIS H 107 -25.59 15.08 11.51
N GLN H 108 -25.19 13.82 11.54
CA GLN H 108 -23.81 13.48 11.88
C GLN H 108 -23.08 12.88 10.68
N HIS H 109 -21.83 13.31 10.45
CA HIS H 109 -21.11 12.94 9.23
C HIS H 109 -20.88 11.44 9.11
N ASN H 110 -20.91 10.96 7.87
CA ASN H 110 -20.79 9.53 7.60
C ASN H 110 -20.21 9.26 6.21
N LEU H 111 -19.82 8.02 5.97
CA LEU H 111 -19.42 7.57 4.63
C LEU H 111 -20.34 6.43 4.23
N LEU H 112 -20.91 6.51 3.03
CA LEU H 112 -21.62 5.36 2.50
C LEU H 112 -20.92 4.80 1.26
N HIS H 113 -20.73 3.49 1.28
CA HIS H 113 -19.99 2.77 0.25
C HIS H 113 -20.92 2.39 -0.87
N CYS H 114 -20.40 2.45 -2.10
CA CYS H 114 -21.06 1.80 -3.21
C CYS H 114 -20.16 0.65 -3.63
N SER H 115 -20.46 -0.54 -3.13
CA SER H 115 -19.62 -1.70 -3.38
C SER H 115 -20.02 -2.37 -4.68
N VAL H 116 -19.03 -2.56 -5.54
CA VAL H 116 -19.24 -3.09 -6.88
C VAL H 116 -18.27 -4.24 -7.09
N THR H 117 -18.78 -5.46 -7.13
CA THR H 117 -17.92 -6.64 -7.07
C THR H 117 -18.23 -7.71 -8.12
N GLY H 118 -17.23 -8.52 -8.42
CA GLY H 118 -17.40 -9.70 -9.25
C GLY H 118 -17.48 -9.45 -10.74
N PHE H 119 -17.02 -8.30 -11.19
CA PHE H 119 -17.19 -7.90 -12.58
C PHE H 119 -15.93 -8.05 -13.44
N TYR H 120 -16.13 -8.17 -14.75
CA TYR H 120 -15.02 -8.24 -15.70
C TYR H 120 -15.56 -7.83 -17.06
N PRO H 121 -14.78 -7.05 -17.83
CA PRO H 121 -13.43 -6.53 -17.59
C PRO H 121 -13.36 -5.43 -16.53
N GLY H 122 -12.16 -4.95 -16.23
CA GLY H 122 -11.95 -4.04 -15.11
C GLY H 122 -12.31 -2.58 -15.39
N ASP H 123 -12.49 -2.22 -16.65
CA ASP H 123 -12.91 -0.88 -17.00
C ASP H 123 -14.37 -0.65 -16.63
N ILE H 124 -14.61 0.33 -15.76
CA ILE H 124 -15.96 0.57 -15.26
C ILE H 124 -16.19 2.04 -14.91
N LYS H 125 -17.46 2.45 -14.98
CA LYS H 125 -17.86 3.83 -14.70
C LYS H 125 -18.86 3.89 -13.55
N ILE H 126 -18.50 4.60 -12.48
CA ILE H 126 -19.33 4.67 -11.28
C ILE H 126 -19.54 6.11 -10.81
N LYS H 127 -20.78 6.46 -10.48
CA LYS H 127 -21.11 7.82 -10.08
C LYS H 127 -22.10 7.89 -8.92
N TRP H 128 -22.06 8.99 -8.18
CA TRP H 128 -22.99 9.24 -7.07
C TRP H 128 -23.97 10.34 -7.43
N PHE H 129 -25.21 10.20 -6.95
CA PHE H 129 -26.25 11.20 -7.19
C PHE H 129 -27.00 11.48 -5.90
N LEU H 130 -27.28 12.75 -5.63
CA LEU H 130 -28.06 13.13 -4.47
C LEU H 130 -29.29 13.89 -4.94
N ASN H 131 -30.46 13.31 -4.70
CA ASN H 131 -31.71 13.89 -5.20
C ASN H 131 -31.56 14.30 -6.67
N GLY H 132 -31.03 13.38 -7.48
CA GLY H 132 -30.97 13.58 -8.92
C GLY H 132 -29.78 14.35 -9.44
N GLN H 133 -29.00 14.96 -8.55
CA GLN H 133 -27.81 15.70 -8.95
C GLN H 133 -26.52 14.91 -8.76
N GLU H 134 -25.79 14.69 -9.86
CA GLU H 134 -24.57 13.91 -9.81
C GLU H 134 -23.56 14.61 -8.90
N GLU H 135 -23.39 14.08 -7.70
CA GLU H 135 -22.49 14.69 -6.73
C GLU H 135 -21.04 14.28 -6.96
N ARG H 136 -20.26 15.19 -7.53
CA ARG H 136 -18.82 14.98 -7.63
C ARG H 136 -18.12 15.96 -6.71
N ALA H 137 -17.47 15.41 -5.68
CA ALA H 137 -16.84 16.17 -4.61
C ALA H 137 -17.08 15.38 -3.33
N GLY H 138 -15.99 15.00 -2.67
CA GLY H 138 -16.10 14.13 -1.51
C GLY H 138 -16.31 12.70 -1.95
N VAL H 139 -15.85 12.39 -3.16
CA VAL H 139 -15.99 11.05 -3.72
C VAL H 139 -14.61 10.42 -3.78
N MET H 140 -14.50 9.20 -3.26
CA MET H 140 -13.21 8.53 -3.15
C MET H 140 -13.31 7.10 -3.67
N SER H 141 -12.44 6.75 -4.61
CA SER H 141 -12.41 5.41 -5.16
C SER H 141 -11.22 4.63 -4.62
N THR H 142 -11.25 3.31 -4.80
CA THR H 142 -10.11 2.46 -4.52
C THR H 142 -9.47 2.05 -5.84
N GLY H 143 -10.14 2.36 -6.95
CA GLY H 143 -9.73 1.90 -8.25
C GLY H 143 -10.04 0.43 -8.42
N PRO H 144 -9.92 -0.08 -9.65
CA PRO H 144 -10.18 -1.51 -9.88
C PRO H 144 -9.20 -2.38 -9.12
N ILE H 145 -9.70 -3.45 -8.49
CA ILE H 145 -8.85 -4.37 -7.75
C ILE H 145 -9.00 -5.78 -8.30
N ARG H 146 -7.86 -6.38 -8.67
CA ARG H 146 -7.87 -7.73 -9.21
C ARG H 146 -8.03 -8.74 -8.10
N ASN H 147 -8.95 -9.69 -8.29
CA ASN H 147 -9.19 -10.73 -7.31
C ASN H 147 -8.33 -11.95 -7.62
N GLY H 148 -7.74 -11.96 -8.81
CA GLY H 148 -6.85 -13.04 -9.22
C GLY H 148 -7.62 -14.18 -9.87
N ASP H 149 -8.90 -13.96 -10.14
CA ASP H 149 -9.77 -15.01 -10.65
C ASP H 149 -10.63 -14.47 -11.79
N TRP H 150 -10.04 -13.55 -12.57
CA TRP H 150 -10.72 -12.96 -13.71
C TRP H 150 -11.97 -12.18 -13.31
N THR H 151 -11.95 -11.58 -12.12
CA THR H 151 -12.97 -10.62 -11.73
C THR H 151 -12.34 -9.45 -10.99
N PHE H 152 -12.93 -8.26 -11.14
CA PHE H 152 -12.49 -7.07 -10.44
C PHE H 152 -13.47 -6.67 -9.34
N GLN H 153 -13.04 -5.77 -8.47
CA GLN H 153 -13.93 -5.17 -7.48
C GLN H 153 -13.41 -3.79 -7.11
N THR H 154 -14.32 -2.86 -6.90
CA THR H 154 -13.96 -1.51 -6.45
C THR H 154 -15.04 -0.98 -5.52
N VAL H 155 -14.68 -0.02 -4.69
CA VAL H 155 -15.63 0.62 -3.80
C VAL H 155 -15.45 2.13 -3.88
N VAL H 156 -16.56 2.83 -4.09
CA VAL H 156 -16.53 4.29 -4.18
C VAL H 156 -17.32 4.87 -3.03
N MET H 157 -16.62 5.59 -2.15
CA MET H 157 -17.22 6.12 -0.93
C MET H 157 -17.57 7.59 -1.11
N LEU H 158 -18.72 7.99 -0.57
CA LEU H 158 -19.17 9.37 -0.65
C LEU H 158 -19.29 9.94 0.75
N GLU H 159 -18.71 11.12 0.95
CA GLU H 159 -18.81 11.80 2.23
C GLU H 159 -20.15 12.51 2.30
N MET H 160 -20.88 12.31 3.40
CA MET H 160 -22.18 12.94 3.58
C MET H 160 -22.65 12.86 5.02
N THR H 161 -23.58 13.74 5.37
CA THR H 161 -24.30 13.65 6.63
C THR H 161 -25.71 13.17 6.32
N PRO H 162 -26.20 12.15 7.04
CA PRO H 162 -27.53 11.62 6.71
C PRO H 162 -28.63 12.57 7.12
N GLU H 163 -29.11 13.39 6.18
CA GLU H 163 -30.24 14.27 6.43
C GLU H 163 -31.49 13.70 5.77
N LEU H 164 -32.64 13.92 6.40
CA LEU H 164 -33.89 13.37 5.92
C LEU H 164 -34.36 14.08 4.66
N GLY H 165 -35.00 13.34 3.76
CA GLY H 165 -35.45 13.89 2.50
C GLY H 165 -34.39 13.78 1.42
N HIS H 166 -33.29 13.11 1.76
CA HIS H 166 -32.20 12.88 0.81
C HIS H 166 -32.11 11.42 0.43
N VAL H 167 -32.14 11.15 -0.87
CA VAL H 167 -31.94 9.80 -1.37
C VAL H 167 -30.69 9.77 -2.24
N TYR H 168 -29.76 8.89 -1.87
CA TYR H 168 -28.50 8.80 -2.58
C TYR H 168 -28.59 7.66 -3.57
N THR H 169 -28.17 7.90 -4.80
CA THR H 169 -28.24 6.88 -5.84
C THR H 169 -26.87 6.66 -6.46
N CYS H 170 -26.42 5.41 -6.43
CA CYS H 170 -25.18 5.03 -7.09
C CYS H 170 -25.48 4.49 -8.48
N LEU H 171 -24.81 5.03 -9.49
CA LEU H 171 -25.07 4.64 -10.88
C LEU H 171 -23.86 3.92 -11.47
N VAL H 172 -24.02 2.62 -11.72
CA VAL H 172 -22.93 1.79 -12.22
C VAL H 172 -23.16 1.46 -13.68
N ASP H 173 -22.15 1.72 -14.50
CA ASP H 173 -22.22 1.44 -15.93
C ASP H 173 -21.05 0.55 -16.32
N HIS H 174 -21.31 -0.45 -17.14
CA HIS H 174 -20.29 -1.45 -17.44
C HIS H 174 -20.58 -2.19 -18.74
N SER H 175 -19.51 -2.64 -19.40
CA SER H 175 -19.63 -3.32 -20.69
C SER H 175 -20.54 -4.54 -20.64
N SER H 176 -20.55 -5.22 -19.50
CA SER H 176 -21.35 -6.44 -19.35
C SER H 176 -22.84 -6.13 -19.28
N LEU H 177 -23.17 -4.90 -18.95
CA LEU H 177 -24.57 -4.49 -18.77
C LEU H 177 -25.12 -3.87 -20.04
N LEU H 178 -26.36 -4.22 -20.37
CA LEU H 178 -27.04 -3.65 -21.52
C LEU H 178 -27.75 -2.36 -21.12
N SER H 179 -27.68 -2.03 -19.84
CA SER H 179 -28.31 -0.82 -19.31
C SER H 179 -27.78 -0.57 -17.90
N PRO H 180 -27.36 0.67 -17.62
CA PRO H 180 -26.73 0.99 -16.34
C PRO H 180 -27.55 0.54 -15.13
N VAL H 181 -26.85 0.23 -14.04
CA VAL H 181 -27.47 -0.25 -12.82
C VAL H 181 -27.44 0.84 -11.75
N SER H 182 -28.57 1.05 -11.09
CA SER H 182 -28.63 2.01 -9.99
C SER H 182 -29.16 1.36 -8.72
N VAL H 183 -28.54 1.72 -7.60
CA VAL H 183 -29.02 1.31 -6.28
C VAL H 183 -29.14 2.56 -5.43
N GLU H 184 -30.09 2.57 -4.50
CA GLU H 184 -30.39 3.78 -3.73
C GLU H 184 -30.15 3.56 -2.25
N TRP H 185 -29.98 4.65 -1.51
CA TRP H 185 -29.92 4.58 -0.06
C TRP H 185 -30.85 5.59 0.61
N ARG H 186 -31.28 5.22 1.82
CA ARG H 186 -32.49 5.76 2.42
C ARG H 186 -32.30 7.10 3.13
N ALA H 187 -31.75 7.02 4.34
CA ALA H 187 -31.95 8.03 5.38
C ALA H 187 -33.33 7.77 5.96
N GLN H 188 -33.38 7.10 7.10
CA GLN H 188 -34.63 6.63 7.68
C GLN H 188 -34.99 7.27 9.02
N SER H 189 -36.15 6.89 9.54
CA SER H 189 -36.68 7.45 10.76
C SER H 189 -37.56 6.42 11.46
C1 NAG I . 35.36 32.84 31.24
C2 NAG I . 35.91 31.51 31.73
C3 NAG I . 37.42 31.41 31.58
C4 NAG I . 37.80 31.76 30.15
C5 NAG I . 37.24 33.12 29.77
C6 NAG I . 37.55 33.43 28.31
C7 NAG I . 34.54 30.47 33.44
C8 NAG I . 34.27 30.28 34.91
N2 NAG I . 35.52 31.29 33.12
O3 NAG I . 37.85 30.11 31.90
O4 NAG I . 39.21 31.75 30.02
O5 NAG I . 35.84 33.16 29.95
O6 NAG I . 36.67 32.70 27.49
O7 NAG I . 33.85 29.87 32.60
C1 NAG J . -2.14 21.43 -10.19
C2 NAG J . -2.22 20.81 -11.58
C3 NAG J . -2.19 21.87 -12.66
C4 NAG J . -3.14 23.01 -12.35
C5 NAG J . -3.18 23.44 -10.88
C6 NAG J . -4.43 24.28 -10.64
C7 NAG J . -1.36 18.57 -12.01
C8 NAG J . -0.15 17.72 -12.20
N2 NAG J . -1.14 19.87 -11.78
O3 NAG J . -2.55 21.29 -13.90
O4 NAG J . -2.72 24.12 -13.10
O5 NAG J . -3.21 22.34 -10.00
O6 NAG J . -5.55 23.43 -10.54
O7 NAG J . -2.49 18.09 -12.08
C1 NAG K . 36.16 -1.11 13.04
C2 NAG K . 37.09 -2.25 12.61
C3 NAG K . 38.31 -2.41 13.50
C4 NAG K . 38.81 -1.10 14.13
C5 NAG K . 37.76 -0.02 14.32
C6 NAG K . 38.47 1.32 14.48
C7 NAG K . 35.91 -4.06 11.50
C8 NAG K . 35.05 -5.27 11.63
N2 NAG K . 36.33 -3.49 12.61
O3 NAG K . 39.37 -2.95 12.74
O4 NAG K . 39.30 -1.41 15.41
O5 NAG K . 36.88 0.08 13.23
O6 NAG K . 38.78 1.87 13.23
O7 NAG K . 36.21 -3.63 10.38
C1 GOL L . 9.95 -8.03 30.92
O1 GOL L . 11.10 -8.77 31.28
C2 GOL L . 8.74 -8.56 31.69
O2 GOL L . 9.07 -8.77 33.04
C3 GOL L . 7.59 -7.57 31.60
O3 GOL L . 6.48 -8.07 32.31
C1 NAG M . -29.43 -32.15 -36.57
C2 NAG M . -29.94 -30.82 -37.15
C3 NAG M . -29.80 -30.76 -38.67
C4 NAG M . -28.37 -31.11 -39.04
C5 NAG M . -28.04 -32.49 -38.50
C6 NAG M . -26.63 -32.92 -38.88
C7 NAG M . -31.65 -29.52 -36.02
C8 NAG M . -33.12 -29.27 -35.82
N2 NAG M . -31.31 -30.58 -36.75
O3 NAG M . -30.12 -29.47 -39.12
O4 NAG M . -28.22 -31.11 -40.45
O5 NAG M . -28.16 -32.50 -37.08
O6 NAG M . -25.68 -32.09 -38.27
O7 NAG M . -30.82 -28.77 -35.50
C1 GOL N . -5.55 -54.15 -27.14
O1 GOL N . -6.88 -53.93 -27.54
C2 GOL N . -4.59 -53.69 -28.22
O2 GOL N . -5.24 -52.75 -29.02
C3 GOL N . -3.34 -53.05 -27.62
O3 GOL N . -2.61 -52.38 -28.62
C1 NAG O . 34.54 -11.64 -8.85
C2 NAG O . 35.34 -10.39 -8.46
C3 NAG O . 36.83 -10.62 -8.24
C4 NAG O . 37.12 -11.95 -7.56
C5 NAG O . 36.29 -13.08 -8.18
C6 NAG O . 36.62 -14.40 -7.50
C7 NAG O . 35.08 -8.11 -9.25
C8 NAG O . 34.72 -7.20 -10.39
N2 NAG O . 35.21 -9.39 -9.52
O3 NAG O . 37.30 -9.59 -7.40
O4 NAG O . 38.49 -12.23 -7.68
O5 NAG O . 34.90 -12.79 -8.10
O6 NAG O . 35.67 -15.38 -7.88
O7 NAG O . 35.24 -7.64 -8.12
C1 NAG P . 8.59 -21.93 4.96
C2 NAG P . 9.96 -21.30 5.21
C3 NAG P . 11.00 -22.32 5.66
C4 NAG P . 10.47 -23.16 6.80
C5 NAG P . 9.13 -23.76 6.43
C6 NAG P . 8.55 -24.52 7.63
C7 NAG P . 10.43 -19.30 3.92
C8 NAG P . 11.03 -18.74 2.66
N2 NAG P . 10.42 -20.63 4.01
O3 NAG P . 12.16 -21.63 6.06
O4 NAG P . 11.40 -24.17 7.11
O5 NAG P . 8.20 -22.78 6.03
O6 NAG P . 8.27 -23.61 8.68
O7 NAG P . 10.00 -18.56 4.79
C1 NAG Q . -8.59 -0.89 -37.44
C2 NAG Q . -8.89 0.53 -37.95
C3 NAG Q . -10.01 0.54 -38.98
C4 NAG Q . -9.87 -0.58 -40.01
C5 NAG Q . -9.43 -1.91 -39.39
C6 NAG Q . -9.05 -2.90 -40.49
C7 NAG Q . -8.75 2.60 -36.70
C8 NAG Q . -9.40 3.47 -35.66
N2 NAG Q . -9.27 1.39 -36.85
O3 NAG Q . -10.02 1.80 -39.63
O4 NAG Q . -11.13 -0.83 -40.58
O5 NAG Q . -8.34 -1.77 -38.50
O6 NAG Q . -7.94 -2.48 -41.26
O7 NAG Q . -7.79 3.01 -37.35
C1 PGE R . 24.52 -2.33 -26.20
O1 PGE R . 25.83 -2.73 -26.51
C2 PGE R . 24.30 -2.65 -24.69
O2 PGE R . 24.95 -1.63 -23.98
C3 PGE R . 24.73 -1.68 -22.58
C4 PGE R . 26.07 -2.09 -21.93
O4 PGE R . 29.97 -1.92 -23.12
C6 PGE R . 29.37 -0.78 -22.56
C5 PGE R . 28.27 -1.29 -21.63
O3 PGE R . 27.06 -1.16 -22.32
C ACT S . -14.27 4.39 -11.10
O ACT S . -14.08 4.71 -12.30
OXT ACT S . -15.15 5.04 -10.50
CH3 ACT S . -13.48 3.30 -10.43
C1 GOL T . -11.36 -17.68 -6.25
O1 GOL T . -12.64 -17.16 -5.93
C2 GOL T . -11.52 -18.98 -7.03
O2 GOL T . -11.59 -18.70 -8.42
C3 GOL T . -10.35 -19.92 -6.74
O3 GOL T . -10.53 -21.12 -7.46
#